data_8ETO
#
_entry.id   8ETO
#
_cell.length_a   136.248
_cell.length_b   179.088
_cell.length_c   180.444
_cell.angle_alpha   90.000
_cell.angle_beta   90.000
_cell.angle_gamma   90.000
#
_symmetry.space_group_name_H-M   'I 2 2 2'
#
loop_
_entity.id
_entity.type
_entity.pdbx_description
1 polymer 'Chaetomium alpha glucosidase'
2 non-polymer (1S,2S,3R,4S,5S)-1-(hydroxymethyl)-5-{[(5Z)-6-{[2-nitro-4-(2H-1,2,3-triazol-2-yl)phenyl]amino}hex-5-en-1-yl]amino}cyclohexane-1,2,3,4-tetrol
3 non-polymer GLYCEROL
4 non-polymer 2-acetamido-2-deoxy-beta-D-glucopyranose
5 non-polymer 'SULFATE ION'
6 non-polymer 2-[BIS-(2-HYDROXY-ETHYL)-AMINO]-2-HYDROXYMETHYL-PROPANE-1,3-DIOL
7 water water
#
_entity_poly.entity_id   1
_entity_poly.type   'polypeptide(L)'
_entity_poly.pdbx_seq_one_letter_code
;MGILPSPGMPALLSLVSLLSVLLMGCVAETGVEGESILHSEIGRLNNQSLLWGPYRPNIYFGTRPRIGKSLMTGLMWGKI
ESYTDFQHTVRYTCEQNEGMKGYGWDEYDPRRGGIQSIHDIQNGLDITTSFVKIPGGAHGGSWAARIKGTLNDDAPKDQK
TIVVFYVSQEGENSELEAVPSENEFGYEGDVILKGRSEALGNYKLVVTKGKGVIPQSDHDLSRLRGPGQTVVQSLTYPDE
VLWQAKPILFQQLKAGIDWLVENKYDVADPPPPWQVYLLANKPGSGNVHIVQKVFEGDFEFDILFSSESAGKEVTSKDLE
REVKQATEVFGERFARVFDLKAPFQGDNYKKFGKSMFSNLIGGIGYFYGHSLVDRSYAPEYDEENEGFWEDAAEARARHQ
EALEGPYELFTSIPSRPFFPRGFLWDEGFHLLPIADWDIDLALEIIKSWYNLMDEDGWIAREQILGAEARSKVPKEFQTQ
YPHYANPPTLFLVLDNFVERLRKNNASQPVVKDNLSLDETLSTASVDNPEVGLEYLRRLYPLLRRQFDWFRKTQAGDIKS
YDREAYSTKEAYRWRGRTVSHCLTSGLDDYPRPQPPHPGELHVDLMSWVGVMVKSLISIGSLLGATEDVEFYTKVLDAIE
HNLDDLHWSEKEGCYCDATIDEFEEHKLVCHKGYISLFPFLTGLLKPDSPKLGKLLALIGDESELWSPYGLRSLSKKDEF
YGTAENYWRSPVWININYLAIVQLYNIATQDGPYKETARDLYTRLRKNIVETVYRNWEETGFAWEQYNPETGKGQRTQHF
TGWTSLVVKIMSGHHHHHH
;
_entity_poly.pdbx_strand_id   A,B
#
loop_
_chem_comp.id
_chem_comp.type
_chem_comp.name
_chem_comp.formula
BTB non-polymer 2-[BIS-(2-HYDROXY-ETHYL)-AMINO]-2-HYDROXYMETHYL-PROPANE-1,3-DIOL 'C8 H19 N O5'
GOL non-polymer GLYCEROL 'C3 H8 O3'
NAG D-saccharide, beta linking 2-acetamido-2-deoxy-beta-D-glucopyranose 'C8 H15 N O6'
SO4 non-polymer 'SULFATE ION' 'O4 S -2'
W9V non-polymer (1S,2S,3R,4S,5S)-1-(hydroxymethyl)-5-{[(5Z)-6-{[2-nitro-4-(2H-1,2,3-triazol-2-yl)phenyl]amino}hex-5-en-1-yl]amino}cyclohexane-1,2,3,4-tetrol 'C21 H32 N6 O7'
#
# COMPACT_ATOMS: atom_id res chain seq x y z
N LEU A 38 9.60 -0.59 33.83
CA LEU A 38 10.71 -1.62 33.81
C LEU A 38 10.82 -2.30 32.44
N HIS A 39 9.67 -2.66 31.86
CA HIS A 39 9.61 -3.18 30.51
C HIS A 39 10.31 -2.23 29.54
N SER A 40 10.01 -0.93 29.68
CA SER A 40 10.57 0.14 28.85
C SER A 40 12.09 0.20 29.03
N GLU A 41 12.54 -0.07 30.25
CA GLU A 41 13.93 0.07 30.63
C GLU A 41 14.76 -1.04 30.00
N ILE A 42 14.22 -2.27 30.09
CA ILE A 42 14.84 -3.45 29.48
C ILE A 42 14.90 -3.24 27.96
N GLY A 43 13.77 -2.80 27.40
CA GLY A 43 13.64 -2.40 26.00
C GLY A 43 14.79 -1.52 25.50
N ARG A 44 15.18 -0.51 26.30
CA ARG A 44 16.20 0.43 25.86
C ARG A 44 17.57 -0.24 25.95
N LEU A 45 17.76 -1.09 26.97
CA LEU A 45 19.03 -1.76 27.18
C LEU A 45 19.23 -2.80 26.07
N ASN A 46 18.14 -3.48 25.69
CA ASN A 46 18.15 -4.40 24.57
C ASN A 46 18.52 -3.68 23.26
N ASN A 47 17.88 -2.51 23.02
CA ASN A 47 18.08 -1.70 21.83
C ASN A 47 19.57 -1.37 21.72
N GLN A 48 20.20 -1.02 22.84
CA GLN A 48 21.57 -0.52 22.86
C GLN A 48 22.52 -1.70 22.72
N SER A 49 22.08 -2.86 23.24
CA SER A 49 22.89 -4.06 23.15
C SER A 49 22.96 -4.53 21.69
N LEU A 50 21.81 -4.54 20.97
CA LEU A 50 21.72 -5.16 19.67
C LEU A 50 22.03 -4.18 18.53
N LEU A 51 22.36 -2.92 18.84
CA LEU A 51 22.35 -1.91 17.79
C LEU A 51 23.32 -2.22 16.63
N TRP A 52 24.59 -2.53 16.96
CA TRP A 52 25.65 -2.76 15.99
C TRP A 52 25.83 -4.26 15.75
N GLY A 53 26.18 -4.60 14.51
CA GLY A 53 26.40 -5.99 14.17
C GLY A 53 27.02 -6.12 12.80
N PRO A 54 27.48 -7.33 12.42
CA PRO A 54 27.85 -7.58 11.03
C PRO A 54 26.55 -7.96 10.34
N TYR A 55 25.61 -7.01 10.30
CA TYR A 55 24.22 -7.29 9.95
C TYR A 55 24.00 -7.17 8.44
N ARG A 56 25.04 -7.47 7.64
CA ARG A 56 24.89 -7.52 6.19
C ARG A 56 25.27 -8.91 5.70
N PRO A 57 24.45 -9.92 6.03
CA PRO A 57 24.80 -11.30 5.72
C PRO A 57 24.92 -11.61 4.23
N ASN A 58 24.50 -10.67 3.37
CA ASN A 58 24.56 -10.86 1.92
C ASN A 58 25.99 -10.61 1.48
N ILE A 59 26.83 -10.03 2.36
CA ILE A 59 28.20 -9.91 1.91
C ILE A 59 29.13 -10.73 2.82
N TYR A 60 30.37 -11.00 2.34
CA TYR A 60 31.31 -11.80 3.13
C TYR A 60 31.50 -11.16 4.48
N PHE A 61 31.87 -9.88 4.48
CA PHE A 61 32.03 -9.19 5.74
C PHE A 61 31.73 -7.68 5.62
N GLY A 62 30.82 -7.20 6.46
CA GLY A 62 30.38 -5.81 6.50
C GLY A 62 29.64 -5.52 7.80
N THR A 63 29.59 -4.25 8.19
CA THR A 63 28.82 -3.86 9.37
C THR A 63 27.80 -2.80 8.98
N ARG A 64 26.64 -2.86 9.65
CA ARG A 64 25.68 -1.77 9.72
C ARG A 64 24.97 -1.83 11.07
N PRO A 65 24.46 -0.69 11.58
CA PRO A 65 23.62 -0.67 12.77
C PRO A 65 22.15 -0.83 12.43
N ARG A 66 21.29 -1.10 13.42
CA ARG A 66 19.88 -1.23 13.13
C ARG A 66 19.29 0.17 12.97
N ILE A 67 19.74 0.88 11.93
CA ILE A 67 19.25 2.20 11.58
C ILE A 67 19.17 2.26 10.06
N GLY A 68 18.00 2.60 9.52
CA GLY A 68 17.78 2.57 8.09
C GLY A 68 18.82 3.36 7.27
N LYS A 69 19.11 4.59 7.68
CA LYS A 69 19.94 5.48 6.88
C LYS A 69 21.13 5.90 7.74
N SER A 70 22.27 5.22 7.56
CA SER A 70 23.35 5.33 8.52
C SER A 70 24.71 4.91 7.92
N LEU A 71 25.65 4.51 8.79
CA LEU A 71 27.01 4.18 8.40
C LEU A 71 27.09 2.68 8.09
N MET A 72 27.58 2.32 6.90
CA MET A 72 27.79 0.93 6.50
C MET A 72 29.23 0.73 6.00
N THR A 73 29.77 -0.45 6.29
CA THR A 73 31.10 -0.86 5.89
C THR A 73 31.04 -2.20 5.14
N GLY A 74 32.03 -2.45 4.29
CA GLY A 74 32.10 -3.68 3.53
C GLY A 74 33.55 -3.99 3.16
N LEU A 75 33.87 -5.28 3.09
CA LEU A 75 35.23 -5.70 2.80
C LEU A 75 35.27 -6.30 1.39
N MET A 76 36.30 -5.93 0.60
CA MET A 76 36.57 -6.61 -0.65
C MET A 76 38.04 -7.03 -0.73
N TRP A 77 38.33 -8.08 -1.49
CA TRP A 77 39.70 -8.55 -1.67
C TRP A 77 39.75 -9.32 -2.99
N GLY A 78 40.93 -9.31 -3.63
CA GLY A 78 41.17 -10.26 -4.70
C GLY A 78 42.62 -10.26 -5.17
N LYS A 79 43.13 -11.40 -5.65
CA LYS A 79 44.51 -11.42 -6.13
C LYS A 79 44.57 -10.62 -7.42
N ILE A 80 45.75 -10.08 -7.73
CA ILE A 80 46.04 -9.41 -9.01
C ILE A 80 47.33 -9.99 -9.61
N GLU A 81 47.18 -10.73 -10.72
CA GLU A 81 48.27 -11.44 -11.37
C GLU A 81 48.49 -10.84 -12.76
N SER A 82 47.45 -10.19 -13.30
CA SER A 82 47.49 -9.68 -14.66
C SER A 82 46.88 -8.29 -14.70
N TYR A 83 46.75 -7.76 -15.94
CA TYR A 83 46.17 -6.45 -16.17
C TYR A 83 44.65 -6.56 -16.18
N THR A 84 44.12 -7.79 -16.20
CA THR A 84 42.69 -7.90 -16.49
C THR A 84 41.97 -8.84 -15.53
N ASP A 85 42.69 -9.38 -14.54
CA ASP A 85 42.17 -10.48 -13.72
C ASP A 85 41.37 -9.95 -12.50
N PHE A 86 41.79 -8.81 -11.93
CA PHE A 86 41.22 -8.34 -10.66
C PHE A 86 39.70 -8.23 -10.73
N GLN A 87 39.16 -7.78 -11.88
CA GLN A 87 37.72 -7.63 -12.00
C GLN A 87 37.01 -8.97 -11.86
N HIS A 88 37.68 -10.09 -12.15
CA HIS A 88 37.09 -11.41 -12.03
C HIS A 88 37.42 -12.04 -10.68
N THR A 89 38.44 -11.55 -10.01
CA THR A 89 38.85 -12.24 -8.81
C THR A 89 38.22 -11.59 -7.58
N VAL A 90 37.92 -10.28 -7.66
CA VAL A 90 37.46 -9.52 -6.50
C VAL A 90 36.20 -10.14 -5.89
N ARG A 91 36.12 -10.15 -4.55
CA ARG A 91 35.06 -10.79 -3.82
C ARG A 91 34.33 -9.70 -3.05
N TYR A 92 32.98 -9.83 -2.97
CA TYR A 92 32.19 -8.90 -2.17
C TYR A 92 30.87 -9.53 -1.70
N THR A 93 29.92 -9.73 -2.61
CA THR A 93 28.68 -10.36 -2.19
C THR A 93 28.91 -11.86 -2.09
N CYS A 94 28.16 -12.55 -1.22
CA CYS A 94 28.36 -13.98 -1.03
C CYS A 94 27.92 -14.75 -2.26
N GLU A 95 28.75 -15.76 -2.64
CA GLU A 95 28.37 -16.74 -3.66
C GLU A 95 28.81 -18.12 -3.21
N GLN A 96 28.46 -19.12 -4.02
CA GLN A 96 28.97 -20.46 -3.78
C GLN A 96 29.16 -21.12 -5.14
N ASN A 97 30.43 -21.31 -5.54
CA ASN A 97 30.86 -21.98 -6.78
C ASN A 97 32.16 -22.73 -6.50
N GLU A 98 32.79 -23.28 -7.54
CA GLU A 98 33.96 -24.17 -7.42
C GLU A 98 35.18 -23.41 -6.87
N GLY A 99 35.23 -22.09 -7.09
CA GLY A 99 36.36 -21.24 -6.70
C GLY A 99 36.35 -20.87 -5.22
N MET A 100 35.28 -21.25 -4.50
CA MET A 100 35.19 -20.98 -3.08
C MET A 100 35.00 -22.30 -2.33
N LYS A 101 35.95 -22.63 -1.45
CA LYS A 101 35.82 -23.87 -0.72
C LYS A 101 34.65 -23.81 0.27
N GLY A 102 34.60 -22.74 1.05
CA GLY A 102 33.66 -22.67 2.14
C GLY A 102 33.85 -21.36 2.90
N TYR A 103 32.86 -21.03 3.74
CA TYR A 103 32.96 -19.88 4.62
C TYR A 103 31.81 -19.98 5.59
N GLY A 104 31.94 -19.24 6.70
CA GLY A 104 30.94 -19.27 7.76
C GLY A 104 31.51 -18.85 9.11
N TRP A 105 30.63 -18.73 10.11
CA TRP A 105 31.01 -18.26 11.44
C TRP A 105 31.38 -19.46 12.27
N ASP A 106 32.55 -19.40 12.90
CA ASP A 106 32.95 -20.47 13.81
C ASP A 106 32.28 -20.26 15.16
N GLU A 107 32.17 -18.99 15.56
CA GLU A 107 31.49 -18.61 16.78
C GLU A 107 30.75 -17.30 16.53
N TYR A 108 29.54 -17.18 17.07
CA TYR A 108 28.90 -15.88 16.96
C TYR A 108 27.80 -15.71 17.99
N ASP A 109 27.76 -14.49 18.55
CA ASP A 109 26.67 -14.01 19.40
C ASP A 109 26.44 -12.56 19.02
N PRO A 110 25.22 -12.16 18.63
CA PRO A 110 24.98 -10.81 18.13
C PRO A 110 25.28 -9.73 19.16
N ARG A 111 25.27 -10.09 20.46
CA ARG A 111 25.54 -9.10 21.50
C ARG A 111 27.04 -8.84 21.63
N ARG A 112 27.86 -9.85 21.34
CA ARG A 112 29.30 -9.83 21.64
C ARG A 112 30.16 -9.77 20.37
N GLY A 113 29.72 -10.48 19.32
CA GLY A 113 30.47 -10.60 18.07
C GLY A 113 30.88 -12.04 17.84
N GLY A 114 32.01 -12.23 17.13
CA GLY A 114 32.43 -13.59 16.80
C GLY A 114 33.56 -13.62 15.76
N ILE A 115 33.77 -14.81 15.18
CA ILE A 115 34.86 -15.06 14.25
C ILE A 115 34.31 -15.80 13.05
N GLN A 116 34.68 -15.32 11.86
CA GLN A 116 34.29 -15.94 10.60
C GLN A 116 35.55 -16.43 9.87
N SER A 117 35.39 -17.57 9.17
CA SER A 117 36.44 -18.19 8.37
C SER A 117 36.01 -18.27 6.90
N ILE A 118 36.87 -17.76 6.01
CA ILE A 118 36.59 -17.81 4.59
C ILE A 118 37.75 -18.53 3.90
N HIS A 119 37.39 -19.55 3.10
CA HIS A 119 38.38 -20.37 2.42
C HIS A 119 38.17 -20.21 0.93
N ASP A 120 39.06 -19.43 0.33
CA ASP A 120 38.96 -18.94 -1.03
C ASP A 120 40.02 -19.64 -1.87
N ILE A 121 39.59 -20.59 -2.70
CA ILE A 121 40.49 -21.30 -3.57
C ILE A 121 40.93 -20.35 -4.70
N GLN A 122 39.97 -19.70 -5.37
CA GLN A 122 40.33 -18.85 -6.48
C GLN A 122 41.45 -17.88 -6.09
N ASN A 123 41.33 -17.21 -4.94
CA ASN A 123 42.28 -16.18 -4.57
C ASN A 123 43.41 -16.71 -3.67
N GLY A 124 43.46 -18.04 -3.43
CA GLY A 124 44.52 -18.73 -2.70
C GLY A 124 44.66 -18.30 -1.24
N LEU A 125 43.53 -17.95 -0.61
CA LEU A 125 43.56 -17.25 0.67
C LEU A 125 42.62 -17.91 1.66
N ASP A 126 43.15 -18.10 2.88
CA ASP A 126 42.35 -18.34 4.08
C ASP A 126 42.21 -17.04 4.86
N ILE A 127 40.97 -16.59 5.05
CA ILE A 127 40.72 -15.30 5.65
C ILE A 127 39.94 -15.50 6.95
N THR A 128 40.28 -14.65 7.93
CA THR A 128 39.65 -14.61 9.22
C THR A 128 39.13 -13.19 9.42
N THR A 129 37.86 -13.06 9.84
CA THR A 129 37.34 -11.75 10.21
C THR A 129 36.78 -11.86 11.61
N SER A 130 37.37 -11.13 12.58
CA SER A 130 36.96 -11.21 13.97
C SER A 130 36.23 -9.91 14.21
N PHE A 131 35.04 -9.99 14.80
CA PHE A 131 34.28 -8.79 15.06
C PHE A 131 33.96 -8.78 16.56
N VAL A 132 34.07 -7.60 17.19
CA VAL A 132 33.83 -7.52 18.63
C VAL A 132 33.15 -6.21 19.00
N LYS A 133 32.15 -6.31 19.89
CA LYS A 133 31.44 -5.13 20.35
C LYS A 133 31.91 -4.68 21.74
N ILE A 134 32.16 -3.38 21.90
CA ILE A 134 32.54 -2.89 23.21
C ILE A 134 31.49 -1.88 23.67
N PRO A 135 30.60 -2.28 24.61
CA PRO A 135 29.53 -1.40 25.12
C PRO A 135 30.04 -0.10 25.77
N GLY A 136 29.20 0.93 25.78
CA GLY A 136 29.62 2.22 26.32
C GLY A 136 29.05 3.41 25.55
N GLY A 137 28.94 4.53 26.26
CA GLY A 137 28.37 5.77 25.75
C GLY A 137 26.87 5.65 25.48
N ALA A 138 26.33 6.48 24.59
CA ALA A 138 24.89 6.58 24.49
C ALA A 138 24.38 6.10 23.15
N HIS A 139 25.26 5.51 22.32
CA HIS A 139 25.01 5.49 20.89
C HIS A 139 25.15 4.10 20.30
N GLY A 140 25.13 3.09 21.15
CA GLY A 140 25.11 1.72 20.67
C GLY A 140 26.46 1.07 20.90
N GLY A 141 27.42 1.86 21.38
CA GLY A 141 28.70 1.31 21.79
C GLY A 141 29.72 1.41 20.66
N SER A 142 30.82 0.72 20.86
CA SER A 142 31.92 0.64 19.92
C SER A 142 32.02 -0.79 19.40
N TRP A 143 32.91 -0.98 18.40
CA TRP A 143 33.24 -2.27 17.82
C TRP A 143 34.61 -2.20 17.18
N ALA A 144 35.17 -3.36 16.89
CA ALA A 144 36.41 -3.47 16.15
C ALA A 144 36.39 -4.76 15.32
N ALA A 145 37.19 -4.79 14.25
CA ALA A 145 37.34 -6.03 13.53
C ALA A 145 38.80 -6.23 13.14
N ARG A 146 39.19 -7.49 13.06
CA ARG A 146 40.50 -7.87 12.58
C ARG A 146 40.28 -8.68 11.31
N ILE A 147 41.01 -8.30 10.25
CA ILE A 147 40.99 -9.01 8.99
C ILE A 147 42.37 -9.64 8.80
N LYS A 148 42.43 -10.96 8.68
CA LYS A 148 43.70 -11.67 8.59
C LYS A 148 43.66 -12.54 7.32
N GLY A 149 44.64 -12.34 6.42
CA GLY A 149 44.72 -13.24 5.26
C GLY A 149 45.99 -14.10 5.24
N THR A 150 45.79 -15.42 5.07
CA THR A 150 46.88 -16.38 5.01
C THR A 150 46.80 -17.09 3.66
N LEU A 151 47.83 -16.92 2.82
CA LEU A 151 47.92 -17.65 1.56
C LEU A 151 47.87 -19.13 1.90
N ASN A 152 47.21 -19.93 1.06
CA ASN A 152 47.20 -21.36 1.28
C ASN A 152 48.48 -21.95 0.67
N ASP A 153 48.61 -23.28 0.72
CA ASP A 153 49.82 -23.92 0.27
C ASP A 153 50.05 -23.69 -1.23
N ASP A 154 48.98 -23.56 -2.01
CA ASP A 154 49.08 -23.57 -3.47
C ASP A 154 49.39 -22.19 -4.05
N ALA A 155 49.24 -21.14 -3.23
CA ALA A 155 49.43 -19.79 -3.73
C ALA A 155 50.91 -19.49 -3.98
N PRO A 156 51.25 -18.70 -5.02
CA PRO A 156 52.59 -18.11 -5.11
C PRO A 156 52.88 -17.35 -3.83
N LYS A 157 54.07 -17.59 -3.23
CA LYS A 157 54.49 -16.98 -1.97
C LYS A 157 54.50 -15.45 -2.09
N ASP A 158 54.57 -14.98 -3.34
CA ASP A 158 54.70 -13.56 -3.59
C ASP A 158 53.43 -12.99 -4.22
N GLN A 159 52.31 -13.73 -4.15
CA GLN A 159 51.02 -13.21 -4.59
C GLN A 159 50.78 -11.78 -4.11
N LYS A 160 50.28 -10.98 -5.06
CA LYS A 160 49.76 -9.65 -4.75
C LYS A 160 48.24 -9.72 -4.59
N THR A 161 47.78 -9.23 -3.42
CA THR A 161 46.37 -9.21 -3.07
C THR A 161 45.94 -7.78 -2.76
N ILE A 162 44.88 -7.33 -3.46
CA ILE A 162 44.25 -6.04 -3.18
C ILE A 162 43.17 -6.22 -2.13
N VAL A 163 43.20 -5.34 -1.12
CA VAL A 163 42.17 -5.32 -0.09
C VAL A 163 41.58 -3.91 0.00
N VAL A 164 40.26 -3.85 0.05
CA VAL A 164 39.54 -2.60 0.13
C VAL A 164 38.57 -2.70 1.30
N PHE A 165 38.60 -1.64 2.10
CA PHE A 165 37.54 -1.40 3.05
C PHE A 165 36.74 -0.21 2.55
N TYR A 166 35.43 -0.43 2.37
CA TYR A 166 34.55 0.55 1.75
C TYR A 166 33.54 1.00 2.79
N VAL A 167 33.40 2.32 2.92
CA VAL A 167 32.62 2.90 3.99
C VAL A 167 31.69 3.91 3.33
N SER A 168 30.38 3.79 3.60
CA SER A 168 29.39 4.76 3.12
C SER A 168 28.60 5.28 4.30
N GLN A 169 28.00 6.47 4.14
CA GLN A 169 27.07 7.02 5.12
C GLN A 169 25.90 7.73 4.42
N GLU A 170 24.68 7.24 4.68
CA GLU A 170 23.45 7.88 4.24
C GLU A 170 22.87 8.74 5.37
N GLY A 171 22.18 9.83 4.96
CA GLY A 171 21.57 10.77 5.89
C GLY A 171 21.80 12.23 5.46
N GLU A 172 20.80 13.08 5.67
CA GLU A 172 20.76 14.43 5.11
C GLU A 172 21.79 15.37 5.78
N ASN A 173 22.04 15.16 7.08
CA ASN A 173 22.75 16.11 7.93
C ASN A 173 24.05 15.54 8.48
N SER A 174 24.49 14.38 7.98
CA SER A 174 25.60 13.71 8.63
C SER A 174 26.90 13.98 7.89
N GLU A 175 28.03 13.79 8.57
CA GLU A 175 29.29 14.18 7.96
C GLU A 175 30.31 13.07 8.22
N LEU A 176 31.31 12.98 7.31
CA LEU A 176 32.34 11.95 7.41
C LEU A 176 33.55 12.41 6.60
N GLU A 177 34.72 12.43 7.23
CA GLU A 177 35.90 13.02 6.64
C GLU A 177 37.14 12.17 6.96
N ALA A 178 37.99 12.01 5.94
CA ALA A 178 39.29 11.36 6.10
C ALA A 178 40.34 12.40 6.48
N VAL A 179 41.00 12.21 7.61
CA VAL A 179 42.11 13.08 7.94
C VAL A 179 43.21 12.82 6.91
N PRO A 180 43.72 13.86 6.20
CA PRO A 180 44.80 13.66 5.23
C PRO A 180 46.11 13.20 5.87
N SER A 181 46.95 12.49 5.09
CA SER A 181 48.23 11.96 5.53
C SER A 181 49.29 13.07 5.47
N GLU A 182 50.40 12.90 6.22
CA GLU A 182 51.58 13.75 6.08
C GLU A 182 52.16 13.55 4.68
N ASN A 183 52.16 12.29 4.20
CA ASN A 183 52.90 11.94 3.01
C ASN A 183 52.13 12.37 1.76
N GLU A 184 52.86 12.59 0.67
CA GLU A 184 52.26 13.16 -0.54
C GLU A 184 51.21 12.21 -1.15
N PHE A 185 51.48 10.89 -1.10
CA PHE A 185 50.87 9.95 -2.03
C PHE A 185 49.97 8.95 -1.33
N GLY A 186 49.80 9.09 0.00
CA GLY A 186 49.08 8.12 0.81
C GLY A 186 49.66 7.92 2.21
N TYR A 187 49.21 6.88 2.89
CA TYR A 187 49.42 6.74 4.32
C TYR A 187 50.47 5.67 4.61
N GLU A 188 51.43 6.01 5.47
CA GLU A 188 52.42 5.07 5.98
C GLU A 188 51.84 4.35 7.19
N GLY A 189 50.99 5.06 7.96
CA GLY A 189 50.36 4.53 9.17
C GLY A 189 48.84 4.34 9.01
N ASP A 190 48.08 4.73 10.03
CA ASP A 190 46.67 4.41 10.09
C ASP A 190 45.88 5.46 9.29
N VAL A 191 44.67 5.06 8.89
CA VAL A 191 43.76 5.96 8.21
C VAL A 191 42.65 6.28 9.20
N ILE A 192 42.39 7.58 9.43
CA ILE A 192 41.37 7.93 10.42
C ILE A 192 40.23 8.62 9.70
N LEU A 193 39.00 8.13 9.93
CA LEU A 193 37.83 8.85 9.44
C LEU A 193 37.06 9.33 10.66
N LYS A 194 36.74 10.62 10.66
CA LYS A 194 35.96 11.31 11.68
C LYS A 194 34.60 11.66 11.07
N GLY A 195 33.55 11.31 11.79
CA GLY A 195 32.22 11.54 11.27
C GLY A 195 31.25 11.82 12.40
N ARG A 196 30.05 12.30 12.02
CA ARG A 196 29.02 12.66 12.97
C ARG A 196 27.67 12.39 12.29
N SER A 197 26.72 11.85 13.06
CA SER A 197 25.32 11.85 12.64
C SER A 197 24.43 11.97 13.87
N GLU A 198 23.13 12.29 13.67
CA GLU A 198 22.18 12.40 14.79
C GLU A 198 22.07 11.08 15.55
N ALA A 199 21.93 9.96 14.80
CA ALA A 199 21.81 8.60 15.35
C ALA A 199 23.08 8.16 16.11
N LEU A 200 24.28 8.55 15.63
CA LEU A 200 25.52 8.00 16.17
C LEU A 200 26.33 9.01 16.97
N GLY A 201 25.90 10.28 17.02
CA GLY A 201 26.75 11.31 17.62
C GLY A 201 28.12 11.38 16.92
N ASN A 202 29.16 11.73 17.67
CA ASN A 202 30.48 11.75 17.08
C ASN A 202 31.08 10.36 17.12
N TYR A 203 31.86 10.02 16.08
CA TYR A 203 32.59 8.75 16.07
C TYR A 203 33.89 8.89 15.28
N LYS A 204 34.84 7.98 15.52
CA LYS A 204 36.02 7.89 14.68
C LYS A 204 36.17 6.42 14.25
N LEU A 205 36.55 6.22 12.98
CA LEU A 205 36.71 4.89 12.44
C LEU A 205 38.13 4.82 11.88
N VAL A 206 38.94 3.91 12.42
CA VAL A 206 40.35 3.85 12.08
C VAL A 206 40.60 2.55 11.31
N VAL A 207 41.31 2.65 10.18
CA VAL A 207 41.82 1.44 9.55
C VAL A 207 43.33 1.39 9.74
N THR A 208 43.83 0.39 10.46
CA THR A 208 45.21 0.40 10.90
C THR A 208 46.17 0.07 9.77
N LYS A 209 47.45 0.39 10.00
CA LYS A 209 48.54 0.17 9.07
C LYS A 209 48.55 -1.32 8.72
N GLY A 210 48.56 -2.17 9.75
CA GLY A 210 48.57 -3.62 9.60
C GLY A 210 49.97 -4.19 9.38
N LYS A 211 50.02 -5.52 9.37
CA LYS A 211 51.24 -6.29 9.21
C LYS A 211 51.20 -6.92 7.82
N GLY A 212 52.32 -6.86 7.11
CA GLY A 212 52.54 -7.58 5.88
C GLY A 212 53.37 -6.71 4.94
N VAL A 213 54.00 -7.37 3.97
CA VAL A 213 54.86 -6.70 3.02
C VAL A 213 53.96 -5.89 2.09
N ILE A 214 54.26 -4.59 1.97
CA ILE A 214 53.64 -3.75 0.98
C ILE A 214 54.58 -3.56 -0.20
N PRO A 215 54.22 -4.10 -1.39
CA PRO A 215 55.13 -4.14 -2.55
C PRO A 215 55.49 -2.73 -3.03
N GLN A 216 56.66 -2.57 -3.67
CA GLN A 216 57.15 -1.25 -4.03
C GLN A 216 57.43 -1.24 -5.53
N SER A 217 57.12 -0.15 -6.22
CA SER A 217 57.33 -0.17 -7.66
C SER A 217 58.50 0.74 -7.99
N ASP A 218 59.34 0.28 -8.91
CA ASP A 218 60.45 1.09 -9.35
C ASP A 218 60.06 1.85 -10.62
N HIS A 219 58.77 1.85 -10.95
CA HIS A 219 58.37 2.51 -12.19
C HIS A 219 58.44 4.04 -12.08
N ASP A 220 58.61 4.68 -13.23
CA ASP A 220 58.43 6.10 -13.45
C ASP A 220 57.18 6.58 -12.71
N LEU A 221 56.07 5.85 -12.87
CA LEU A 221 54.77 6.21 -12.32
C LEU A 221 54.85 6.56 -10.83
N SER A 222 55.83 5.98 -10.13
CA SER A 222 55.96 6.16 -8.69
C SER A 222 56.28 7.61 -8.32
N ARG A 223 56.85 8.37 -9.27
CA ARG A 223 57.15 9.78 -9.05
C ARG A 223 55.81 10.55 -8.93
N LEU A 224 54.72 10.00 -9.49
CA LEU A 224 53.46 10.70 -9.48
C LEU A 224 52.44 10.02 -8.57
N ARG A 225 52.59 8.73 -8.31
CA ARG A 225 51.57 7.98 -7.59
C ARG A 225 52.15 7.36 -6.31
N GLY A 226 53.45 7.55 -6.08
CA GLY A 226 54.07 6.91 -4.93
C GLY A 226 54.57 5.52 -5.28
N PRO A 227 55.60 4.98 -4.57
CA PRO A 227 56.11 3.63 -4.84
C PRO A 227 55.16 2.50 -4.46
N GLY A 228 54.11 2.83 -3.69
CA GLY A 228 53.18 1.86 -3.13
C GLY A 228 52.94 2.13 -1.64
N GLN A 229 51.66 2.40 -1.32
CA GLN A 229 51.21 2.73 0.03
C GLN A 229 49.68 2.63 0.10
N THR A 230 49.15 2.66 1.33
CA THR A 230 47.73 2.73 1.56
C THR A 230 47.20 4.05 1.00
N VAL A 231 46.04 3.97 0.34
CA VAL A 231 45.40 5.15 -0.23
C VAL A 231 43.93 5.19 0.19
N VAL A 232 43.37 6.41 0.21
CA VAL A 232 41.99 6.74 0.50
C VAL A 232 41.44 7.65 -0.60
N GLN A 233 40.27 7.31 -1.12
CA GLN A 233 39.49 8.27 -1.92
C GLN A 233 38.17 8.52 -1.23
N SER A 234 37.81 9.81 -1.13
CA SER A 234 36.60 10.29 -0.49
C SER A 234 35.71 10.88 -1.57
N LEU A 235 34.47 10.41 -1.68
CA LEU A 235 33.59 10.80 -2.79
C LEU A 235 32.20 11.02 -2.23
N THR A 236 31.31 11.46 -3.13
CA THR A 236 29.91 11.62 -2.79
CA THR A 236 29.91 11.60 -2.78
C THR A 236 29.04 11.19 -3.96
N TYR A 237 28.00 10.41 -3.65
CA TYR A 237 27.01 10.05 -4.63
C TYR A 237 25.67 10.34 -3.99
N PRO A 238 24.56 10.39 -4.75
CA PRO A 238 23.23 10.45 -4.15
C PRO A 238 23.05 9.23 -3.25
N ASP A 239 22.63 9.47 -2.00
CA ASP A 239 22.34 8.49 -0.96
C ASP A 239 21.92 7.10 -1.46
N GLU A 240 20.98 7.01 -2.40
CA GLU A 240 20.31 5.76 -2.64
C GLU A 240 21.16 4.79 -3.45
N VAL A 241 22.36 5.22 -3.90
CA VAL A 241 23.21 4.33 -4.66
C VAL A 241 24.50 3.94 -3.93
N LEU A 242 24.70 4.44 -2.71
CA LEU A 242 25.85 4.13 -1.88
C LEU A 242 26.06 2.62 -1.69
N TRP A 243 25.01 1.80 -1.75
CA TRP A 243 25.15 0.38 -1.50
C TRP A 243 25.89 -0.30 -2.66
N GLN A 244 26.01 0.39 -3.81
CA GLN A 244 26.57 -0.25 -4.99
C GLN A 244 28.11 -0.18 -5.00
N ALA A 245 28.74 -0.83 -4.02
CA ALA A 245 30.14 -0.65 -3.70
C ALA A 245 31.02 -1.15 -4.86
N LYS A 246 30.62 -2.24 -5.49
CA LYS A 246 31.43 -2.80 -6.57
C LYS A 246 31.54 -1.83 -7.75
N PRO A 247 30.41 -1.41 -8.37
CA PRO A 247 30.48 -0.45 -9.49
C PRO A 247 31.16 0.86 -9.10
N ILE A 248 30.91 1.35 -7.88
CA ILE A 248 31.49 2.61 -7.46
C ILE A 248 33.01 2.44 -7.42
N LEU A 249 33.46 1.32 -6.85
CA LEU A 249 34.90 1.08 -6.79
C LEU A 249 35.46 1.00 -8.21
N PHE A 250 34.82 0.22 -9.08
CA PHE A 250 35.36 0.03 -10.42
C PHE A 250 35.35 1.32 -11.23
N GLN A 251 34.41 2.22 -10.95
CA GLN A 251 34.33 3.46 -11.71
C GLN A 251 35.58 4.25 -11.40
N GLN A 252 36.06 4.13 -10.15
CA GLN A 252 37.30 4.80 -9.75
C GLN A 252 38.52 4.12 -10.37
N LEU A 253 38.52 2.78 -10.40
CA LEU A 253 39.67 2.09 -10.96
C LEU A 253 39.77 2.47 -12.44
N LYS A 254 38.63 2.50 -13.12
CA LYS A 254 38.68 2.78 -14.55
C LYS A 254 39.19 4.19 -14.80
N ALA A 255 38.84 5.15 -13.92
CA ALA A 255 39.28 6.54 -14.13
C ALA A 255 40.78 6.68 -13.93
N GLY A 256 41.31 5.87 -12.99
CA GLY A 256 42.74 5.68 -12.76
C GLY A 256 43.43 5.17 -14.01
N ILE A 257 42.87 4.12 -14.62
CA ILE A 257 43.47 3.55 -15.82
C ILE A 257 43.43 4.55 -16.97
N ASP A 258 42.28 5.22 -17.18
CA ASP A 258 42.13 6.23 -18.23
C ASP A 258 43.19 7.31 -18.04
N TRP A 259 43.44 7.69 -16.78
CA TRP A 259 44.46 8.69 -16.49
C TRP A 259 45.85 8.21 -16.95
N LEU A 260 46.19 6.93 -16.72
CA LEU A 260 47.41 6.34 -17.24
C LEU A 260 47.53 6.53 -18.74
N VAL A 261 46.46 6.19 -19.47
CA VAL A 261 46.50 6.23 -20.93
C VAL A 261 46.78 7.67 -21.36
N GLU A 262 46.06 8.61 -20.75
CA GLU A 262 46.13 10.01 -21.11
C GLU A 262 47.55 10.54 -20.88
N ASN A 263 48.21 10.07 -19.82
CA ASN A 263 49.50 10.63 -19.46
C ASN A 263 50.67 9.78 -19.97
N LYS A 264 50.48 9.06 -21.10
CA LYS A 264 51.51 8.40 -21.87
C LYS A 264 52.19 7.26 -21.10
N TYR A 265 51.47 6.55 -20.22
CA TYR A 265 51.98 5.26 -19.75
C TYR A 265 51.41 4.16 -20.64
N ASP A 266 52.28 3.33 -21.20
CA ASP A 266 51.83 2.42 -22.25
C ASP A 266 52.49 1.05 -22.19
N VAL A 267 52.21 0.23 -23.23
CA VAL A 267 52.62 -1.16 -23.28
C VAL A 267 54.11 -1.24 -23.68
N ALA A 268 54.68 -0.11 -24.09
CA ALA A 268 56.12 -0.05 -24.33
C ALA A 268 56.87 -0.31 -23.03
N ASP A 269 56.25 0.06 -21.88
CA ASP A 269 56.89 0.05 -20.56
C ASP A 269 55.82 0.14 -19.45
N PRO A 270 54.97 -0.88 -19.21
CA PRO A 270 53.83 -0.71 -18.31
C PRO A 270 54.20 -0.85 -16.83
N PRO A 271 53.56 -0.08 -15.91
CA PRO A 271 53.72 -0.32 -14.48
C PRO A 271 53.20 -1.71 -14.19
N PRO A 272 53.60 -2.32 -13.07
CA PRO A 272 53.06 -3.61 -12.65
C PRO A 272 51.53 -3.58 -12.43
N PRO A 273 50.82 -4.71 -12.62
CA PRO A 273 49.36 -4.73 -12.53
C PRO A 273 48.84 -4.03 -11.29
N TRP A 274 49.37 -4.41 -10.13
CA TRP A 274 48.86 -3.91 -8.86
C TRP A 274 48.96 -2.38 -8.77
N GLN A 275 49.97 -1.81 -9.41
CA GLN A 275 50.14 -0.37 -9.34
C GLN A 275 49.17 0.28 -10.31
N VAL A 276 48.86 -0.42 -11.42
CA VAL A 276 47.86 0.11 -12.32
C VAL A 276 46.50 0.14 -11.61
N TYR A 277 46.24 -0.80 -10.70
CA TYR A 277 44.97 -0.89 -10.01
C TYR A 277 44.97 -0.25 -8.64
N LEU A 278 45.94 0.64 -8.34
CA LEU A 278 45.97 1.28 -7.04
C LEU A 278 45.49 2.72 -7.19
N LEU A 279 44.44 3.09 -6.46
CA LEU A 279 43.84 4.39 -6.68
C LEU A 279 44.83 5.51 -6.32
N ALA A 280 44.69 6.65 -7.01
CA ALA A 280 45.40 7.85 -6.60
C ALA A 280 44.78 8.32 -5.28
N ASN A 281 45.63 8.70 -4.32
CA ASN A 281 45.21 9.13 -3.01
C ASN A 281 44.49 10.46 -3.15
N LYS A 282 43.24 10.55 -2.65
CA LYS A 282 42.46 11.79 -2.67
C LYS A 282 41.52 11.79 -1.46
N PRO A 283 42.02 11.92 -0.21
CA PRO A 283 41.14 11.90 0.96
C PRO A 283 40.47 13.26 1.09
N GLY A 284 39.38 13.29 1.85
CA GLY A 284 38.58 14.49 2.00
C GLY A 284 37.27 14.17 2.71
N SER A 285 36.24 14.96 2.42
CA SER A 285 34.95 14.67 3.01
C SER A 285 34.06 14.13 1.91
N GLY A 286 33.05 13.35 2.32
CA GLY A 286 32.14 12.70 1.39
C GLY A 286 31.28 11.68 2.13
N ASN A 287 30.35 11.08 1.40
CA ASN A 287 29.50 10.04 1.96
C ASN A 287 30.00 8.66 1.52
N VAL A 288 31.08 8.62 0.71
CA VAL A 288 31.74 7.35 0.38
C VAL A 288 33.25 7.48 0.61
N HIS A 289 33.84 6.52 1.34
CA HIS A 289 35.29 6.45 1.48
C HIS A 289 35.84 5.07 1.14
N ILE A 290 36.79 5.04 0.20
CA ILE A 290 37.45 3.81 -0.23
C ILE A 290 38.86 3.80 0.37
N VAL A 291 39.12 2.79 1.20
CA VAL A 291 40.44 2.59 1.76
C VAL A 291 41.02 1.35 1.10
N GLN A 292 42.16 1.54 0.42
CA GLN A 292 42.76 0.49 -0.42
C GLN A 292 44.18 0.19 0.07
N LYS A 293 44.50 -1.09 0.17
CA LYS A 293 45.85 -1.55 0.50
C LYS A 293 46.22 -2.70 -0.43
N VAL A 294 47.52 -2.78 -0.71
CA VAL A 294 48.06 -3.90 -1.44
C VAL A 294 49.06 -4.60 -0.55
N PHE A 295 48.96 -5.93 -0.54
CA PHE A 295 49.85 -6.78 0.23
C PHE A 295 50.51 -7.83 -0.67
N GLU A 296 51.77 -8.11 -0.32
CA GLU A 296 52.50 -9.24 -0.85
C GLU A 296 52.59 -10.31 0.23
N GLY A 297 52.12 -11.51 -0.08
CA GLY A 297 52.08 -12.53 0.96
C GLY A 297 51.00 -12.28 2.01
N ASP A 298 51.21 -12.84 3.21
CA ASP A 298 50.25 -12.75 4.30
C ASP A 298 50.03 -11.30 4.73
N PHE A 299 48.80 -11.02 5.19
CA PHE A 299 48.47 -9.70 5.71
C PHE A 299 47.55 -9.82 6.93
N GLU A 300 47.56 -8.78 7.77
CA GLU A 300 46.46 -8.56 8.67
C GLU A 300 46.38 -7.08 9.02
N PHE A 301 45.16 -6.61 9.29
CA PHE A 301 44.91 -5.22 9.64
C PHE A 301 43.60 -5.12 10.41
N ASP A 302 43.39 -3.97 11.05
CA ASP A 302 42.34 -3.82 12.05
C ASP A 302 41.42 -2.67 11.67
N ILE A 303 40.16 -2.78 12.04
CA ILE A 303 39.21 -1.68 11.91
C ILE A 303 38.69 -1.40 13.30
N LEU A 304 38.87 -0.15 13.76
CA LEU A 304 38.44 0.25 15.10
C LEU A 304 37.42 1.41 15.00
N PHE A 305 36.17 1.11 15.37
CA PHE A 305 35.10 2.09 15.45
C PHE A 305 34.98 2.55 16.91
N SER A 306 35.26 3.83 17.15
CA SER A 306 35.27 4.39 18.50
C SER A 306 34.14 5.41 18.64
N SER A 307 33.11 5.05 19.41
CA SER A 307 31.99 5.96 19.66
C SER A 307 32.46 7.05 20.64
N GLU A 308 32.36 8.33 20.25
CA GLU A 308 33.02 9.35 21.07
C GLU A 308 32.37 9.46 22.44
N SER A 309 31.05 9.29 22.46
CA SER A 309 30.26 9.34 23.67
C SER A 309 30.65 8.26 24.69
N ALA A 310 31.53 7.31 24.33
CA ALA A 310 31.96 6.26 25.25
C ALA A 310 33.23 6.69 25.99
N GLY A 311 33.84 5.76 26.73
CA GLY A 311 35.06 6.08 27.46
C GLY A 311 36.20 6.51 26.53
N LYS A 312 37.41 5.99 26.80
CA LYS A 312 38.54 6.13 25.91
C LYS A 312 38.19 5.41 24.60
N GLU A 313 38.89 5.76 23.52
CA GLU A 313 38.66 5.11 22.24
C GLU A 313 39.22 3.68 22.24
N VAL A 314 38.77 2.88 21.26
CA VAL A 314 39.13 1.47 21.08
C VAL A 314 40.51 1.33 20.43
N THR A 315 41.31 0.42 20.98
CA THR A 315 42.66 0.14 20.49
C THR A 315 42.73 -1.31 19.99
N SER A 316 43.83 -1.64 19.30
CA SER A 316 44.04 -3.01 18.83
C SER A 316 44.17 -3.96 20.01
N LYS A 317 44.69 -3.47 21.15
CA LYS A 317 44.92 -4.32 22.31
C LYS A 317 43.56 -4.62 22.95
N ASP A 318 42.66 -3.63 22.87
CA ASP A 318 41.29 -3.84 23.29
C ASP A 318 40.68 -5.02 22.53
N LEU A 319 40.87 -5.03 21.20
CA LEU A 319 40.23 -5.96 20.28
C LEU A 319 40.67 -7.39 20.63
N GLU A 320 41.98 -7.58 20.80
CA GLU A 320 42.53 -8.90 21.07
C GLU A 320 41.91 -9.47 22.33
N ARG A 321 41.83 -8.64 23.38
CA ARG A 321 41.31 -9.04 24.68
C ARG A 321 39.84 -9.47 24.55
N GLU A 322 39.02 -8.59 23.96
CA GLU A 322 37.60 -8.84 23.82
C GLU A 322 37.34 -10.08 22.96
N VAL A 323 38.11 -10.24 21.88
CA VAL A 323 38.04 -11.45 21.06
C VAL A 323 38.21 -12.69 21.93
N LYS A 324 39.28 -12.75 22.75
CA LYS A 324 39.56 -13.89 23.64
C LYS A 324 38.40 -14.12 24.59
N GLN A 325 37.88 -13.02 25.14
CA GLN A 325 36.83 -13.02 26.14
C GLN A 325 35.51 -13.54 25.51
N ALA A 326 35.18 -13.07 24.31
CA ALA A 326 33.94 -13.46 23.62
C ALA A 326 33.88 -14.98 23.40
N THR A 327 35.03 -15.55 22.97
CA THR A 327 35.19 -16.98 22.79
C THR A 327 34.86 -17.74 24.08
N GLU A 328 35.45 -17.32 25.19
CA GLU A 328 35.25 -17.97 26.48
C GLU A 328 33.74 -18.06 26.79
N VAL A 329 33.08 -16.91 26.64
CA VAL A 329 31.69 -16.76 27.01
C VAL A 329 30.83 -17.62 26.09
N PHE A 330 31.10 -17.55 24.77
CA PHE A 330 30.45 -18.42 23.79
C PHE A 330 30.59 -19.89 24.20
N GLY A 331 31.82 -20.32 24.52
CA GLY A 331 32.11 -21.67 24.98
C GLY A 331 31.18 -22.15 26.11
N GLU A 332 31.11 -21.35 27.20
CA GLU A 332 30.30 -21.66 28.38
C GLU A 332 28.82 -21.73 28.05
N ARG A 333 28.30 -20.72 27.34
CA ARG A 333 26.88 -20.69 27.02
C ARG A 333 26.52 -21.89 26.14
N PHE A 334 27.42 -22.25 25.22
CA PHE A 334 27.11 -23.39 24.37
C PHE A 334 26.90 -24.64 25.23
N ALA A 335 27.78 -24.83 26.21
CA ALA A 335 27.86 -26.09 26.95
C ALA A 335 26.60 -26.25 27.81
N ARG A 336 25.99 -25.12 28.21
CA ARG A 336 24.79 -25.12 29.05
C ARG A 336 23.56 -25.30 28.19
N VAL A 337 23.50 -24.58 27.05
CA VAL A 337 22.26 -24.44 26.28
C VAL A 337 22.13 -25.58 25.26
N PHE A 338 23.25 -25.98 24.65
CA PHE A 338 23.29 -27.03 23.64
C PHE A 338 24.26 -28.10 24.14
N ASP A 339 23.85 -28.73 25.24
CA ASP A 339 24.58 -29.83 25.81
C ASP A 339 24.11 -31.10 25.10
N LEU A 340 24.95 -31.62 24.20
CA LEU A 340 24.48 -32.64 23.28
C LEU A 340 24.40 -33.99 24.01
N LYS A 341 23.28 -34.68 23.82
CA LYS A 341 23.04 -35.96 24.47
C LYS A 341 23.48 -37.11 23.55
N ALA A 342 23.68 -38.30 24.16
CA ALA A 342 24.08 -39.52 23.46
C ALA A 342 23.17 -39.80 22.26
N PRO A 343 23.70 -40.37 21.15
CA PRO A 343 25.15 -40.61 20.99
C PRO A 343 26.00 -39.48 20.42
N PHE A 344 25.63 -38.22 20.69
CA PHE A 344 26.33 -37.12 20.05
C PHE A 344 27.21 -36.34 21.02
N GLN A 345 27.75 -37.00 22.05
CA GLN A 345 28.40 -36.25 23.12
C GLN A 345 29.81 -35.88 22.69
N GLY A 346 30.34 -36.61 21.71
CA GLY A 346 31.74 -36.54 21.33
C GLY A 346 32.12 -35.17 20.74
N ASP A 347 33.43 -34.89 20.67
CA ASP A 347 33.94 -33.57 20.38
C ASP A 347 33.66 -33.22 18.93
N ASN A 348 33.52 -34.26 18.08
CA ASN A 348 33.29 -34.10 16.65
C ASN A 348 31.90 -33.49 16.40
N TYR A 349 30.91 -33.95 17.17
CA TYR A 349 29.54 -33.50 17.04
C TYR A 349 29.39 -32.13 17.68
N LYS A 350 30.24 -31.82 18.66
CA LYS A 350 30.30 -30.52 19.29
C LYS A 350 30.82 -29.50 18.28
N LYS A 351 31.85 -29.83 17.53
CA LYS A 351 32.34 -28.87 16.55
C LYS A 351 31.24 -28.62 15.53
N PHE A 352 30.51 -29.69 15.18
CA PHE A 352 29.46 -29.68 14.18
C PHE A 352 28.32 -28.77 14.68
N GLY A 353 27.92 -29.01 15.92
CA GLY A 353 26.88 -28.23 16.58
C GLY A 353 27.18 -26.73 16.61
N LYS A 354 28.44 -26.38 16.94
CA LYS A 354 28.84 -24.98 17.03
C LYS A 354 28.77 -24.32 15.66
N SER A 355 29.11 -25.10 14.63
CA SER A 355 29.12 -24.61 13.27
C SER A 355 27.69 -24.39 12.76
N MET A 356 26.79 -25.35 13.01
CA MET A 356 25.44 -25.18 12.52
C MET A 356 24.80 -24.03 13.28
N PHE A 357 25.12 -23.93 14.57
CA PHE A 357 24.49 -22.87 15.34
C PHE A 357 25.03 -21.50 14.97
N SER A 358 26.36 -21.36 14.92
CA SER A 358 26.92 -20.04 14.69
C SER A 358 26.53 -19.49 13.32
N ASN A 359 26.38 -20.38 12.32
CA ASN A 359 25.98 -19.94 10.99
C ASN A 359 24.52 -19.50 10.96
N LEU A 360 23.64 -20.22 11.68
CA LEU A 360 22.26 -19.77 11.80
C LEU A 360 22.18 -18.40 12.48
N ILE A 361 22.83 -18.21 13.62
CA ILE A 361 22.56 -16.98 14.36
C ILE A 361 23.36 -15.91 13.68
N GLY A 362 24.44 -16.34 13.03
CA GLY A 362 25.30 -15.40 12.30
C GLY A 362 24.70 -14.87 10.99
N GLY A 363 23.59 -15.46 10.54
CA GLY A 363 22.90 -14.98 9.35
C GLY A 363 22.00 -13.77 9.61
N ILE A 364 21.88 -13.35 10.88
CA ILE A 364 20.93 -12.31 11.22
C ILE A 364 21.32 -11.03 10.48
N GLY A 365 20.33 -10.44 9.81
CA GLY A 365 20.57 -9.19 9.10
C GLY A 365 19.55 -8.12 9.48
N TYR A 366 19.95 -6.87 9.25
CA TYR A 366 19.04 -5.74 9.28
C TYR A 366 18.77 -5.27 7.86
N PHE A 367 17.49 -5.22 7.48
CA PHE A 367 17.11 -4.71 6.17
C PHE A 367 16.24 -3.45 6.30
N TYR A 368 16.24 -2.59 5.26
CA TYR A 368 15.49 -1.33 5.25
C TYR A 368 15.19 -0.87 3.82
N GLY A 369 13.95 -0.43 3.57
CA GLY A 369 13.63 0.05 2.23
C GLY A 369 12.19 -0.24 1.84
N HIS A 370 11.89 0.02 0.56
CA HIS A 370 10.56 -0.18 0.00
C HIS A 370 10.45 -1.60 -0.53
N SER A 371 9.23 -2.13 -0.56
CA SER A 371 8.88 -3.42 -1.13
C SER A 371 7.95 -3.18 -2.32
N LEU A 372 7.86 -4.19 -3.18
CA LEU A 372 6.99 -4.16 -4.33
C LEU A 372 5.74 -4.98 -4.02
N VAL A 373 4.59 -4.31 -3.86
CA VAL A 373 3.31 -4.93 -3.48
C VAL A 373 2.24 -4.61 -4.52
N ASP A 374 1.40 -5.60 -4.84
CA ASP A 374 0.26 -5.40 -5.72
C ASP A 374 -0.93 -5.07 -4.82
N ARG A 375 -1.34 -3.78 -4.78
CA ARG A 375 -2.41 -3.37 -3.87
C ARG A 375 -3.73 -3.14 -4.63
N SER A 376 -3.85 -3.68 -5.85
CA SER A 376 -5.08 -3.65 -6.63
C SER A 376 -6.25 -4.40 -5.96
N TYR A 377 -5.98 -5.47 -5.20
CA TYR A 377 -7.01 -6.40 -4.80
C TYR A 377 -7.96 -6.75 -5.96
N ALA A 378 -7.39 -6.96 -7.16
CA ALA A 378 -8.18 -7.45 -8.29
C ALA A 378 -9.14 -8.54 -7.85
N PRO A 379 -10.42 -8.50 -8.29
CA PRO A 379 -11.38 -9.55 -7.96
C PRO A 379 -10.89 -10.94 -8.36
N GLU A 380 -10.02 -11.02 -9.39
CA GLU A 380 -9.54 -12.31 -9.86
C GLU A 380 -8.75 -13.05 -8.76
N TYR A 381 -8.17 -12.32 -7.80
CA TYR A 381 -7.38 -12.92 -6.72
C TYR A 381 -8.26 -13.62 -5.70
N ASP A 382 -9.57 -13.59 -5.87
CA ASP A 382 -10.47 -14.19 -4.90
C ASP A 382 -10.55 -15.69 -5.18
N GLU A 383 -10.21 -16.05 -6.41
CA GLU A 383 -10.13 -17.44 -6.86
C GLU A 383 -11.42 -18.17 -6.53
N GLU A 384 -12.52 -17.79 -7.20
CA GLU A 384 -13.84 -18.32 -6.88
C GLU A 384 -14.34 -19.18 -8.03
N ASN A 385 -13.68 -19.04 -9.19
CA ASN A 385 -14.07 -19.72 -10.42
C ASN A 385 -13.21 -20.95 -10.65
N GLU A 386 -13.74 -21.93 -11.39
CA GLU A 386 -12.93 -22.98 -11.98
C GLU A 386 -11.98 -22.28 -12.95
N GLY A 387 -10.73 -22.73 -13.01
CA GLY A 387 -9.77 -22.11 -13.93
C GLY A 387 -9.12 -20.85 -13.32
N PHE A 388 -9.25 -20.69 -12.01
CA PHE A 388 -8.95 -19.40 -11.41
C PHE A 388 -7.51 -18.97 -11.70
N TRP A 389 -6.63 -19.93 -11.99
CA TRP A 389 -5.21 -19.61 -12.04
C TRP A 389 -4.95 -18.69 -13.22
N GLU A 390 -5.74 -18.85 -14.31
CA GLU A 390 -5.65 -18.04 -15.52
C GLU A 390 -6.18 -16.62 -15.29
N ASP A 391 -7.33 -16.50 -14.61
CA ASP A 391 -7.83 -15.21 -14.17
C ASP A 391 -6.71 -14.44 -13.46
N ALA A 392 -6.15 -15.05 -12.41
CA ALA A 392 -5.12 -14.42 -11.60
C ALA A 392 -3.88 -14.05 -12.43
N ALA A 393 -3.54 -14.85 -13.45
CA ALA A 393 -2.42 -14.47 -14.31
C ALA A 393 -2.74 -13.17 -15.06
N GLU A 394 -4.00 -13.00 -15.49
CA GLU A 394 -4.45 -11.80 -16.18
C GLU A 394 -4.38 -10.59 -15.25
N ALA A 395 -4.82 -10.73 -14.01
CA ALA A 395 -4.66 -9.62 -13.08
C ALA A 395 -3.19 -9.26 -12.89
N ARG A 396 -2.31 -10.26 -12.77
CA ARG A 396 -0.89 -9.97 -12.60
C ARG A 396 -0.36 -9.22 -13.81
N ALA A 397 -0.90 -9.52 -15.00
CA ALA A 397 -0.44 -8.91 -16.23
C ALA A 397 -0.81 -7.43 -16.26
N ARG A 398 -1.62 -6.95 -15.33
CA ARG A 398 -1.99 -5.54 -15.32
C ARG A 398 -0.85 -4.71 -14.72
N HIS A 399 0.01 -5.36 -13.92
CA HIS A 399 1.18 -4.72 -13.31
C HIS A 399 0.81 -3.44 -12.55
N GLN A 400 -0.05 -3.59 -11.54
CA GLN A 400 -0.49 -2.47 -10.73
C GLN A 400 0.41 -2.34 -9.51
N GLU A 401 1.41 -3.22 -9.37
CA GLU A 401 2.23 -3.19 -8.16
C GLU A 401 3.00 -1.88 -8.11
N ALA A 402 3.26 -1.36 -6.91
CA ALA A 402 4.05 -0.16 -6.72
C ALA A 402 4.94 -0.32 -5.50
N LEU A 403 6.04 0.42 -5.44
CA LEU A 403 6.87 0.43 -4.24
C LEU A 403 6.07 1.02 -3.08
N GLU A 404 6.23 0.43 -1.90
CA GLU A 404 5.64 0.98 -0.70
C GLU A 404 6.62 0.79 0.46
N GLY A 405 6.51 1.64 1.50
CA GLY A 405 7.39 1.57 2.67
C GLY A 405 7.74 2.98 3.17
N PRO A 406 8.95 3.24 3.73
CA PRO A 406 9.99 2.22 3.88
C PRO A 406 9.65 1.28 5.03
N TYR A 407 10.13 0.03 4.94
CA TYR A 407 10.02 -0.95 5.99
C TYR A 407 11.40 -1.31 6.49
N GLU A 408 11.46 -1.75 7.73
CA GLU A 408 12.69 -2.30 8.28
C GLU A 408 12.40 -3.71 8.82
N LEU A 409 13.45 -4.55 8.85
CA LEU A 409 13.29 -5.90 9.36
C LEU A 409 14.64 -6.41 9.85
N PHE A 410 14.58 -7.06 11.02
CA PHE A 410 15.72 -7.61 11.69
C PHE A 410 15.42 -9.08 11.81
N THR A 411 16.07 -9.89 10.98
CA THR A 411 15.68 -11.28 10.95
C THR A 411 16.89 -12.14 10.59
N SER A 412 16.81 -13.43 10.91
CA SER A 412 17.77 -14.37 10.37
C SER A 412 17.30 -14.82 8.98
N ILE A 413 18.13 -15.53 8.20
CA ILE A 413 17.83 -15.82 6.79
C ILE A 413 18.13 -17.28 6.47
N PRO A 414 17.50 -17.86 5.43
CA PRO A 414 17.81 -19.24 5.05
C PRO A 414 19.20 -19.49 4.48
N SER A 415 19.75 -18.54 3.70
CA SER A 415 20.99 -18.76 2.98
C SER A 415 21.69 -17.44 2.61
N ARG A 416 22.93 -17.26 3.06
CA ARG A 416 23.71 -16.10 2.68
C ARG A 416 23.87 -15.95 1.15
N PRO A 417 24.31 -16.97 0.40
CA PRO A 417 24.50 -16.78 -1.04
C PRO A 417 23.25 -16.77 -1.90
N PHE A 418 22.21 -17.55 -1.54
CA PHE A 418 21.07 -17.66 -2.45
C PHE A 418 19.79 -16.97 -1.95
N PHE A 419 19.54 -16.90 -0.64
CA PHE A 419 18.26 -16.36 -0.18
C PHE A 419 18.46 -15.35 0.95
N PRO A 420 19.29 -14.30 0.80
CA PRO A 420 19.71 -13.53 1.96
C PRO A 420 18.67 -12.51 2.36
N ARG A 421 17.49 -12.97 2.76
CA ARG A 421 16.42 -12.05 3.15
C ARG A 421 15.37 -12.81 3.94
N GLY A 422 14.36 -12.09 4.44
CA GLY A 422 13.44 -12.65 5.41
C GLY A 422 12.39 -13.52 4.73
N PHE A 423 12.14 -14.73 5.27
CA PHE A 423 11.09 -15.63 4.82
C PHE A 423 10.19 -16.01 5.99
N LEU A 424 8.87 -15.92 5.80
CA LEU A 424 7.97 -15.88 6.93
C LEU A 424 8.00 -17.21 7.68
N TRP A 425 7.62 -18.31 7.02
CA TRP A 425 7.57 -19.60 7.74
C TRP A 425 8.96 -20.16 8.07
N ASP A 426 10.01 -19.78 7.31
CA ASP A 426 11.37 -20.16 7.67
C ASP A 426 11.69 -19.60 9.06
N GLU A 427 11.28 -18.36 9.30
CA GLU A 427 11.78 -17.68 10.48
C GLU A 427 11.29 -18.36 11.77
N GLY A 428 10.14 -19.04 11.68
CA GLY A 428 9.64 -19.85 12.78
C GLY A 428 10.63 -20.94 13.20
N PHE A 429 11.20 -21.62 12.20
CA PHE A 429 12.22 -22.63 12.44
C PHE A 429 13.52 -22.00 12.90
N HIS A 430 13.99 -20.92 12.25
CA HIS A 430 15.27 -20.36 12.66
C HIS A 430 15.22 -19.98 14.13
N LEU A 431 14.07 -19.52 14.64
CA LEU A 431 14.10 -18.92 15.98
C LEU A 431 14.07 -19.98 17.08
N LEU A 432 13.79 -21.24 16.73
CA LEU A 432 13.68 -22.21 17.81
C LEU A 432 15.04 -22.38 18.48
N PRO A 433 16.16 -22.61 17.75
CA PRO A 433 17.47 -22.70 18.39
C PRO A 433 17.89 -21.36 18.95
N ILE A 434 17.52 -20.29 18.24
CA ILE A 434 17.98 -18.97 18.64
C ILE A 434 17.35 -18.62 19.99
N ALA A 435 16.09 -19.04 20.19
CA ALA A 435 15.35 -18.66 21.38
C ALA A 435 15.98 -19.37 22.58
N ASP A 436 16.45 -20.60 22.38
CA ASP A 436 17.17 -21.30 23.43
C ASP A 436 18.38 -20.47 23.84
N TRP A 437 19.14 -19.98 22.86
CA TRP A 437 20.38 -19.25 23.12
C TRP A 437 20.11 -17.94 23.85
N ASP A 438 19.07 -17.21 23.39
CA ASP A 438 18.83 -15.80 23.75
C ASP A 438 17.37 -15.43 23.45
N ILE A 439 16.46 -15.77 24.37
CA ILE A 439 15.03 -15.57 24.16
C ILE A 439 14.72 -14.11 23.85
N ASP A 440 15.46 -13.17 24.45
CA ASP A 440 15.17 -11.77 24.19
C ASP A 440 15.45 -11.40 22.74
N LEU A 441 16.54 -11.96 22.24
CA LEU A 441 16.84 -11.78 20.83
C LEU A 441 15.71 -12.36 19.99
N ALA A 442 15.22 -13.57 20.32
CA ALA A 442 14.18 -14.15 19.47
C ALA A 442 12.98 -13.23 19.45
N LEU A 443 12.60 -12.72 20.64
CA LEU A 443 11.41 -11.89 20.79
C LEU A 443 11.54 -10.58 20.02
N GLU A 444 12.75 -10.00 19.97
CA GLU A 444 13.07 -8.85 19.14
C GLU A 444 12.74 -9.13 17.67
N ILE A 445 13.11 -10.31 17.19
CA ILE A 445 12.97 -10.64 15.79
C ILE A 445 11.48 -10.84 15.52
N ILE A 446 10.76 -11.50 16.44
CA ILE A 446 9.32 -11.71 16.28
C ILE A 446 8.64 -10.33 16.25
N LYS A 447 9.10 -9.45 17.16
CA LYS A 447 8.49 -8.14 17.22
C LYS A 447 8.67 -7.48 15.86
N SER A 448 9.92 -7.53 15.37
CA SER A 448 10.28 -6.91 14.11
C SER A 448 9.37 -7.44 13.00
N TRP A 449 9.07 -8.74 12.98
CA TRP A 449 8.23 -9.27 11.93
C TRP A 449 6.80 -8.75 12.09
N TYR A 450 6.31 -8.73 13.33
CA TYR A 450 4.90 -8.38 13.47
C TYR A 450 4.68 -6.89 13.19
N ASN A 451 5.74 -6.06 13.32
CA ASN A 451 5.61 -4.63 13.01
C ASN A 451 5.44 -4.40 11.52
N LEU A 452 5.53 -5.45 10.71
CA LEU A 452 5.39 -5.26 9.28
C LEU A 452 3.92 -5.37 8.92
N MET A 453 3.11 -5.94 9.85
CA MET A 453 1.78 -6.42 9.48
C MET A 453 0.91 -5.24 9.05
N ASP A 454 0.18 -5.36 7.93
CA ASP A 454 -0.68 -4.29 7.46
C ASP A 454 -1.99 -4.26 8.26
N GLU A 455 -2.85 -3.26 7.97
CA GLU A 455 -4.07 -3.06 8.75
C GLU A 455 -4.98 -4.29 8.67
N ASP A 456 -4.90 -5.07 7.58
CA ASP A 456 -5.76 -6.24 7.38
C ASP A 456 -5.29 -7.48 8.15
N GLY A 457 -4.01 -7.49 8.60
CA GLY A 457 -3.39 -8.69 9.16
C GLY A 457 -2.46 -9.47 8.21
N TRP A 458 -2.00 -8.87 7.11
CA TRP A 458 -1.13 -9.56 6.17
C TRP A 458 0.33 -9.19 6.41
N ILE A 459 1.19 -10.21 6.44
CA ILE A 459 2.64 -10.08 6.35
C ILE A 459 3.08 -10.83 5.10
N ALA A 460 3.87 -10.14 4.24
CA ALA A 460 4.33 -10.74 2.99
C ALA A 460 5.26 -11.91 3.33
N ARG A 461 5.17 -12.99 2.54
CA ARG A 461 5.88 -14.20 2.90
C ARG A 461 7.38 -14.06 2.64
N GLU A 462 7.78 -13.07 1.82
CA GLU A 462 9.18 -12.80 1.48
C GLU A 462 9.42 -11.29 1.56
N GLN A 463 10.42 -10.88 2.34
CA GLN A 463 10.63 -9.49 2.62
C GLN A 463 11.86 -9.04 1.83
N ILE A 464 11.62 -8.47 0.63
CA ILE A 464 12.66 -7.88 -0.20
C ILE A 464 12.63 -6.36 -0.02
N LEU A 465 13.48 -5.86 0.89
CA LEU A 465 13.45 -4.48 1.36
C LEU A 465 14.66 -3.74 0.81
N GLY A 466 14.39 -2.80 -0.10
CA GLY A 466 15.41 -1.88 -0.57
C GLY A 466 15.99 -2.33 -1.90
N ALA A 467 16.58 -1.39 -2.64
CA ALA A 467 17.24 -1.67 -3.90
C ALA A 467 18.38 -2.69 -3.72
N GLU A 468 19.06 -2.65 -2.57
CA GLU A 468 20.14 -3.59 -2.40
C GLU A 468 19.56 -5.00 -2.39
N ALA A 469 18.54 -5.21 -1.56
CA ALA A 469 17.92 -6.52 -1.44
C ALA A 469 17.34 -6.95 -2.78
N ARG A 470 16.79 -5.99 -3.56
CA ARG A 470 16.14 -6.25 -4.84
C ARG A 470 17.12 -6.68 -5.94
N SER A 471 18.40 -6.30 -5.82
CA SER A 471 19.42 -6.60 -6.83
C SER A 471 19.64 -8.09 -7.00
N LYS A 472 19.29 -8.88 -5.98
CA LYS A 472 19.58 -10.30 -5.96
C LYS A 472 18.34 -11.09 -6.40
N VAL A 473 17.27 -10.41 -6.85
CA VAL A 473 16.00 -11.06 -7.13
C VAL A 473 15.49 -10.53 -8.47
N PRO A 474 15.19 -11.42 -9.44
CA PRO A 474 14.63 -10.99 -10.73
C PRO A 474 13.31 -10.23 -10.53
N LYS A 475 13.05 -9.21 -11.36
CA LYS A 475 11.89 -8.34 -11.20
C LYS A 475 10.59 -9.15 -11.09
N GLU A 476 10.47 -10.20 -11.92
CA GLU A 476 9.26 -11.01 -12.05
C GLU A 476 8.92 -11.72 -10.75
N PHE A 477 9.83 -11.75 -9.76
CA PHE A 477 9.49 -12.48 -8.54
C PHE A 477 9.60 -11.55 -7.33
N GLN A 478 9.68 -10.23 -7.54
CA GLN A 478 9.76 -9.36 -6.37
C GLN A 478 8.38 -9.08 -5.73
N THR A 479 7.32 -9.13 -6.54
CA THR A 479 6.02 -8.61 -6.17
C THR A 479 5.37 -9.52 -5.13
N GLN A 480 4.91 -8.91 -4.03
CA GLN A 480 4.17 -9.58 -2.96
C GLN A 480 2.68 -9.34 -3.17
N TYR A 481 1.86 -10.31 -2.70
CA TYR A 481 0.44 -10.34 -2.99
C TYR A 481 -0.33 -10.47 -1.67
N PRO A 482 -1.17 -9.45 -1.30
CA PRO A 482 -1.80 -9.44 0.02
C PRO A 482 -2.71 -10.63 0.28
N HIS A 483 -3.04 -11.43 -0.75
CA HIS A 483 -3.82 -12.63 -0.49
C HIS A 483 -2.97 -13.89 -0.27
N TYR A 484 -1.62 -13.78 -0.29
CA TYR A 484 -0.75 -14.96 -0.12
C TYR A 484 -0.35 -15.19 1.35
N ALA A 485 -0.82 -16.29 1.92
CA ALA A 485 -0.36 -16.67 3.26
C ALA A 485 1.00 -17.37 3.20
N ASN A 486 1.41 -17.93 4.35
CA ASN A 486 2.61 -18.71 4.57
C ASN A 486 2.45 -19.29 5.98
N PRO A 487 2.91 -20.52 6.27
CA PRO A 487 2.67 -21.10 7.59
C PRO A 487 3.05 -20.20 8.75
N PRO A 488 2.15 -20.07 9.75
CA PRO A 488 2.41 -19.22 10.90
C PRO A 488 3.29 -19.90 11.94
N THR A 489 4.54 -20.21 11.54
CA THR A 489 5.46 -20.97 12.37
C THR A 489 6.07 -20.11 13.49
N LEU A 490 5.98 -18.79 13.36
CA LEU A 490 6.42 -17.96 14.49
C LEU A 490 5.62 -18.23 15.76
N PHE A 491 4.40 -18.80 15.63
CA PHE A 491 3.63 -19.23 16.78
C PHE A 491 4.32 -20.37 17.55
N LEU A 492 5.12 -21.23 16.87
CA LEU A 492 5.82 -22.28 17.62
C LEU A 492 6.82 -21.65 18.58
N VAL A 493 7.46 -20.55 18.16
CA VAL A 493 8.44 -19.95 19.04
C VAL A 493 7.72 -19.37 20.25
N LEU A 494 6.53 -18.82 19.99
CA LEU A 494 5.77 -18.18 21.05
C LEU A 494 5.31 -19.23 22.05
N ASP A 495 5.05 -20.45 21.58
CA ASP A 495 4.68 -21.56 22.46
C ASP A 495 5.83 -21.88 23.41
N ASN A 496 7.06 -21.88 22.88
CA ASN A 496 8.23 -22.22 23.68
C ASN A 496 8.45 -21.14 24.74
N PHE A 497 8.10 -19.92 24.38
CA PHE A 497 8.36 -18.79 25.26
C PHE A 497 7.33 -18.79 26.38
N VAL A 498 6.05 -19.05 26.06
CA VAL A 498 4.98 -19.16 27.03
C VAL A 498 5.32 -20.24 28.06
N GLU A 499 5.72 -21.44 27.61
CA GLU A 499 6.01 -22.54 28.52
C GLU A 499 7.21 -22.17 29.38
N ARG A 500 8.12 -21.35 28.85
CA ARG A 500 9.28 -21.02 29.64
C ARG A 500 8.87 -20.05 30.76
N LEU A 501 7.92 -19.17 30.41
CA LEU A 501 7.43 -18.07 31.25
C LEU A 501 6.59 -18.64 32.40
N ARG A 502 5.77 -19.68 32.10
CA ARG A 502 5.02 -20.46 33.08
C ARG A 502 5.95 -21.08 34.12
N LYS A 503 7.02 -21.78 33.70
CA LYS A 503 7.94 -22.43 34.63
C LYS A 503 9.13 -21.52 34.97
N LEU A 517 25.83 -8.79 32.29
CA LEU A 517 24.77 -7.92 31.72
C LEU A 517 24.21 -8.46 30.40
N ASP A 518 25.10 -8.86 29.50
CA ASP A 518 24.75 -9.50 28.24
C ASP A 518 24.02 -10.80 28.57
N GLU A 519 24.53 -11.50 29.60
CA GLU A 519 23.89 -12.72 30.08
C GLU A 519 22.47 -12.41 30.56
N THR A 520 22.32 -11.32 31.33
CA THR A 520 21.07 -10.97 31.98
C THR A 520 20.02 -10.63 30.92
N LEU A 521 20.40 -9.74 30.00
CA LEU A 521 19.51 -9.29 28.93
C LEU A 521 18.99 -10.48 28.12
N SER A 522 19.85 -11.46 27.86
CA SER A 522 19.41 -12.58 27.04
C SER A 522 18.13 -13.20 27.59
N THR A 523 17.91 -13.18 28.93
CA THR A 523 16.75 -13.87 29.50
C THR A 523 15.78 -12.97 30.26
N ALA A 524 16.04 -11.66 30.31
CA ALA A 524 15.18 -10.74 31.05
C ALA A 524 13.68 -10.98 30.83
N SER A 525 13.26 -11.52 29.69
CA SER A 525 11.84 -11.54 29.34
C SER A 525 11.20 -12.76 29.97
N VAL A 526 12.02 -13.67 30.51
CA VAL A 526 11.46 -14.81 31.23
C VAL A 526 11.71 -14.64 32.72
N ASP A 527 12.84 -14.02 33.09
CA ASP A 527 13.27 -13.87 34.46
C ASP A 527 12.41 -12.84 35.20
N ASN A 528 11.86 -11.89 34.46
CA ASN A 528 10.99 -10.84 34.97
C ASN A 528 9.59 -11.08 34.37
N PRO A 529 8.73 -11.90 35.02
CA PRO A 529 7.45 -12.29 34.44
C PRO A 529 6.66 -11.08 33.93
N GLU A 530 6.80 -9.96 34.67
CA GLU A 530 6.16 -8.69 34.36
C GLU A 530 6.49 -8.26 32.93
N VAL A 531 7.76 -8.48 32.54
CA VAL A 531 8.28 -8.07 31.26
C VAL A 531 7.70 -8.93 30.13
N GLY A 532 7.71 -10.27 30.28
CA GLY A 532 7.12 -11.19 29.32
C GLY A 532 5.65 -10.89 29.02
N LEU A 533 4.88 -10.58 30.07
CA LEU A 533 3.46 -10.42 29.91
C LEU A 533 3.20 -9.13 29.13
N GLU A 534 3.98 -8.10 29.42
CA GLU A 534 3.79 -6.82 28.75
C GLU A 534 4.09 -7.02 27.26
N TYR A 535 5.15 -7.78 26.98
CA TYR A 535 5.50 -8.10 25.61
C TYR A 535 4.31 -8.80 24.96
N LEU A 536 3.76 -9.83 25.63
CA LEU A 536 2.63 -10.56 25.07
C LEU A 536 1.40 -9.66 24.97
N ARG A 537 1.26 -8.67 25.88
CA ARG A 537 0.13 -7.78 25.85
C ARG A 537 0.14 -7.02 24.53
N ARG A 538 1.34 -6.48 24.17
CA ARG A 538 1.46 -5.60 23.01
C ARG A 538 1.30 -6.37 21.70
N LEU A 539 1.69 -7.65 21.70
CA LEU A 539 1.77 -8.44 20.49
C LEU A 539 0.42 -9.11 20.22
N TYR A 540 -0.29 -9.43 21.33
CA TYR A 540 -1.50 -10.23 21.30
C TYR A 540 -2.49 -9.71 20.25
N PRO A 541 -2.78 -8.39 20.17
CA PRO A 541 -3.68 -7.87 19.13
C PRO A 541 -3.27 -8.27 17.72
N LEU A 542 -1.96 -8.32 17.45
CA LEU A 542 -1.48 -8.57 16.10
C LEU A 542 -1.63 -10.06 15.79
N LEU A 543 -1.32 -10.91 16.77
CA LEU A 543 -1.54 -12.34 16.63
C LEU A 543 -2.99 -12.58 16.24
N ARG A 544 -3.91 -11.88 16.93
CA ARG A 544 -5.34 -12.10 16.69
C ARG A 544 -5.73 -11.55 15.31
N ARG A 545 -5.15 -10.40 14.93
CA ARG A 545 -5.41 -9.88 13.61
C ARG A 545 -4.98 -10.89 12.55
N GLN A 546 -3.78 -11.47 12.73
CA GLN A 546 -3.36 -12.48 11.77
C GLN A 546 -4.35 -13.63 11.72
N PHE A 547 -4.78 -14.08 12.90
CA PHE A 547 -5.71 -15.21 12.98
C PHE A 547 -6.95 -14.91 12.15
N ASP A 548 -7.51 -13.71 12.34
CA ASP A 548 -8.76 -13.33 11.68
C ASP A 548 -8.54 -13.28 10.18
N TRP A 549 -7.33 -12.82 9.80
CA TRP A 549 -6.97 -12.65 8.41
C TRP A 549 -6.94 -13.98 7.67
N PHE A 550 -6.35 -15.00 8.30
CA PHE A 550 -6.37 -16.35 7.75
C PHE A 550 -7.79 -16.79 7.42
N ARG A 551 -8.69 -16.65 8.41
CA ARG A 551 -10.06 -17.14 8.33
C ARG A 551 -10.87 -16.30 7.34
N LYS A 552 -10.49 -15.04 7.17
CA LYS A 552 -11.09 -14.17 6.16
C LYS A 552 -10.54 -14.49 4.76
N THR A 553 -9.23 -14.65 4.59
CA THR A 553 -8.72 -14.69 3.22
C THR A 553 -8.43 -16.11 2.74
N GLN A 554 -8.24 -17.06 3.67
CA GLN A 554 -7.82 -18.42 3.28
C GLN A 554 -8.94 -19.43 3.57
N ALA A 555 -10.20 -19.01 3.44
CA ALA A 555 -11.30 -19.82 3.93
C ALA A 555 -11.70 -20.79 2.84
N GLY A 556 -12.09 -22.02 3.22
CA GLY A 556 -12.59 -22.92 2.19
C GLY A 556 -14.12 -22.95 2.19
N ASP A 557 -14.70 -23.62 1.19
CA ASP A 557 -16.13 -23.63 1.00
C ASP A 557 -16.75 -24.95 1.47
N ILE A 558 -17.39 -24.93 2.65
CA ILE A 558 -18.28 -26.01 3.05
C ILE A 558 -19.70 -25.82 2.50
N LYS A 559 -20.31 -24.66 2.79
CA LYS A 559 -21.77 -24.45 2.71
C LYS A 559 -22.32 -24.67 1.29
N SER A 560 -21.56 -24.40 0.24
CA SER A 560 -22.16 -24.39 -1.09
C SER A 560 -21.97 -25.72 -1.85
N TYR A 561 -21.55 -26.76 -1.13
CA TYR A 561 -21.36 -28.08 -1.71
C TYR A 561 -22.11 -29.11 -0.86
N ASP A 562 -22.37 -30.30 -1.44
CA ASP A 562 -22.85 -31.46 -0.70
C ASP A 562 -21.75 -31.97 0.22
N ARG A 563 -21.51 -31.24 1.32
CA ARG A 563 -20.47 -31.54 2.31
C ARG A 563 -21.10 -31.58 3.70
N GLU A 564 -21.01 -32.73 4.36
CA GLU A 564 -21.43 -32.86 5.75
C GLU A 564 -20.20 -32.79 6.66
N ALA A 565 -20.32 -32.08 7.77
CA ALA A 565 -19.26 -31.91 8.76
C ALA A 565 -19.84 -31.28 10.02
N TYR A 566 -19.14 -31.47 11.13
CA TYR A 566 -19.54 -30.97 12.43
C TYR A 566 -19.72 -29.45 12.46
N SER A 567 -18.75 -28.69 11.91
CA SER A 567 -18.80 -27.24 11.88
C SER A 567 -19.02 -26.78 10.45
N THR A 568 -19.69 -25.63 10.25
CA THR A 568 -19.84 -25.09 8.90
C THR A 568 -18.80 -23.99 8.67
N LYS A 569 -18.05 -23.68 9.71
CA LYS A 569 -17.10 -22.59 9.67
C LYS A 569 -15.71 -23.08 9.23
N GLU A 570 -15.24 -24.24 9.74
CA GLU A 570 -13.83 -24.57 9.79
C GLU A 570 -13.37 -25.38 8.58
N ALA A 571 -12.78 -24.69 7.59
CA ALA A 571 -12.29 -25.27 6.34
C ALA A 571 -11.41 -24.24 5.63
N TYR A 572 -10.27 -24.70 5.10
CA TYR A 572 -9.27 -23.77 4.60
C TYR A 572 -8.73 -24.18 3.26
N ARG A 573 -8.42 -23.17 2.44
CA ARG A 573 -7.75 -23.43 1.19
C ARG A 573 -6.71 -22.34 1.00
N TRP A 574 -5.44 -22.73 0.81
CA TRP A 574 -4.37 -21.80 0.43
C TRP A 574 -4.74 -21.12 -0.88
N ARG A 575 -4.79 -19.80 -0.85
CA ARG A 575 -4.81 -19.04 -2.10
C ARG A 575 -3.41 -19.06 -2.70
N GLY A 576 -3.37 -19.10 -4.03
CA GLY A 576 -2.16 -18.81 -4.78
C GLY A 576 -1.70 -20.04 -5.55
N ARG A 577 -2.55 -21.06 -5.65
CA ARG A 577 -2.01 -22.26 -6.26
C ARG A 577 -2.08 -22.19 -7.78
N THR A 578 -1.01 -22.71 -8.40
CA THR A 578 -0.98 -22.95 -9.83
C THR A 578 -1.18 -24.46 -10.05
N VAL A 579 -1.29 -24.87 -11.31
CA VAL A 579 -1.50 -26.26 -11.67
C VAL A 579 -0.43 -27.14 -11.00
N SER A 580 0.82 -26.67 -10.99
CA SER A 580 1.95 -27.50 -10.58
C SER A 580 2.46 -27.12 -9.19
N HIS A 581 2.08 -25.94 -8.70
CA HIS A 581 2.70 -25.44 -7.49
C HIS A 581 1.66 -25.03 -6.45
N CYS A 582 2.14 -24.96 -5.21
CA CYS A 582 1.43 -24.25 -4.15
C CYS A 582 2.46 -23.56 -3.24
N LEU A 583 3.01 -22.45 -3.72
CA LEU A 583 4.15 -21.81 -3.08
C LEU A 583 3.79 -21.33 -1.68
N THR A 584 2.51 -21.02 -1.46
CA THR A 584 2.16 -20.34 -0.22
C THR A 584 2.23 -21.32 0.94
N SER A 585 2.02 -22.62 0.66
CA SER A 585 2.01 -23.64 1.72
C SER A 585 3.42 -23.88 2.28
N GLY A 586 4.45 -23.46 1.52
CA GLY A 586 5.83 -23.72 1.89
C GLY A 586 6.37 -24.98 1.20
N LEU A 587 5.47 -25.90 0.82
CA LEU A 587 5.87 -27.16 0.25
C LEU A 587 5.64 -27.07 -1.26
N ASP A 588 6.57 -26.40 -1.94
CA ASP A 588 6.39 -25.84 -3.27
C ASP A 588 5.58 -26.75 -4.16
N ASP A 589 6.07 -27.97 -4.40
CA ASP A 589 5.50 -28.77 -5.48
C ASP A 589 4.93 -30.07 -4.95
N TYR A 590 4.62 -30.10 -3.65
CA TYR A 590 3.98 -31.31 -3.15
C TYR A 590 2.68 -31.46 -3.92
N PRO A 591 2.34 -32.69 -4.36
CA PRO A 591 1.18 -32.91 -5.24
C PRO A 591 -0.10 -32.55 -4.49
N ARG A 592 -0.98 -31.82 -5.18
CA ARG A 592 -2.24 -31.35 -4.63
C ARG A 592 -3.36 -31.79 -5.58
N PRO A 593 -4.66 -31.67 -5.24
CA PRO A 593 -5.72 -32.08 -6.18
C PRO A 593 -5.51 -31.47 -7.58
N GLN A 594 -5.73 -32.29 -8.61
CA GLN A 594 -5.70 -31.84 -10.00
C GLN A 594 -7.10 -32.02 -10.57
N PRO A 595 -7.65 -30.96 -11.23
CA PRO A 595 -6.94 -29.69 -11.38
C PRO A 595 -7.29 -28.88 -10.13
N PRO A 596 -6.65 -27.72 -9.89
CA PRO A 596 -6.94 -26.92 -8.71
C PRO A 596 -8.38 -26.43 -8.84
N HIS A 597 -8.99 -26.04 -7.71
CA HIS A 597 -10.43 -25.92 -7.75
C HIS A 597 -10.90 -25.13 -6.54
N PRO A 598 -11.89 -24.22 -6.70
CA PRO A 598 -12.35 -23.38 -5.58
C PRO A 598 -12.88 -24.19 -4.40
N GLY A 599 -13.21 -25.46 -4.68
CA GLY A 599 -13.69 -26.34 -3.61
C GLY A 599 -12.60 -27.12 -2.88
N GLU A 600 -11.33 -26.99 -3.30
CA GLU A 600 -10.24 -27.65 -2.60
C GLU A 600 -10.28 -27.31 -1.10
N LEU A 601 -9.82 -28.27 -0.28
CA LEU A 601 -9.52 -28.01 1.12
C LEU A 601 -8.15 -28.62 1.43
N HIS A 602 -7.39 -27.96 2.31
CA HIS A 602 -6.00 -28.31 2.52
C HIS A 602 -5.76 -28.61 3.99
N VAL A 603 -5.32 -29.84 4.27
CA VAL A 603 -5.28 -30.31 5.65
C VAL A 603 -4.11 -29.65 6.36
N ASP A 604 -3.05 -29.30 5.59
CA ASP A 604 -1.92 -28.63 6.26
C ASP A 604 -2.35 -27.28 6.80
N LEU A 605 -3.08 -26.51 5.98
CA LEU A 605 -3.55 -25.18 6.34
C LEU A 605 -4.48 -25.23 7.54
N MET A 606 -5.43 -26.18 7.54
CA MET A 606 -6.29 -26.34 8.71
C MET A 606 -5.48 -26.68 9.97
N SER A 607 -4.44 -27.50 9.84
CA SER A 607 -3.62 -27.79 11.01
C SER A 607 -2.90 -26.54 11.50
N TRP A 608 -2.47 -25.68 10.56
CA TRP A 608 -1.77 -24.47 11.00
C TRP A 608 -2.71 -23.55 11.76
N VAL A 609 -3.97 -23.47 11.32
CA VAL A 609 -4.99 -22.73 12.08
C VAL A 609 -5.12 -23.31 13.49
N GLY A 610 -5.11 -24.64 13.63
CA GLY A 610 -5.09 -25.30 14.93
C GLY A 610 -3.98 -24.80 15.84
N VAL A 611 -2.75 -24.73 15.31
CA VAL A 611 -1.58 -24.28 16.04
C VAL A 611 -1.82 -22.87 16.58
N MET A 612 -2.37 -22.02 15.71
CA MET A 612 -2.68 -20.63 16.05
C MET A 612 -3.67 -20.57 17.21
N VAL A 613 -4.84 -21.26 17.09
CA VAL A 613 -5.83 -21.20 18.17
C VAL A 613 -5.24 -21.66 19.50
N LYS A 614 -4.41 -22.70 19.46
CA LYS A 614 -3.85 -23.21 20.70
C LYS A 614 -3.00 -22.15 21.38
N SER A 615 -2.27 -21.34 20.63
CA SER A 615 -1.34 -20.38 21.22
C SER A 615 -2.13 -19.18 21.72
N LEU A 616 -3.17 -18.81 20.96
CA LEU A 616 -4.08 -17.73 21.32
C LEU A 616 -4.82 -18.07 22.62
N ILE A 617 -5.28 -19.32 22.78
CA ILE A 617 -5.78 -19.81 24.06
C ILE A 617 -4.75 -19.56 25.16
N SER A 618 -3.49 -20.00 24.97
CA SER A 618 -2.50 -19.90 26.03
C SER A 618 -2.20 -18.45 26.38
N ILE A 619 -2.11 -17.59 25.35
CA ILE A 619 -1.69 -16.21 25.60
C ILE A 619 -2.89 -15.43 26.14
N GLY A 620 -4.06 -15.64 25.52
CA GLY A 620 -5.33 -15.10 25.99
C GLY A 620 -5.54 -15.31 27.49
N SER A 621 -5.38 -16.56 27.93
CA SER A 621 -5.46 -16.89 29.35
C SER A 621 -4.51 -16.01 30.15
N LEU A 622 -3.25 -15.93 29.71
CA LEU A 622 -2.24 -15.27 30.52
C LEU A 622 -2.59 -13.81 30.77
N LEU A 623 -3.37 -13.24 29.84
CA LEU A 623 -3.75 -11.83 29.85
C LEU A 623 -5.20 -11.70 30.37
N GLY A 624 -5.86 -12.85 30.57
CA GLY A 624 -7.19 -12.90 31.12
C GLY A 624 -8.26 -12.41 30.15
N ALA A 625 -8.09 -12.63 28.84
CA ALA A 625 -9.09 -12.17 27.87
C ALA A 625 -10.16 -13.25 27.64
N THR A 626 -11.16 -13.26 28.53
CA THR A 626 -11.98 -14.45 28.74
C THR A 626 -12.96 -14.68 27.61
N GLU A 627 -13.58 -13.57 27.16
CA GLU A 627 -14.41 -13.54 25.96
C GLU A 627 -13.71 -14.25 24.79
N ASP A 628 -12.47 -13.81 24.53
CA ASP A 628 -11.59 -14.32 23.49
C ASP A 628 -11.34 -15.82 23.67
N VAL A 629 -10.85 -16.20 24.86
CA VAL A 629 -10.47 -17.57 25.17
C VAL A 629 -11.60 -18.55 24.86
N GLU A 630 -12.85 -18.14 25.08
CA GLU A 630 -13.98 -19.03 24.86
C GLU A 630 -14.30 -19.13 23.37
N PHE A 631 -14.13 -18.03 22.62
CA PHE A 631 -14.27 -18.11 21.17
C PHE A 631 -13.26 -19.10 20.59
N TYR A 632 -11.99 -18.96 20.99
CA TYR A 632 -10.94 -19.85 20.54
C TYR A 632 -11.26 -21.30 20.88
N THR A 633 -11.79 -21.53 22.09
CA THR A 633 -12.02 -22.88 22.59
C THR A 633 -12.98 -23.60 21.65
N LYS A 634 -13.98 -22.88 21.15
CA LYS A 634 -14.97 -23.51 20.30
C LYS A 634 -14.42 -23.70 18.89
N VAL A 635 -13.47 -22.84 18.48
CA VAL A 635 -12.84 -22.99 17.17
C VAL A 635 -11.94 -24.23 17.17
N LEU A 636 -11.13 -24.37 18.22
CA LEU A 636 -10.29 -25.55 18.38
C LEU A 636 -11.14 -26.81 18.36
N ASP A 637 -12.22 -26.83 19.18
CA ASP A 637 -13.14 -27.95 19.19
C ASP A 637 -13.58 -28.27 17.77
N ALA A 638 -13.94 -27.23 17.01
CA ALA A 638 -14.49 -27.43 15.68
C ALA A 638 -13.43 -27.92 14.67
N ILE A 639 -12.18 -27.47 14.83
CA ILE A 639 -11.12 -27.93 13.95
C ILE A 639 -10.84 -29.41 14.23
N GLU A 640 -10.84 -29.79 15.52
CA GLU A 640 -10.63 -31.18 15.90
C GLU A 640 -11.64 -32.09 15.19
N HIS A 641 -12.92 -31.69 15.20
CA HIS A 641 -13.92 -32.56 14.58
C HIS A 641 -13.78 -32.50 13.05
N ASN A 642 -13.52 -31.29 12.54
CA ASN A 642 -13.58 -31.06 11.11
C ASN A 642 -12.39 -31.69 10.40
N LEU A 643 -11.25 -31.84 11.10
CA LEU A 643 -10.10 -32.57 10.56
C LEU A 643 -10.52 -34.01 10.22
N ASP A 644 -11.31 -34.60 11.13
CA ASP A 644 -11.80 -35.96 10.91
C ASP A 644 -12.83 -35.97 9.79
N ASP A 645 -13.79 -35.03 9.82
CA ASP A 645 -14.94 -35.12 8.92
C ASP A 645 -14.53 -34.90 7.48
N LEU A 646 -13.62 -33.94 7.25
CA LEU A 646 -13.28 -33.53 5.90
C LEU A 646 -11.97 -34.15 5.41
N HIS A 647 -11.06 -34.47 6.34
CA HIS A 647 -9.70 -34.79 5.93
C HIS A 647 -9.28 -36.23 6.19
N TRP A 648 -9.97 -36.98 7.07
CA TRP A 648 -9.50 -38.33 7.38
C TRP A 648 -9.96 -39.35 6.36
N SER A 649 -9.02 -40.15 5.82
CA SER A 649 -9.34 -41.29 4.96
C SER A 649 -9.22 -42.59 5.74
N GLU A 650 -10.36 -43.29 5.90
CA GLU A 650 -10.37 -44.60 6.54
C GLU A 650 -9.66 -45.62 5.65
N LYS A 651 -9.93 -45.61 4.34
CA LYS A 651 -9.30 -46.51 3.38
C LYS A 651 -7.77 -46.40 3.40
N GLU A 652 -7.22 -45.18 3.51
CA GLU A 652 -5.79 -45.01 3.25
C GLU A 652 -5.02 -44.97 4.56
N GLY A 653 -5.73 -44.72 5.66
CA GLY A 653 -5.08 -44.68 6.96
C GLY A 653 -4.32 -43.38 7.23
N CYS A 654 -4.73 -42.26 6.61
CA CYS A 654 -4.07 -40.99 6.89
C CYS A 654 -4.97 -39.80 6.52
N TYR A 655 -4.52 -38.58 6.87
CA TYR A 655 -5.17 -37.35 6.46
C TYR A 655 -4.86 -37.05 4.99
N CYS A 656 -5.82 -36.38 4.32
CA CYS A 656 -5.64 -35.99 2.93
C CYS A 656 -6.25 -34.61 2.69
N ASP A 657 -5.75 -33.92 1.66
CA ASP A 657 -6.44 -32.79 1.05
C ASP A 657 -7.74 -33.32 0.42
N ALA A 658 -8.69 -32.41 0.11
CA ALA A 658 -9.94 -32.76 -0.58
C ALA A 658 -10.20 -31.80 -1.73
N THR A 659 -11.00 -32.23 -2.74
CA THR A 659 -11.53 -31.33 -3.75
C THR A 659 -13.04 -31.53 -3.85
N ILE A 660 -13.63 -31.09 -4.97
CA ILE A 660 -14.93 -31.58 -5.36
C ILE A 660 -14.83 -32.13 -6.79
N ASP A 661 -15.57 -33.23 -7.04
CA ASP A 661 -15.57 -34.07 -8.23
C ASP A 661 -16.04 -33.35 -9.49
N GLU A 662 -16.04 -34.10 -10.60
CA GLU A 662 -16.73 -33.76 -11.84
C GLU A 662 -18.23 -33.66 -11.57
N PHE A 663 -18.73 -34.50 -10.65
CA PHE A 663 -20.15 -34.56 -10.34
C PHE A 663 -20.46 -33.78 -9.05
N GLU A 664 -19.56 -32.87 -8.69
CA GLU A 664 -19.75 -31.87 -7.63
C GLU A 664 -19.86 -32.49 -6.23
N GLU A 665 -19.31 -33.71 -6.01
CA GLU A 665 -19.27 -34.25 -4.65
C GLU A 665 -17.82 -34.17 -4.13
N HIS A 666 -17.68 -34.16 -2.79
CA HIS A 666 -16.40 -34.09 -2.11
C HIS A 666 -15.60 -35.39 -2.33
N LYS A 667 -14.34 -35.25 -2.76
CA LYS A 667 -13.42 -36.34 -3.01
C LYS A 667 -12.20 -36.10 -2.13
N LEU A 668 -11.76 -37.14 -1.41
CA LEU A 668 -10.47 -37.12 -0.75
C LEU A 668 -9.40 -37.39 -1.80
N VAL A 669 -8.28 -36.67 -1.74
CA VAL A 669 -7.18 -36.90 -2.68
C VAL A 669 -5.91 -37.17 -1.89
N CYS A 670 -5.49 -38.45 -1.85
CA CYS A 670 -4.41 -38.84 -0.95
C CYS A 670 -3.08 -39.02 -1.66
N HIS A 671 -2.09 -38.27 -1.17
CA HIS A 671 -0.71 -38.47 -1.54
C HIS A 671 0.04 -38.62 -0.22
N LYS A 672 0.52 -39.84 0.03
CA LYS A 672 1.10 -40.16 1.32
C LYS A 672 2.47 -39.49 1.39
N GLY A 673 2.65 -38.69 2.44
CA GLY A 673 3.87 -37.93 2.60
C GLY A 673 3.68 -36.95 3.74
N TYR A 674 4.48 -35.89 3.76
CA TYR A 674 4.44 -34.91 4.84
C TYR A 674 3.03 -34.37 5.10
N ILE A 675 2.31 -33.96 4.05
CA ILE A 675 0.95 -33.46 4.15
C ILE A 675 0.12 -34.40 5.03
N SER A 676 0.30 -35.72 4.85
CA SER A 676 -0.61 -36.73 5.38
C SER A 676 -0.55 -36.82 6.90
N LEU A 677 0.55 -36.33 7.49
CA LEU A 677 0.81 -36.42 8.91
C LEU A 677 0.55 -35.08 9.60
N PHE A 678 0.03 -34.09 8.85
CA PHE A 678 0.02 -32.73 9.37
C PHE A 678 -0.61 -32.61 10.75
N PRO A 679 -1.82 -33.16 11.01
CA PRO A 679 -2.43 -33.05 12.35
C PRO A 679 -1.50 -33.50 13.47
N PHE A 680 -0.73 -34.58 13.18
CA PHE A 680 0.27 -35.11 14.09
C PHE A 680 1.47 -34.17 14.23
N LEU A 681 1.99 -33.64 13.10
CA LEU A 681 3.18 -32.80 13.15
C LEU A 681 2.96 -31.56 14.01
N THR A 682 1.71 -31.10 14.06
CA THR A 682 1.40 -29.78 14.56
C THR A 682 0.86 -29.88 15.99
N GLY A 683 0.83 -31.11 16.53
CA GLY A 683 0.54 -31.37 17.93
C GLY A 683 -0.96 -31.38 18.24
N LEU A 684 -1.78 -31.80 17.27
CA LEU A 684 -3.23 -31.67 17.43
C LEU A 684 -3.86 -32.98 17.89
N LEU A 685 -3.10 -34.09 17.89
CA LEU A 685 -3.69 -35.40 18.13
C LEU A 685 -3.48 -35.82 19.59
N LYS A 686 -4.53 -36.43 20.16
CA LYS A 686 -4.51 -36.96 21.51
C LYS A 686 -3.60 -38.19 21.53
N PRO A 687 -2.74 -38.36 22.58
CA PRO A 687 -1.80 -39.49 22.67
C PRO A 687 -2.36 -40.91 22.60
N ASP A 688 -3.69 -41.05 22.75
CA ASP A 688 -4.37 -42.34 22.71
C ASP A 688 -5.12 -42.50 21.39
N SER A 689 -4.93 -41.55 20.47
CA SER A 689 -5.75 -41.54 19.28
C SER A 689 -5.45 -42.77 18.42
N PRO A 690 -6.47 -43.53 17.99
CA PRO A 690 -6.27 -44.58 16.99
C PRO A 690 -5.74 -44.07 15.65
N LYS A 691 -6.12 -42.84 15.30
CA LYS A 691 -5.66 -42.28 14.04
C LYS A 691 -4.14 -42.08 14.13
N LEU A 692 -3.69 -41.56 15.28
CA LEU A 692 -2.27 -41.40 15.57
C LEU A 692 -1.51 -42.72 15.35
N GLY A 693 -2.01 -43.81 15.94
CA GLY A 693 -1.39 -45.11 15.80
C GLY A 693 -1.29 -45.52 14.33
N LYS A 694 -2.26 -45.08 13.51
CA LYS A 694 -2.20 -45.40 12.08
C LYS A 694 -1.12 -44.57 11.40
N LEU A 695 -0.87 -43.36 11.92
CA LEU A 695 0.10 -42.45 11.33
C LEU A 695 1.50 -42.93 11.68
N LEU A 696 1.66 -43.45 12.92
CA LEU A 696 2.92 -44.02 13.38
C LEU A 696 3.29 -45.19 12.49
N ALA A 697 2.26 -45.96 12.10
CA ALA A 697 2.49 -47.03 11.15
C ALA A 697 3.10 -46.46 9.88
N LEU A 698 2.52 -45.37 9.38
CA LEU A 698 2.94 -44.80 8.10
C LEU A 698 4.35 -44.18 8.23
N ILE A 699 4.61 -43.48 9.33
CA ILE A 699 5.91 -42.86 9.55
C ILE A 699 7.00 -43.92 9.55
N GLY A 700 6.72 -45.04 10.26
CA GLY A 700 7.69 -46.12 10.43
C GLY A 700 7.95 -46.98 9.19
N ASP A 701 7.03 -46.97 8.22
CA ASP A 701 7.01 -47.93 7.11
C ASP A 701 8.07 -47.57 6.06
N GLU A 702 9.07 -48.44 5.94
CA GLU A 702 10.21 -48.18 5.07
C GLU A 702 9.74 -48.08 3.61
N SER A 703 8.63 -48.73 3.27
CA SER A 703 8.28 -48.81 1.85
C SER A 703 7.46 -47.58 1.47
N GLU A 704 7.19 -46.71 2.46
CA GLU A 704 6.45 -45.47 2.30
C GLU A 704 7.41 -44.30 2.53
N LEU A 705 7.56 -43.88 3.80
CA LEU A 705 8.17 -42.61 4.18
C LEU A 705 9.56 -42.76 4.78
N TRP A 706 9.82 -43.91 5.42
CA TRP A 706 10.99 -44.12 6.29
C TRP A 706 12.20 -44.53 5.44
N SER A 707 13.18 -43.66 5.34
CA SER A 707 14.40 -44.04 4.64
C SER A 707 15.49 -44.08 5.69
N PRO A 708 16.66 -44.64 5.38
CA PRO A 708 17.76 -44.68 6.36
C PRO A 708 18.19 -43.28 6.79
N TYR A 709 17.77 -42.25 6.04
CA TYR A 709 18.33 -40.89 6.16
C TYR A 709 17.35 -39.92 6.81
N GLY A 710 16.10 -40.36 7.01
CA GLY A 710 15.03 -39.52 7.55
C GLY A 710 13.75 -39.75 6.77
N LEU A 711 12.68 -39.00 7.10
CA LEU A 711 11.40 -39.29 6.48
C LEU A 711 11.38 -38.62 5.10
N ARG A 712 10.99 -39.36 4.06
CA ARG A 712 10.80 -38.83 2.72
C ARG A 712 9.59 -37.88 2.69
N SER A 713 9.74 -36.80 1.89
CA SER A 713 8.71 -35.80 1.72
C SER A 713 7.42 -36.42 1.15
N LEU A 714 7.58 -37.38 0.23
CA LEU A 714 6.52 -38.12 -0.43
C LEU A 714 6.83 -39.63 -0.42
N SER A 715 5.79 -40.46 -0.31
CA SER A 715 5.95 -41.92 -0.31
C SER A 715 6.44 -42.46 -1.65
N LYS A 716 7.28 -43.51 -1.55
CA LYS A 716 7.81 -44.22 -2.70
C LYS A 716 6.66 -44.85 -3.49
N LYS A 717 5.52 -45.04 -2.81
CA LYS A 717 4.35 -45.65 -3.42
C LYS A 717 3.56 -44.63 -4.22
N ASP A 718 3.69 -43.33 -3.90
CA ASP A 718 2.89 -42.32 -4.59
C ASP A 718 3.27 -42.25 -6.07
N GLU A 719 2.27 -42.13 -6.94
CA GLU A 719 2.55 -42.02 -8.37
C GLU A 719 3.43 -40.81 -8.71
N PHE A 720 3.51 -39.83 -7.80
CA PHE A 720 4.25 -38.60 -8.10
C PHE A 720 5.65 -38.62 -7.48
N TYR A 721 6.05 -39.75 -6.89
CA TYR A 721 7.38 -39.87 -6.32
C TYR A 721 8.45 -39.56 -7.36
N GLY A 722 9.36 -38.66 -6.98
CA GLY A 722 10.53 -38.29 -7.77
C GLY A 722 10.16 -37.75 -9.15
N THR A 723 9.01 -37.09 -9.31
CA THR A 723 8.58 -36.60 -10.62
C THR A 723 8.77 -35.08 -10.72
N ALA A 724 8.64 -34.55 -11.96
CA ALA A 724 8.73 -33.13 -12.26
C ALA A 724 10.03 -32.58 -11.69
N GLU A 725 9.97 -31.55 -10.84
CA GLU A 725 11.17 -30.90 -10.34
C GLU A 725 11.62 -31.59 -9.06
N ASN A 726 10.74 -32.46 -8.51
CA ASN A 726 11.10 -33.35 -7.42
C ASN A 726 11.64 -32.57 -6.23
N TYR A 727 10.91 -31.53 -5.82
CA TYR A 727 11.43 -30.65 -4.79
C TYR A 727 11.00 -31.17 -3.41
N TRP A 728 9.68 -31.32 -3.29
CA TRP A 728 9.02 -31.82 -2.12
C TRP A 728 8.36 -33.14 -2.50
N ARG A 729 8.88 -33.83 -3.51
CA ARG A 729 8.27 -35.08 -3.93
C ARG A 729 9.15 -36.31 -3.69
N SER A 730 10.06 -36.26 -2.70
CA SER A 730 10.81 -37.43 -2.19
C SER A 730 11.89 -36.98 -1.23
N PRO A 731 12.60 -35.85 -1.46
CA PRO A 731 13.73 -35.50 -0.61
C PRO A 731 13.37 -35.35 0.88
N VAL A 732 14.39 -35.44 1.72
CA VAL A 732 14.28 -35.38 3.18
C VAL A 732 14.55 -33.93 3.61
N TRP A 733 13.59 -33.35 4.33
CA TRP A 733 13.69 -31.95 4.74
C TRP A 733 13.77 -31.86 6.26
N ILE A 734 14.74 -31.11 6.75
CA ILE A 734 15.02 -31.16 8.18
C ILE A 734 13.90 -30.51 8.97
N ASN A 735 13.27 -29.42 8.43
CA ASN A 735 12.25 -28.68 9.16
C ASN A 735 11.08 -29.58 9.59
N ILE A 736 10.56 -30.39 8.65
CA ILE A 736 9.47 -31.31 8.89
C ILE A 736 9.94 -32.50 9.74
N ASN A 737 11.13 -33.02 9.44
CA ASN A 737 11.72 -34.07 10.26
C ASN A 737 11.77 -33.60 11.71
N TYR A 738 12.11 -32.31 11.92
CA TYR A 738 12.19 -31.76 13.27
C TYR A 738 10.82 -31.79 13.93
N LEU A 739 9.78 -31.36 13.22
CA LEU A 739 8.48 -31.44 13.86
C LEU A 739 8.15 -32.90 14.21
N ALA A 740 8.50 -33.86 13.34
CA ALA A 740 8.15 -35.26 13.61
C ALA A 740 8.90 -35.72 14.86
N ILE A 741 10.16 -35.35 14.96
CA ILE A 741 10.97 -35.83 16.03
C ILE A 741 10.39 -35.32 17.34
N VAL A 742 9.98 -34.05 17.36
CA VAL A 742 9.52 -33.38 18.57
C VAL A 742 8.21 -34.02 19.05
N GLN A 743 7.31 -34.33 18.11
CA GLN A 743 6.06 -34.99 18.42
C GLN A 743 6.25 -36.46 18.82
N LEU A 744 7.25 -37.15 18.27
CA LEU A 744 7.48 -38.55 18.62
C LEU A 744 7.91 -38.63 20.08
N TYR A 745 8.78 -37.70 20.48
CA TYR A 745 9.29 -37.58 21.82
C TYR A 745 8.16 -37.26 22.80
N ASN A 746 7.19 -36.46 22.35
CA ASN A 746 6.07 -36.09 23.21
C ASN A 746 5.27 -37.35 23.60
N ILE A 747 4.94 -38.17 22.60
CA ILE A 747 4.27 -39.43 22.84
C ILE A 747 5.17 -40.40 23.60
N ALA A 748 6.50 -40.35 23.38
CA ALA A 748 7.39 -41.29 24.03
C ALA A 748 7.55 -41.06 25.55
N THR A 749 7.29 -39.85 26.05
CA THR A 749 7.55 -39.52 27.44
C THR A 749 6.25 -39.22 28.17
N GLN A 750 5.19 -39.97 27.80
CA GLN A 750 3.91 -39.97 28.49
C GLN A 750 3.30 -41.36 28.42
N ASP A 751 2.54 -41.73 29.46
CA ASP A 751 1.70 -42.93 29.47
C ASP A 751 0.74 -42.87 28.28
N GLY A 752 0.59 -44.03 27.61
CA GLY A 752 -0.41 -44.24 26.56
C GLY A 752 -0.07 -45.49 25.75
N PRO A 753 -0.97 -45.96 24.85
CA PRO A 753 -0.70 -47.14 24.01
C PRO A 753 0.48 -47.08 23.04
N TYR A 754 0.96 -45.87 22.71
CA TYR A 754 1.93 -45.75 21.63
C TYR A 754 3.29 -45.34 22.20
N LYS A 755 3.35 -45.16 23.52
CA LYS A 755 4.58 -44.82 24.22
C LYS A 755 5.81 -45.53 23.62
N GLU A 756 5.76 -46.86 23.52
CA GLU A 756 6.95 -47.63 23.18
C GLU A 756 7.24 -47.57 21.68
N THR A 757 6.22 -47.60 20.79
CA THR A 757 6.48 -47.40 19.37
C THR A 757 7.12 -46.04 19.11
N ALA A 758 6.55 -44.99 19.71
CA ALA A 758 7.09 -43.65 19.60
C ALA A 758 8.54 -43.58 20.09
N ARG A 759 8.83 -44.19 21.23
CA ARG A 759 10.19 -44.16 21.75
C ARG A 759 11.17 -44.75 20.73
N ASP A 760 10.81 -45.87 20.08
CA ASP A 760 11.70 -46.52 19.13
C ASP A 760 11.96 -45.58 17.95
N LEU A 761 10.87 -45.09 17.32
CA LEU A 761 10.91 -44.17 16.19
C LEU A 761 11.69 -42.88 16.53
N TYR A 762 11.38 -42.29 17.70
CA TYR A 762 12.09 -41.10 18.14
C TYR A 762 13.58 -41.38 18.13
N THR A 763 13.99 -42.50 18.77
CA THR A 763 15.40 -42.81 18.98
C THR A 763 16.10 -42.88 17.61
N ARG A 764 15.50 -43.64 16.70
CA ARG A 764 16.05 -43.91 15.39
C ARG A 764 16.03 -42.66 14.54
N LEU A 765 14.90 -41.93 14.52
CA LEU A 765 14.77 -40.82 13.58
C LEU A 765 15.71 -39.69 13.96
N ARG A 766 15.92 -39.51 15.27
CA ARG A 766 16.84 -38.46 15.71
C ARG A 766 18.24 -38.78 15.21
N LYS A 767 18.53 -40.09 15.27
CA LYS A 767 19.85 -40.61 14.93
C LYS A 767 20.12 -40.40 13.44
N ASN A 768 19.14 -40.78 12.60
CA ASN A 768 19.30 -40.74 11.16
C ASN A 768 19.45 -39.30 10.65
N ILE A 769 18.60 -38.40 11.15
CA ILE A 769 18.61 -37.00 10.74
C ILE A 769 19.94 -36.33 11.15
N VAL A 770 20.33 -36.48 12.42
CA VAL A 770 21.57 -35.85 12.82
C VAL A 770 22.75 -36.41 12.01
N GLU A 771 22.79 -37.75 11.85
CA GLU A 771 23.92 -38.38 11.19
C GLU A 771 23.96 -38.02 9.70
N THR A 772 22.79 -37.89 9.05
CA THR A 772 22.80 -37.50 7.65
C THR A 772 23.36 -36.07 7.52
N VAL A 773 22.92 -35.17 8.42
CA VAL A 773 23.39 -33.80 8.33
C VAL A 773 24.85 -33.74 8.74
N TYR A 774 25.24 -34.53 9.75
CA TYR A 774 26.66 -34.51 10.14
C TYR A 774 27.58 -35.10 9.06
N ARG A 775 27.24 -36.28 8.49
CA ARG A 775 28.04 -36.88 7.42
C ARG A 775 28.29 -35.86 6.30
N ASN A 776 27.23 -35.15 5.84
CA ASN A 776 27.39 -34.21 4.73
C ASN A 776 28.25 -33.02 5.15
N TRP A 777 28.07 -32.51 6.36
CA TRP A 777 28.86 -31.41 6.87
C TRP A 777 30.34 -31.77 6.87
N GLU A 778 30.66 -32.97 7.38
CA GLU A 778 32.01 -33.53 7.40
C GLU A 778 32.60 -33.57 5.99
N GLU A 779 31.90 -34.26 5.06
CA GLU A 779 32.36 -34.38 3.68
C GLU A 779 32.46 -33.01 3.01
N THR A 780 31.45 -32.13 3.13
CA THR A 780 31.37 -31.00 2.20
C THR A 780 31.64 -29.66 2.87
N GLY A 781 31.57 -29.59 4.21
CA GLY A 781 31.64 -28.31 4.90
C GLY A 781 30.30 -27.56 4.96
N PHE A 782 29.22 -28.09 4.37
CA PHE A 782 28.00 -27.28 4.29
C PHE A 782 26.79 -27.98 4.89
N ALA A 783 25.84 -27.14 5.31
CA ALA A 783 24.46 -27.53 5.55
C ALA A 783 23.74 -27.50 4.23
N TRP A 784 22.85 -28.45 3.97
CA TRP A 784 22.16 -28.43 2.70
C TRP A 784 20.67 -28.20 2.92
N GLU A 785 19.98 -27.76 1.85
CA GLU A 785 18.57 -27.44 1.85
C GLU A 785 17.75 -28.70 2.08
N GLN A 786 18.21 -29.82 1.56
CA GLN A 786 17.46 -31.06 1.65
C GLN A 786 18.41 -32.23 1.41
N TYR A 787 17.92 -33.45 1.63
CA TYR A 787 18.81 -34.60 1.55
C TYR A 787 18.12 -35.72 0.78
N ASN A 788 18.97 -36.42 0.02
CA ASN A 788 18.52 -37.43 -0.92
C ASN A 788 18.21 -38.71 -0.15
N PRO A 789 16.99 -39.27 -0.24
CA PRO A 789 16.68 -40.43 0.59
C PRO A 789 17.34 -41.73 0.10
N GLU A 790 17.76 -41.79 -1.17
CA GLU A 790 18.40 -42.97 -1.76
C GLU A 790 19.91 -42.99 -1.43
N THR A 791 20.56 -41.83 -1.37
CA THR A 791 22.01 -41.78 -1.24
C THR A 791 22.47 -41.10 0.04
N GLY A 792 21.58 -40.33 0.67
CA GLY A 792 21.92 -39.53 1.84
C GLY A 792 22.67 -38.25 1.50
N LYS A 793 22.86 -37.97 0.20
CA LYS A 793 23.67 -36.82 -0.18
C LYS A 793 22.85 -35.54 -0.04
N GLY A 794 23.52 -34.48 0.43
CA GLY A 794 22.95 -33.16 0.43
C GLY A 794 22.78 -32.68 -1.01
N GLN A 795 21.68 -31.98 -1.27
CA GLN A 795 21.42 -31.52 -2.63
C GLN A 795 20.63 -30.22 -2.56
N ARG A 796 20.41 -29.59 -3.72
CA ARG A 796 20.00 -28.20 -3.85
C ARG A 796 20.97 -27.28 -3.13
N THR A 797 20.42 -26.31 -2.40
CA THR A 797 21.15 -25.13 -1.98
C THR A 797 22.09 -25.43 -0.81
N GLN A 798 23.30 -24.89 -0.88
CA GLN A 798 24.25 -24.94 0.23
C GLN A 798 24.14 -23.73 1.15
N HIS A 799 24.90 -23.75 2.27
CA HIS A 799 24.87 -22.72 3.28
C HIS A 799 23.43 -22.51 3.75
N PHE A 800 22.66 -23.59 3.84
CA PHE A 800 21.27 -23.45 4.22
C PHE A 800 21.15 -23.52 5.74
N THR A 801 21.46 -22.40 6.41
CA THR A 801 21.30 -22.29 7.86
C THR A 801 20.53 -21.01 8.17
N GLY A 802 19.21 -21.00 7.95
CA GLY A 802 18.51 -22.13 7.40
C GLY A 802 18.05 -23.11 8.48
N TRP A 803 16.91 -23.76 8.23
CA TRP A 803 16.28 -24.60 9.23
C TRP A 803 17.04 -25.92 9.39
N THR A 804 18.00 -26.19 8.49
CA THR A 804 18.89 -27.34 8.69
C THR A 804 19.61 -27.26 10.04
N SER A 805 19.91 -26.06 10.53
CA SER A 805 20.50 -25.91 11.85
C SER A 805 19.59 -26.40 12.99
N LEU A 806 18.30 -26.74 12.75
CA LEU A 806 17.49 -27.31 13.83
C LEU A 806 18.17 -28.55 14.44
N VAL A 807 19.16 -29.06 13.72
CA VAL A 807 19.90 -30.25 14.11
CA VAL A 807 19.85 -30.27 14.13
C VAL A 807 20.54 -30.04 15.48
N VAL A 808 20.95 -28.79 15.80
CA VAL A 808 21.55 -28.50 17.10
CA VAL A 808 21.56 -28.57 17.10
C VAL A 808 20.55 -28.78 18.21
N LYS A 809 19.27 -28.45 17.97
CA LYS A 809 18.21 -28.67 18.94
C LYS A 809 17.92 -30.16 19.06
N ILE A 810 17.84 -30.89 17.94
CA ILE A 810 17.55 -32.33 17.95
C ILE A 810 18.63 -33.06 18.75
N MET A 811 19.88 -32.64 18.58
CA MET A 811 20.99 -33.30 19.23
C MET A 811 20.87 -33.10 20.73
N SER A 812 20.46 -31.90 21.17
CA SER A 812 20.60 -31.55 22.57
C SER A 812 19.40 -32.02 23.41
N GLY A 813 18.29 -32.38 22.74
CA GLY A 813 17.21 -33.18 23.33
C GLY A 813 16.34 -32.43 24.34
N HIS A 814 15.65 -33.18 25.21
CA HIS A 814 14.85 -32.72 26.34
C HIS A 814 13.89 -31.59 25.96
N HIS A 815 12.97 -31.88 25.04
CA HIS A 815 12.08 -30.87 24.48
C HIS A 815 11.17 -30.24 25.55
N GLU B 35 -32.70 11.84 -32.48
CA GLU B 35 -33.47 11.29 -33.65
C GLU B 35 -34.13 12.43 -34.45
N SER B 36 -34.54 13.51 -33.76
CA SER B 36 -34.77 14.75 -34.48
C SER B 36 -33.43 15.43 -34.83
N ILE B 37 -33.35 15.88 -36.09
CA ILE B 37 -32.25 16.67 -36.64
C ILE B 37 -31.85 17.74 -35.65
N LEU B 38 -32.83 18.49 -35.14
CA LEU B 38 -32.49 19.59 -34.26
C LEU B 38 -31.84 19.04 -32.98
N HIS B 39 -32.49 18.05 -32.38
CA HIS B 39 -32.00 17.42 -31.15
C HIS B 39 -30.58 16.90 -31.33
N SER B 40 -30.30 16.17 -32.42
CA SER B 40 -28.96 15.69 -32.66
C SER B 40 -27.97 16.86 -32.69
N GLU B 41 -28.35 17.90 -33.44
CA GLU B 41 -27.41 18.94 -33.82
C GLU B 41 -27.04 19.74 -32.57
N ILE B 42 -28.02 19.97 -31.69
CA ILE B 42 -27.73 20.57 -30.40
C ILE B 42 -26.78 19.66 -29.62
N GLY B 43 -27.08 18.36 -29.63
CA GLY B 43 -26.20 17.37 -29.00
C GLY B 43 -24.77 17.50 -29.51
N ARG B 44 -24.58 17.53 -30.86
CA ARG B 44 -23.23 17.63 -31.39
C ARG B 44 -22.58 18.90 -30.87
N LEU B 45 -23.38 19.97 -30.78
CA LEU B 45 -22.78 21.26 -30.47
C LEU B 45 -22.38 21.31 -29.00
N ASN B 46 -23.23 20.71 -28.18
CA ASN B 46 -22.91 20.61 -26.75
C ASN B 46 -21.63 19.82 -26.54
N ASN B 47 -21.59 18.68 -27.21
CA ASN B 47 -20.50 17.73 -27.17
C ASN B 47 -19.19 18.47 -27.52
N GLN B 48 -19.15 19.19 -28.65
CA GLN B 48 -17.93 19.86 -29.09
C GLN B 48 -17.57 21.04 -28.19
N SER B 49 -18.58 21.64 -27.58
CA SER B 49 -18.34 22.72 -26.64
C SER B 49 -17.68 22.19 -25.35
N LEU B 50 -18.05 20.98 -24.94
CA LEU B 50 -17.73 20.53 -23.58
C LEU B 50 -16.56 19.54 -23.58
N LEU B 51 -16.08 19.15 -24.77
CA LEU B 51 -15.10 18.09 -24.95
C LEU B 51 -13.90 18.24 -24.03
N TRP B 52 -13.23 19.40 -24.11
CA TRP B 52 -12.01 19.61 -23.35
C TRP B 52 -12.30 20.23 -22.00
N GLY B 53 -11.59 19.81 -20.96
CA GLY B 53 -11.55 20.63 -19.77
C GLY B 53 -10.45 20.18 -18.82
N PRO B 54 -10.34 20.81 -17.62
CA PRO B 54 -9.47 20.27 -16.57
C PRO B 54 -10.26 19.20 -15.81
N TYR B 55 -10.69 18.19 -16.53
CA TYR B 55 -11.66 17.23 -16.04
C TYR B 55 -10.97 16.09 -15.28
N ARG B 56 -9.97 16.45 -14.46
CA ARG B 56 -9.26 15.48 -13.62
C ARG B 56 -9.21 16.09 -12.22
N PRO B 57 -10.36 16.18 -11.53
CA PRO B 57 -10.44 16.86 -10.24
C PRO B 57 -9.55 16.29 -9.13
N ASN B 58 -9.18 15.00 -9.26
CA ASN B 58 -8.36 14.28 -8.29
C ASN B 58 -6.93 14.85 -8.19
N ILE B 59 -6.42 15.51 -9.26
CA ILE B 59 -5.12 16.14 -9.17
C ILE B 59 -5.24 17.67 -9.15
N TYR B 60 -4.18 18.35 -8.70
CA TYR B 60 -4.10 19.80 -8.64
C TYR B 60 -4.41 20.43 -9.99
N PHE B 61 -3.80 19.92 -11.07
CA PHE B 61 -3.99 20.46 -12.40
C PHE B 61 -3.62 19.44 -13.47
N GLY B 62 -4.56 19.20 -14.38
CA GLY B 62 -4.34 18.42 -15.57
C GLY B 62 -5.62 18.47 -16.42
N THR B 63 -5.53 17.97 -17.65
CA THR B 63 -6.65 18.10 -18.54
C THR B 63 -6.87 16.74 -19.17
N ARG B 64 -8.07 16.51 -19.68
CA ARG B 64 -8.35 15.42 -20.61
C ARG B 64 -9.64 15.73 -21.36
N PRO B 65 -9.89 15.12 -22.53
CA PRO B 65 -11.19 15.26 -23.19
C PRO B 65 -12.17 14.25 -22.64
N ARG B 66 -13.46 14.42 -22.94
CA ARG B 66 -14.48 13.46 -22.56
C ARG B 66 -14.37 12.27 -23.51
N ILE B 67 -13.19 11.63 -23.55
CA ILE B 67 -12.98 10.44 -24.36
C ILE B 67 -12.27 9.41 -23.49
N GLY B 68 -12.79 8.18 -23.49
CA GLY B 68 -12.25 7.12 -22.63
C GLY B 68 -10.73 6.96 -22.73
N LYS B 69 -10.22 6.74 -23.97
CA LYS B 69 -8.81 6.50 -24.18
C LYS B 69 -8.26 7.60 -25.07
N SER B 70 -7.45 8.49 -24.50
CA SER B 70 -7.01 9.59 -25.32
C SER B 70 -5.88 10.32 -24.59
N LEU B 71 -5.76 11.61 -24.87
CA LEU B 71 -4.62 12.36 -24.39
C LEU B 71 -4.98 12.93 -23.03
N MET B 72 -4.11 12.76 -22.03
CA MET B 72 -4.27 13.37 -20.72
C MET B 72 -2.99 14.11 -20.32
N THR B 73 -3.12 15.11 -19.45
CA THR B 73 -1.95 15.83 -19.00
C THR B 73 -2.04 15.97 -17.51
N GLY B 74 -0.93 16.30 -16.87
CA GLY B 74 -0.93 16.55 -15.43
C GLY B 74 0.36 17.29 -15.08
N LEU B 75 0.31 18.08 -14.01
CA LEU B 75 1.37 18.95 -13.54
C LEU B 75 1.85 18.48 -12.17
N MET B 76 3.18 18.49 -11.96
CA MET B 76 3.72 18.19 -10.65
C MET B 76 4.80 19.21 -10.36
N TRP B 77 5.03 19.46 -9.05
CA TRP B 77 6.08 20.37 -8.64
C TRP B 77 6.54 20.03 -7.22
N GLY B 78 7.76 20.44 -6.86
CA GLY B 78 8.23 20.35 -5.49
C GLY B 78 9.58 21.06 -5.37
N LYS B 79 9.89 21.54 -4.16
CA LYS B 79 11.23 22.05 -3.92
C LYS B 79 12.25 20.90 -3.87
N ILE B 80 13.53 21.24 -4.15
CA ILE B 80 14.61 20.27 -4.02
C ILE B 80 15.81 20.92 -3.34
N GLU B 81 16.16 20.42 -2.15
CA GLU B 81 17.29 20.92 -1.37
C GLU B 81 18.31 19.83 -1.02
N SER B 82 17.97 18.54 -1.19
CA SER B 82 18.82 17.43 -0.77
C SER B 82 18.64 16.26 -1.71
N TYR B 83 19.43 15.19 -1.48
CA TYR B 83 19.44 14.07 -2.42
C TYR B 83 18.21 13.20 -2.22
N THR B 84 17.39 13.52 -1.21
CA THR B 84 16.37 12.58 -0.75
C THR B 84 15.02 13.25 -0.46
N ASP B 85 14.96 14.60 -0.54
CA ASP B 85 13.79 15.37 -0.09
C ASP B 85 12.69 15.45 -1.14
N PHE B 86 13.05 15.39 -2.43
CA PHE B 86 12.10 15.61 -3.50
C PHE B 86 10.90 14.66 -3.41
N GLN B 87 11.15 13.38 -3.07
CA GLN B 87 10.08 12.39 -3.03
C GLN B 87 8.98 12.77 -2.01
N HIS B 88 9.31 13.64 -1.04
CA HIS B 88 8.37 14.05 0.00
C HIS B 88 7.73 15.40 -0.29
N THR B 89 8.37 16.23 -1.13
CA THR B 89 7.92 17.58 -1.43
C THR B 89 6.99 17.61 -2.64
N VAL B 90 7.07 16.62 -3.54
CA VAL B 90 6.39 16.72 -4.85
C VAL B 90 4.87 16.64 -4.69
N ARG B 91 4.14 17.44 -5.49
CA ARG B 91 2.68 17.49 -5.47
C ARG B 91 2.13 16.93 -6.78
N TYR B 92 1.03 16.19 -6.68
CA TYR B 92 0.35 15.70 -7.87
C TYR B 92 -1.14 15.50 -7.58
N THR B 93 -1.49 14.47 -6.79
CA THR B 93 -2.87 14.30 -6.37
C THR B 93 -3.21 15.29 -5.25
N CYS B 94 -4.49 15.72 -5.25
CA CYS B 94 -5.03 16.63 -4.26
C CYS B 94 -5.04 15.96 -2.88
N GLU B 95 -4.54 16.67 -1.86
CA GLU B 95 -4.67 16.23 -0.45
C GLU B 95 -5.07 17.44 0.38
N GLN B 96 -5.29 17.24 1.68
CA GLN B 96 -5.42 18.43 2.55
C GLN B 96 -4.79 18.11 3.90
N ASN B 97 -3.84 18.95 4.33
CA ASN B 97 -2.99 18.71 5.50
C ASN B 97 -2.36 20.03 5.92
N GLU B 98 -1.65 20.06 7.05
CA GLU B 98 -0.98 21.26 7.58
C GLU B 98 0.03 21.86 6.59
N GLY B 99 0.45 21.09 5.57
CA GLY B 99 1.42 21.54 4.59
C GLY B 99 0.81 22.35 3.45
N MET B 100 -0.54 22.32 3.35
CA MET B 100 -1.27 23.06 2.31
C MET B 100 -2.21 24.05 2.98
N LYS B 101 -2.13 25.33 2.58
CA LYS B 101 -2.98 26.37 3.15
C LYS B 101 -4.39 26.25 2.58
N GLY B 102 -4.49 26.23 1.25
CA GLY B 102 -5.75 26.08 0.51
C GLY B 102 -5.48 26.05 -1.00
N TYR B 103 -6.54 25.77 -1.77
CA TYR B 103 -6.50 25.80 -3.23
C TYR B 103 -7.93 25.60 -3.72
N GLY B 104 -8.13 25.94 -5.01
CA GLY B 104 -9.39 25.84 -5.72
C GLY B 104 -9.51 26.91 -6.82
N TRP B 105 -10.67 26.92 -7.48
CA TRP B 105 -10.90 27.81 -8.60
C TRP B 105 -11.54 29.10 -8.11
N ASP B 106 -10.88 30.24 -8.38
CA ASP B 106 -11.39 31.57 -8.07
C ASP B 106 -12.59 31.87 -8.95
N GLU B 107 -12.54 31.37 -10.19
CA GLU B 107 -13.59 31.57 -11.17
C GLU B 107 -13.52 30.43 -12.19
N TYR B 108 -14.67 29.97 -12.68
CA TYR B 108 -14.59 28.88 -13.62
C TYR B 108 -15.90 28.67 -14.34
N ASP B 109 -15.77 28.36 -15.62
CA ASP B 109 -16.90 27.96 -16.42
C ASP B 109 -16.39 26.87 -17.35
N PRO B 110 -17.04 25.70 -17.38
CA PRO B 110 -16.63 24.59 -18.24
C PRO B 110 -16.48 24.92 -19.72
N ARG B 111 -17.32 25.82 -20.24
CA ARG B 111 -17.24 26.13 -21.66
C ARG B 111 -16.12 27.11 -22.00
N ARG B 112 -15.65 27.86 -20.99
CA ARG B 112 -14.70 28.93 -21.26
C ARG B 112 -13.37 28.65 -20.59
N GLY B 113 -13.39 28.01 -19.41
CA GLY B 113 -12.17 27.93 -18.61
C GLY B 113 -12.28 28.82 -17.37
N GLY B 114 -11.13 29.29 -16.86
CA GLY B 114 -11.09 29.91 -15.55
C GLY B 114 -9.69 29.84 -14.95
N ILE B 115 -9.58 30.11 -13.65
CA ILE B 115 -8.33 30.38 -12.96
C ILE B 115 -8.37 29.62 -11.63
N GLN B 116 -7.27 28.92 -11.31
CA GLN B 116 -7.14 28.19 -10.06
C GLN B 116 -5.94 28.76 -9.29
N SER B 117 -6.07 28.77 -7.98
CA SER B 117 -5.00 29.23 -7.12
C SER B 117 -4.66 28.10 -6.15
N ILE B 118 -3.36 27.88 -5.93
CA ILE B 118 -2.88 26.84 -5.04
C ILE B 118 -1.89 27.48 -4.08
N HIS B 119 -2.11 27.30 -2.78
CA HIS B 119 -1.30 27.91 -1.75
C HIS B 119 -0.56 26.82 -1.00
N ASP B 120 0.62 26.51 -1.50
CA ASP B 120 1.43 25.41 -0.99
C ASP B 120 2.37 25.96 0.08
N ILE B 121 2.16 25.59 1.36
CA ILE B 121 3.03 26.13 2.39
C ILE B 121 4.37 25.36 2.39
N GLN B 122 4.31 24.04 2.28
CA GLN B 122 5.51 23.25 2.45
C GLN B 122 6.54 23.65 1.38
N ASN B 123 6.06 24.04 0.19
CA ASN B 123 6.96 24.31 -0.93
C ASN B 123 7.14 25.83 -1.07
N GLY B 124 6.49 26.58 -0.16
CA GLY B 124 6.64 28.03 -0.11
C GLY B 124 6.29 28.71 -1.44
N LEU B 125 5.22 28.22 -2.09
CA LEU B 125 4.83 28.68 -3.40
C LEU B 125 3.35 29.05 -3.45
N ASP B 126 3.03 30.07 -4.23
CA ASP B 126 1.65 30.38 -4.62
C ASP B 126 1.54 30.13 -6.11
N ILE B 127 0.71 29.16 -6.47
CA ILE B 127 0.63 28.74 -7.86
C ILE B 127 -0.73 29.11 -8.45
N THR B 128 -0.66 29.71 -9.63
CA THR B 128 -1.81 30.09 -10.44
C THR B 128 -1.85 29.19 -11.66
N THR B 129 -3.00 28.58 -11.92
CA THR B 129 -3.13 27.87 -13.17
C THR B 129 -4.37 28.45 -13.83
N SER B 130 -4.19 29.08 -14.99
CA SER B 130 -5.30 29.60 -15.73
C SER B 130 -5.48 28.81 -17.02
N PHE B 131 -6.72 28.38 -17.25
CA PHE B 131 -7.02 27.50 -18.37
C PHE B 131 -8.07 28.19 -19.23
N VAL B 132 -7.87 28.18 -20.56
CA VAL B 132 -8.83 28.81 -21.48
C VAL B 132 -9.07 27.87 -22.65
N LYS B 133 -10.33 27.81 -23.11
CA LYS B 133 -10.70 27.08 -24.31
C LYS B 133 -10.96 28.07 -25.46
N ILE B 134 -10.75 27.60 -26.69
CA ILE B 134 -10.78 28.40 -27.90
C ILE B 134 -11.41 27.54 -28.99
N PRO B 135 -12.69 27.79 -29.35
CA PRO B 135 -13.42 26.90 -30.26
C PRO B 135 -12.80 27.10 -31.64
N GLY B 136 -13.03 26.12 -32.52
CA GLY B 136 -12.24 25.97 -33.72
C GLY B 136 -12.19 24.52 -34.19
N GLY B 137 -12.57 24.31 -35.46
CA GLY B 137 -12.38 23.04 -36.14
C GLY B 137 -13.42 22.03 -35.70
N ALA B 138 -13.11 20.73 -35.88
CA ALA B 138 -14.10 19.68 -35.78
C ALA B 138 -13.80 18.71 -34.62
N HIS B 139 -12.86 19.04 -33.73
CA HIS B 139 -12.38 18.03 -32.80
C HIS B 139 -12.37 18.59 -31.38
N GLY B 140 -13.30 19.52 -31.11
CA GLY B 140 -13.52 20.07 -29.78
C GLY B 140 -12.67 21.28 -29.47
N GLY B 141 -11.94 21.78 -30.46
CA GLY B 141 -11.29 23.09 -30.33
C GLY B 141 -9.91 22.96 -29.68
N SER B 142 -9.41 24.09 -29.19
CA SER B 142 -8.03 24.26 -28.74
C SER B 142 -8.12 24.70 -27.29
N TRP B 143 -6.96 24.76 -26.61
CA TRP B 143 -6.95 25.21 -25.24
C TRP B 143 -5.54 25.67 -24.95
N ALA B 144 -5.38 26.40 -23.85
CA ALA B 144 -4.08 26.88 -23.44
C ALA B 144 -4.14 27.06 -21.94
N ALA B 145 -2.97 27.07 -21.27
CA ALA B 145 -2.86 27.16 -19.82
C ALA B 145 -1.61 27.95 -19.47
N ARG B 146 -1.67 28.70 -18.39
CA ARG B 146 -0.49 29.39 -17.92
C ARG B 146 -0.26 28.91 -16.51
N ILE B 147 0.98 28.51 -16.23
CA ILE B 147 1.35 28.07 -14.92
C ILE B 147 2.34 29.08 -14.37
N LYS B 148 2.02 29.65 -13.21
CA LYS B 148 2.83 30.73 -12.66
C LYS B 148 3.08 30.46 -11.19
N GLY B 149 4.36 30.49 -10.79
CA GLY B 149 4.73 30.24 -9.41
C GLY B 149 5.48 31.42 -8.80
N THR B 150 5.07 31.79 -7.59
CA THR B 150 5.59 32.93 -6.88
C THR B 150 5.90 32.45 -5.47
N LEU B 151 7.15 32.61 -5.03
CA LEU B 151 7.57 32.24 -3.68
C LEU B 151 6.87 33.17 -2.69
N ASN B 152 6.33 32.60 -1.60
CA ASN B 152 5.81 33.37 -0.47
C ASN B 152 6.98 34.08 0.23
N ASP B 153 6.69 34.93 1.22
CA ASP B 153 7.75 35.73 1.83
C ASP B 153 8.71 34.89 2.69
N ASP B 154 8.31 33.67 3.07
CA ASP B 154 9.04 32.83 4.01
C ASP B 154 10.05 31.94 3.29
N ALA B 155 9.86 31.72 1.99
CA ALA B 155 10.73 30.84 1.23
C ALA B 155 12.08 31.50 0.96
N PRO B 156 13.20 30.75 0.97
CA PRO B 156 14.50 31.35 0.63
C PRO B 156 14.50 31.86 -0.83
N LYS B 157 15.05 33.07 -1.05
CA LYS B 157 14.82 33.81 -2.29
C LYS B 157 15.34 33.00 -3.48
N ASP B 158 16.19 32.01 -3.23
CA ASP B 158 16.92 31.29 -4.25
C ASP B 158 16.46 29.84 -4.34
N GLN B 159 15.24 29.57 -3.85
CA GLN B 159 14.76 28.20 -3.76
C GLN B 159 14.67 27.56 -5.15
N LYS B 160 15.08 26.29 -5.22
CA LYS B 160 15.08 25.62 -6.51
C LYS B 160 13.88 24.67 -6.56
N THR B 161 13.06 24.85 -7.59
CA THR B 161 11.76 24.20 -7.71
C THR B 161 11.73 23.40 -8.99
N ILE B 162 11.50 22.08 -8.88
CA ILE B 162 11.28 21.24 -10.05
C ILE B 162 9.80 21.33 -10.43
N VAL B 163 9.56 21.47 -11.73
CA VAL B 163 8.24 21.44 -12.32
C VAL B 163 8.19 20.43 -13.46
N VAL B 164 7.19 19.55 -13.42
CA VAL B 164 7.01 18.54 -14.44
C VAL B 164 5.61 18.65 -15.05
N PHE B 165 5.57 18.64 -16.37
CA PHE B 165 4.35 18.50 -17.12
C PHE B 165 4.39 17.13 -17.77
N TYR B 166 3.42 16.29 -17.41
CA TYR B 166 3.34 14.91 -17.84
C TYR B 166 2.20 14.77 -18.85
N VAL B 167 2.49 14.16 -20.00
CA VAL B 167 1.51 13.96 -21.05
C VAL B 167 1.46 12.47 -21.38
N SER B 168 0.26 11.91 -21.51
CA SER B 168 0.17 10.51 -21.82
C SER B 168 -0.91 10.35 -22.89
N GLN B 169 -0.87 9.25 -23.67
CA GLN B 169 -1.89 9.04 -24.70
C GLN B 169 -2.19 7.58 -24.89
N GLU B 170 -3.44 7.22 -24.56
CA GLU B 170 -3.93 5.87 -24.73
C GLU B 170 -4.73 5.81 -26.03
N GLY B 171 -4.80 4.60 -26.60
CA GLY B 171 -5.76 4.31 -27.65
C GLY B 171 -5.05 3.82 -28.91
N GLU B 172 -5.78 2.99 -29.69
CA GLU B 172 -5.28 2.44 -30.94
C GLU B 172 -5.15 3.57 -31.96
N ASN B 173 -4.18 3.36 -32.88
CA ASN B 173 -3.94 4.23 -34.03
C ASN B 173 -3.83 5.67 -33.55
N SER B 174 -2.83 5.92 -32.69
CA SER B 174 -2.50 7.28 -32.28
C SER B 174 -1.01 7.44 -32.05
N GLU B 175 -0.42 8.56 -32.46
CA GLU B 175 1.01 8.77 -32.30
C GLU B 175 1.20 10.02 -31.44
N LEU B 176 2.38 10.18 -30.86
CA LEU B 176 2.70 11.42 -30.21
C LEU B 176 4.21 11.50 -30.18
N GLU B 177 4.78 12.66 -30.51
CA GLU B 177 6.21 12.75 -30.77
C GLU B 177 6.73 14.11 -30.35
N ALA B 178 7.83 14.12 -29.61
CA ALA B 178 8.48 15.40 -29.36
C ALA B 178 9.45 15.69 -30.49
N VAL B 179 9.50 16.96 -30.87
CA VAL B 179 10.47 17.43 -31.84
C VAL B 179 11.80 17.59 -31.11
N PRO B 180 12.92 16.98 -31.62
CA PRO B 180 14.26 17.17 -31.05
C PRO B 180 14.67 18.63 -30.91
N SER B 181 15.40 18.96 -29.85
CA SER B 181 15.92 20.30 -29.77
C SER B 181 17.08 20.47 -30.75
N GLU B 182 17.52 21.73 -30.94
CA GLU B 182 18.73 22.06 -31.66
C GLU B 182 19.94 21.68 -30.79
N ASN B 183 19.78 21.75 -29.46
CA ASN B 183 20.88 21.72 -28.51
C ASN B 183 21.13 20.33 -27.93
N GLU B 184 22.29 20.21 -27.28
CA GLU B 184 22.91 18.93 -27.03
C GLU B 184 22.11 18.18 -25.95
N PHE B 185 21.88 18.85 -24.83
CA PHE B 185 21.48 18.19 -23.60
C PHE B 185 20.02 18.47 -23.27
N GLY B 186 19.33 19.26 -24.11
CA GLY B 186 17.99 19.73 -23.83
C GLY B 186 17.60 20.97 -24.64
N TYR B 187 16.57 21.67 -24.15
CA TYR B 187 15.93 22.76 -24.89
C TYR B 187 16.19 24.09 -24.19
N GLU B 188 16.51 25.11 -25.00
CA GLU B 188 16.46 26.43 -24.40
C GLU B 188 15.25 27.19 -24.91
N GLY B 189 14.55 26.64 -25.92
CA GLY B 189 13.32 27.19 -26.46
C GLY B 189 12.07 26.50 -25.91
N ASP B 190 11.08 26.34 -26.81
CA ASP B 190 9.79 25.71 -26.50
C ASP B 190 9.95 24.23 -26.78
N VAL B 191 9.14 23.40 -26.12
CA VAL B 191 9.06 22.00 -26.49
C VAL B 191 7.78 21.84 -27.27
N ILE B 192 7.86 21.12 -28.39
CA ILE B 192 6.72 20.88 -29.23
C ILE B 192 6.46 19.38 -29.30
N LEU B 193 5.28 18.95 -28.86
CA LEU B 193 4.81 17.61 -29.18
C LEU B 193 3.80 17.69 -30.33
N LYS B 194 3.92 16.79 -31.31
CA LYS B 194 2.99 16.66 -32.42
C LYS B 194 2.37 15.28 -32.37
N GLY B 195 1.02 15.25 -32.41
CA GLY B 195 0.24 14.03 -32.23
C GLY B 195 -0.90 13.94 -33.23
N ARG B 196 -1.48 12.74 -33.30
CA ARG B 196 -2.60 12.42 -34.16
C ARG B 196 -3.40 11.35 -33.43
N SER B 197 -4.74 11.45 -33.43
CA SER B 197 -5.60 10.30 -33.17
C SER B 197 -6.90 10.42 -33.95
N GLU B 198 -7.71 9.35 -33.94
CA GLU B 198 -9.06 9.36 -34.49
C GLU B 198 -9.89 10.46 -33.83
N ALA B 199 -9.91 10.50 -32.49
CA ALA B 199 -10.77 11.46 -31.80
C ALA B 199 -10.23 12.88 -31.96
N LEU B 200 -8.92 13.06 -31.92
CA LEU B 200 -8.45 14.44 -31.87
C LEU B 200 -8.03 15.00 -33.23
N GLY B 201 -7.94 14.15 -34.27
CA GLY B 201 -7.25 14.50 -35.50
C GLY B 201 -5.78 14.83 -35.23
N ASN B 202 -5.20 15.79 -35.98
CA ASN B 202 -3.83 16.20 -35.75
C ASN B 202 -3.83 17.35 -34.76
N TYR B 203 -2.78 17.43 -33.94
CA TYR B 203 -2.76 18.48 -32.96
C TYR B 203 -1.31 18.74 -32.61
N LYS B 204 -1.11 19.83 -31.87
CA LYS B 204 0.22 20.24 -31.50
C LYS B 204 0.04 20.69 -30.06
N LEU B 205 0.92 20.22 -29.17
CA LEU B 205 0.95 20.61 -27.77
C LEU B 205 2.30 21.25 -27.53
N VAL B 206 2.30 22.48 -27.04
CA VAL B 206 3.53 23.24 -26.88
C VAL B 206 3.72 23.57 -25.40
N VAL B 207 4.93 23.30 -24.87
CA VAL B 207 5.32 23.77 -23.55
C VAL B 207 6.35 24.87 -23.77
N THR B 208 6.00 26.10 -23.40
CA THR B 208 6.81 27.23 -23.75
C THR B 208 8.04 27.29 -22.85
N LYS B 209 9.02 28.14 -23.25
CA LYS B 209 10.30 28.28 -22.58
C LYS B 209 10.05 28.75 -21.17
N GLY B 210 9.25 29.82 -21.05
CA GLY B 210 8.81 30.40 -19.79
C GLY B 210 9.71 31.55 -19.32
N LYS B 211 9.33 32.18 -18.23
CA LYS B 211 10.12 33.24 -17.64
C LYS B 211 10.60 32.73 -16.28
N GLY B 212 11.87 33.00 -15.97
CA GLY B 212 12.46 32.75 -14.66
C GLY B 212 13.90 32.25 -14.80
N VAL B 213 14.70 32.42 -13.75
CA VAL B 213 16.09 31.98 -13.69
C VAL B 213 16.13 30.44 -13.76
N ILE B 214 16.94 29.92 -14.68
CA ILE B 214 17.29 28.51 -14.76
C ILE B 214 18.65 28.31 -14.07
N PRO B 215 18.79 27.53 -12.98
CA PRO B 215 20.08 27.41 -12.28
C PRO B 215 21.14 26.78 -13.18
N GLN B 216 22.40 27.20 -13.01
CA GLN B 216 23.47 26.69 -13.85
C GLN B 216 24.46 25.90 -12.99
N SER B 217 24.90 24.75 -13.50
CA SER B 217 25.88 23.96 -12.74
C SER B 217 27.23 23.93 -13.44
N ASP B 218 28.29 24.14 -12.65
CA ASP B 218 29.66 24.06 -13.14
C ASP B 218 30.35 22.78 -12.63
N HIS B 219 29.57 21.87 -12.07
CA HIS B 219 30.06 20.54 -11.74
C HIS B 219 30.47 19.79 -13.01
N ASP B 220 31.38 18.83 -12.84
CA ASP B 220 31.91 18.01 -13.92
C ASP B 220 30.79 17.20 -14.58
N LEU B 221 29.72 16.91 -13.81
CA LEU B 221 28.54 16.21 -14.31
C LEU B 221 27.91 16.95 -15.51
N SER B 222 28.08 18.28 -15.57
CA SER B 222 27.59 19.09 -16.68
C SER B 222 28.10 18.60 -18.03
N ARG B 223 29.28 17.97 -18.08
CA ARG B 223 29.84 17.53 -19.35
C ARG B 223 28.94 16.46 -19.94
N LEU B 224 28.21 15.75 -19.07
CA LEU B 224 27.43 14.61 -19.50
C LEU B 224 25.96 15.01 -19.65
N ARG B 225 25.52 15.95 -18.80
CA ARG B 225 24.11 16.25 -18.58
C ARG B 225 23.81 17.72 -18.89
N GLY B 226 24.80 18.47 -19.39
CA GLY B 226 24.63 19.88 -19.67
C GLY B 226 24.54 20.71 -18.39
N PRO B 227 24.67 22.06 -18.50
CA PRO B 227 24.77 22.90 -17.30
C PRO B 227 23.46 23.10 -16.53
N GLY B 228 22.35 22.71 -17.19
CA GLY B 228 21.01 22.89 -16.66
C GLY B 228 20.09 23.45 -17.73
N GLN B 229 18.97 22.76 -18.01
CA GLN B 229 18.12 23.10 -19.15
C GLN B 229 16.82 22.27 -19.12
N THR B 230 15.80 22.76 -19.83
CA THR B 230 14.55 22.02 -19.95
C THR B 230 14.89 20.69 -20.63
N VAL B 231 14.23 19.60 -20.25
CA VAL B 231 14.47 18.31 -20.91
C VAL B 231 13.14 17.58 -21.12
N VAL B 232 13.14 16.65 -22.05
CA VAL B 232 11.98 15.83 -22.34
C VAL B 232 12.44 14.38 -22.38
N GLN B 233 11.69 13.49 -21.71
CA GLN B 233 11.84 12.07 -22.00
C GLN B 233 10.56 11.55 -22.64
N SER B 234 10.72 10.89 -23.78
CA SER B 234 9.62 10.27 -24.50
C SER B 234 9.71 8.76 -24.33
N LEU B 235 8.64 8.15 -23.80
CA LEU B 235 8.71 6.80 -23.29
C LEU B 235 7.49 6.05 -23.77
N THR B 236 7.54 4.73 -23.68
CA THR B 236 6.42 3.87 -24.05
C THR B 236 6.16 2.98 -22.84
N TYR B 237 4.94 3.01 -22.32
CA TYR B 237 4.59 2.20 -21.16
C TYR B 237 3.32 1.47 -21.53
N PRO B 238 2.99 0.35 -20.85
CA PRO B 238 1.73 -0.35 -21.14
C PRO B 238 0.55 0.55 -20.76
N ASP B 239 -0.58 0.38 -21.45
CA ASP B 239 -1.75 1.24 -21.26
C ASP B 239 -2.24 1.26 -19.81
N GLU B 240 -2.04 0.16 -19.06
CA GLU B 240 -2.66 0.03 -17.74
C GLU B 240 -1.93 0.86 -16.69
N VAL B 241 -0.72 1.37 -16.99
CA VAL B 241 0.00 2.12 -15.98
C VAL B 241 0.10 3.60 -16.34
N LEU B 242 -0.53 4.05 -17.45
CA LEU B 242 -0.37 5.43 -17.90
C LEU B 242 -0.73 6.44 -16.82
N TRP B 243 -1.73 6.12 -15.99
CA TRP B 243 -2.21 7.07 -14.98
C TRP B 243 -1.23 7.16 -13.82
N GLN B 244 -0.34 6.17 -13.68
CA GLN B 244 0.56 6.14 -12.52
C GLN B 244 1.72 7.10 -12.79
N ALA B 245 1.37 8.36 -13.00
CA ALA B 245 2.31 9.40 -13.37
C ALA B 245 3.49 9.50 -12.40
N LYS B 246 3.21 9.52 -11.09
CA LYS B 246 4.25 9.85 -10.15
C LYS B 246 5.22 8.67 -10.04
N PRO B 247 4.72 7.43 -9.87
CA PRO B 247 5.61 6.28 -9.89
C PRO B 247 6.50 6.25 -11.13
N ILE B 248 5.95 6.65 -12.29
CA ILE B 248 6.72 6.67 -13.53
C ILE B 248 7.81 7.73 -13.46
N LEU B 249 7.47 8.94 -12.99
CA LEU B 249 8.50 9.93 -12.87
C LEU B 249 9.61 9.41 -11.94
N PHE B 250 9.23 8.82 -10.81
CA PHE B 250 10.19 8.39 -9.82
C PHE B 250 11.08 7.27 -10.34
N GLN B 251 10.53 6.47 -11.26
CA GLN B 251 11.25 5.36 -11.85
C GLN B 251 12.31 5.95 -12.78
N GLN B 252 11.93 7.01 -13.50
CA GLN B 252 12.83 7.67 -14.42
C GLN B 252 13.89 8.41 -13.61
N LEU B 253 13.53 9.01 -12.47
CA LEU B 253 14.54 9.74 -11.74
C LEU B 253 15.55 8.75 -11.14
N LYS B 254 15.07 7.58 -10.66
CA LYS B 254 15.94 6.58 -10.07
C LYS B 254 16.87 6.04 -11.14
N ALA B 255 16.34 5.83 -12.35
CA ALA B 255 17.20 5.30 -13.40
C ALA B 255 18.36 6.27 -13.63
N GLY B 256 18.06 7.57 -13.52
CA GLY B 256 19.02 8.62 -13.89
C GLY B 256 20.10 8.71 -12.82
N ILE B 257 19.79 8.20 -11.63
CA ILE B 257 20.76 8.21 -10.54
C ILE B 257 21.63 6.95 -10.60
N ASP B 258 21.05 5.80 -10.97
CA ASP B 258 21.81 4.57 -11.19
C ASP B 258 22.92 4.78 -12.21
N TRP B 259 22.61 5.58 -13.23
CA TRP B 259 23.48 5.84 -14.36
C TRP B 259 24.75 6.56 -13.88
N LEU B 260 24.69 7.27 -12.74
CA LEU B 260 25.81 8.02 -12.23
C LEU B 260 26.99 7.08 -11.92
N VAL B 261 26.67 5.90 -11.38
CA VAL B 261 27.71 4.98 -10.93
C VAL B 261 28.35 4.25 -12.11
N GLU B 262 27.74 4.31 -13.31
CA GLU B 262 28.24 3.61 -14.48
C GLU B 262 28.89 4.58 -15.47
N ASN B 263 29.11 5.86 -15.12
CA ASN B 263 29.59 6.79 -16.13
C ASN B 263 30.69 7.66 -15.57
N LYS B 264 31.52 8.16 -16.49
CA LYS B 264 32.79 8.82 -16.22
C LYS B 264 32.56 10.30 -15.95
N TYR B 265 32.63 10.70 -14.67
CA TYR B 265 32.77 12.10 -14.29
C TYR B 265 33.37 12.13 -12.88
N ASP B 266 33.88 13.31 -12.45
CA ASP B 266 34.57 13.46 -11.17
C ASP B 266 33.55 13.52 -10.02
N VAL B 267 33.73 12.67 -9.01
CA VAL B 267 32.75 12.50 -7.95
C VAL B 267 33.31 12.99 -6.62
N ALA B 268 34.39 13.76 -6.68
CA ALA B 268 35.03 14.24 -5.46
C ALA B 268 34.17 15.33 -4.79
N ASP B 269 33.56 16.20 -5.61
CA ASP B 269 32.66 17.23 -5.08
C ASP B 269 31.20 16.80 -5.21
N PRO B 270 30.34 17.13 -4.21
CA PRO B 270 28.91 16.86 -4.30
C PRO B 270 28.23 17.66 -5.42
N PRO B 271 27.52 17.03 -6.38
CA PRO B 271 26.81 17.80 -7.41
C PRO B 271 25.55 18.44 -6.83
N PRO B 272 24.97 19.49 -7.45
CA PRO B 272 23.75 20.10 -6.91
C PRO B 272 22.60 19.10 -6.90
N PRO B 273 21.78 19.02 -5.84
CA PRO B 273 20.63 18.10 -5.86
C PRO B 273 19.75 18.21 -7.11
N TRP B 274 19.47 19.44 -7.57
CA TRP B 274 18.60 19.60 -8.72
C TRP B 274 19.19 18.96 -9.95
N GLN B 275 20.53 18.97 -10.07
CA GLN B 275 21.14 18.45 -11.30
C GLN B 275 21.07 16.93 -11.32
N VAL B 276 21.16 16.33 -10.15
CA VAL B 276 21.13 14.89 -10.04
C VAL B 276 19.70 14.42 -10.33
N TYR B 277 18.71 15.27 -9.99
CA TYR B 277 17.30 15.01 -10.24
C TYR B 277 16.79 15.64 -11.54
N LEU B 278 17.70 16.09 -12.41
CA LEU B 278 17.31 16.56 -13.73
C LEU B 278 17.52 15.43 -14.73
N LEU B 279 16.43 14.90 -15.26
CA LEU B 279 16.44 13.79 -16.19
C LEU B 279 17.33 14.07 -17.39
N ALA B 280 17.82 12.98 -17.99
CA ALA B 280 18.58 13.02 -19.24
C ALA B 280 17.59 13.28 -20.37
N ASN B 281 17.91 14.25 -21.23
CA ASN B 281 17.08 14.57 -22.37
C ASN B 281 17.05 13.43 -23.38
N LYS B 282 15.85 12.87 -23.65
CA LYS B 282 15.66 11.78 -24.60
C LYS B 282 14.33 11.94 -25.36
N PRO B 283 14.13 13.04 -26.14
CA PRO B 283 12.90 13.22 -26.90
C PRO B 283 12.80 12.21 -28.03
N GLY B 284 11.56 11.89 -28.40
CA GLY B 284 11.22 11.05 -29.53
C GLY B 284 9.73 10.74 -29.54
N SER B 285 9.41 9.62 -30.17
CA SER B 285 8.06 9.11 -30.21
C SER B 285 7.82 8.29 -28.94
N GLY B 286 6.53 8.19 -28.53
CA GLY B 286 6.07 7.34 -27.44
C GLY B 286 4.69 7.76 -26.93
N ASN B 287 4.15 7.04 -25.92
CA ASN B 287 2.84 7.31 -25.36
C ASN B 287 2.94 7.96 -23.97
N VAL B 288 4.15 8.29 -23.53
CA VAL B 288 4.34 9.13 -22.35
C VAL B 288 5.42 10.14 -22.68
N HIS B 289 5.22 11.40 -22.29
CA HIS B 289 6.26 12.41 -22.43
C HIS B 289 6.32 13.16 -21.12
N ILE B 290 7.51 13.20 -20.55
CA ILE B 290 7.78 13.97 -19.35
C ILE B 290 8.57 15.20 -19.79
N VAL B 291 8.03 16.39 -19.50
CA VAL B 291 8.74 17.63 -19.75
C VAL B 291 9.10 18.23 -18.40
N GLN B 292 10.39 18.54 -18.20
CA GLN B 292 10.83 18.89 -16.87
C GLN B 292 11.65 20.18 -16.95
N LYS B 293 11.49 21.04 -15.93
CA LYS B 293 12.17 22.30 -15.85
C LYS B 293 12.58 22.52 -14.41
N VAL B 294 13.67 23.25 -14.21
CA VAL B 294 14.04 23.65 -12.87
C VAL B 294 14.04 25.16 -12.87
N PHE B 295 13.53 25.76 -11.79
CA PHE B 295 13.55 27.20 -11.68
C PHE B 295 14.17 27.56 -10.34
N GLU B 296 14.87 28.69 -10.33
CA GLU B 296 15.33 29.34 -9.12
C GLU B 296 14.48 30.59 -8.98
N GLY B 297 13.85 30.76 -7.82
CA GLY B 297 12.87 31.81 -7.62
C GLY B 297 11.59 31.57 -8.42
N ASP B 298 10.99 32.66 -8.89
CA ASP B 298 9.67 32.67 -9.52
C ASP B 298 9.76 32.14 -10.95
N PHE B 299 8.65 31.62 -11.43
CA PHE B 299 8.63 31.04 -12.76
C PHE B 299 7.23 31.21 -13.34
N GLU B 300 7.17 31.19 -14.67
CA GLU B 300 5.93 30.97 -15.37
C GLU B 300 6.29 30.36 -16.73
N PHE B 301 5.39 29.51 -17.22
CA PHE B 301 5.47 29.02 -18.58
C PHE B 301 4.03 28.72 -18.96
N ASP B 302 3.81 28.33 -20.23
CA ASP B 302 2.48 28.11 -20.78
C ASP B 302 2.47 26.76 -21.48
N ILE B 303 1.26 26.20 -21.64
CA ILE B 303 1.02 25.01 -22.45
C ILE B 303 -0.01 25.43 -23.49
N LEU B 304 0.27 25.18 -24.77
CA LEU B 304 -0.63 25.60 -25.83
C LEU B 304 -1.02 24.38 -26.63
N PHE B 305 -2.30 24.06 -26.62
CA PHE B 305 -2.82 22.96 -27.42
C PHE B 305 -3.56 23.56 -28.61
N SER B 306 -3.05 23.31 -29.81
CA SER B 306 -3.65 23.76 -31.06
C SER B 306 -4.19 22.57 -31.85
N SER B 307 -5.51 22.53 -32.04
CA SER B 307 -6.15 21.56 -32.91
C SER B 307 -5.83 21.95 -34.35
N GLU B 308 -5.44 20.99 -35.19
CA GLU B 308 -5.07 21.37 -36.55
C GLU B 308 -6.27 21.96 -37.31
N SER B 309 -7.43 21.30 -37.19
CA SER B 309 -8.61 21.60 -38.00
C SER B 309 -9.21 22.97 -37.64
N ALA B 310 -8.76 23.59 -36.54
CA ALA B 310 -9.07 24.97 -36.21
C ALA B 310 -8.35 25.96 -37.13
N GLY B 311 -7.38 25.46 -37.91
CA GLY B 311 -6.63 26.22 -38.91
C GLY B 311 -5.91 27.44 -38.32
N LYS B 312 -5.64 27.41 -37.03
CA LYS B 312 -4.95 28.50 -36.35
C LYS B 312 -4.23 27.94 -35.14
N GLU B 313 -3.01 28.40 -34.92
CA GLU B 313 -2.23 27.90 -33.81
C GLU B 313 -2.45 28.83 -32.62
N VAL B 314 -2.62 28.25 -31.42
CA VAL B 314 -2.82 29.06 -30.24
C VAL B 314 -1.52 29.73 -29.88
N THR B 315 -1.62 30.91 -29.28
CA THR B 315 -0.49 31.78 -29.04
C THR B 315 -0.51 32.15 -27.57
N SER B 316 0.66 32.47 -27.00
CA SER B 316 0.63 33.10 -25.69
C SER B 316 -0.22 34.38 -25.62
N LYS B 317 -0.29 35.18 -26.71
CA LYS B 317 -1.06 36.42 -26.73
C LYS B 317 -2.56 36.06 -26.75
N ASP B 318 -2.91 35.06 -27.56
CA ASP B 318 -4.23 34.47 -27.58
C ASP B 318 -4.70 34.13 -26.16
N LEU B 319 -3.81 33.46 -25.39
CA LEU B 319 -4.11 32.96 -24.06
C LEU B 319 -4.39 34.13 -23.12
N GLU B 320 -3.52 35.15 -23.08
CA GLU B 320 -3.70 36.29 -22.19
C GLU B 320 -4.99 37.04 -22.52
N ARG B 321 -5.26 37.22 -23.82
CA ARG B 321 -6.47 37.85 -24.32
C ARG B 321 -7.72 37.12 -23.81
N GLU B 322 -7.81 35.79 -24.04
CA GLU B 322 -8.97 34.97 -23.69
C GLU B 322 -9.13 34.83 -22.18
N VAL B 323 -8.04 34.87 -21.44
CA VAL B 323 -8.16 34.84 -20.00
C VAL B 323 -8.90 36.10 -19.54
N LYS B 324 -8.50 37.26 -20.09
CA LYS B 324 -9.03 38.54 -19.61
C LYS B 324 -10.52 38.62 -19.97
N GLN B 325 -10.86 38.08 -21.15
CA GLN B 325 -12.20 38.14 -21.70
C GLN B 325 -13.10 37.20 -20.92
N ALA B 326 -12.61 35.96 -20.70
CA ALA B 326 -13.31 34.96 -19.91
C ALA B 326 -13.69 35.53 -18.53
N THR B 327 -12.76 36.24 -17.87
CA THR B 327 -12.97 36.79 -16.52
C THR B 327 -14.14 37.78 -16.52
N GLU B 328 -14.15 38.72 -17.48
CA GLU B 328 -15.18 39.74 -17.54
C GLU B 328 -16.54 39.06 -17.74
N VAL B 329 -16.62 38.11 -18.68
CA VAL B 329 -17.89 37.47 -18.99
C VAL B 329 -18.43 36.74 -17.75
N PHE B 330 -17.53 36.11 -17.00
CA PHE B 330 -17.90 35.32 -15.85
C PHE B 330 -18.52 36.23 -14.79
N GLY B 331 -17.88 37.39 -14.54
CA GLY B 331 -18.38 38.42 -13.62
C GLY B 331 -19.80 38.89 -13.95
N GLU B 332 -20.05 39.17 -15.24
CA GLU B 332 -21.34 39.65 -15.69
C GLU B 332 -22.36 38.55 -15.44
N ARG B 333 -22.04 37.31 -15.86
CA ARG B 333 -22.93 36.16 -15.70
C ARG B 333 -23.23 35.87 -14.22
N PHE B 334 -22.23 35.95 -13.35
CA PHE B 334 -22.48 35.73 -11.93
C PHE B 334 -23.51 36.73 -11.40
N ALA B 335 -23.45 37.98 -11.87
CA ALA B 335 -24.34 39.02 -11.37
C ALA B 335 -25.77 38.86 -11.85
N ARG B 336 -25.98 38.36 -13.08
CA ARG B 336 -27.27 37.95 -13.59
C ARG B 336 -27.79 36.72 -12.82
N VAL B 337 -27.00 35.65 -12.69
CA VAL B 337 -27.54 34.34 -12.34
C VAL B 337 -27.65 34.18 -10.81
N PHE B 338 -26.69 34.74 -10.07
CA PHE B 338 -26.79 34.71 -8.62
C PHE B 338 -26.79 36.15 -8.13
N ASP B 339 -27.96 36.82 -8.25
CA ASP B 339 -28.19 38.18 -7.74
C ASP B 339 -28.38 38.05 -6.24
N LEU B 340 -27.32 38.32 -5.48
CA LEU B 340 -27.34 38.06 -4.06
C LEU B 340 -28.28 39.06 -3.43
N LYS B 341 -29.00 38.63 -2.37
CA LYS B 341 -30.06 39.47 -1.84
C LYS B 341 -29.73 39.88 -0.41
N ALA B 342 -30.42 40.91 0.08
CA ALA B 342 -30.20 41.43 1.42
C ALA B 342 -30.34 40.30 2.42
N PRO B 343 -29.45 40.20 3.43
CA PRO B 343 -28.34 41.14 3.58
C PRO B 343 -26.97 40.63 3.14
N PHE B 344 -26.87 40.02 1.95
CA PHE B 344 -25.58 39.49 1.52
C PHE B 344 -25.12 40.14 0.22
N GLN B 345 -25.37 41.44 0.11
CA GLN B 345 -25.16 42.15 -1.14
C GLN B 345 -23.75 42.77 -1.17
N GLY B 346 -23.03 42.65 -0.05
CA GLY B 346 -21.66 43.13 0.07
C GLY B 346 -20.69 42.51 -0.95
N ASP B 347 -19.53 43.14 -1.06
CA ASP B 347 -18.46 42.68 -1.94
C ASP B 347 -17.88 41.39 -1.37
N ASN B 348 -17.86 41.29 -0.04
CA ASN B 348 -17.28 40.16 0.68
C ASN B 348 -18.12 38.90 0.41
N TYR B 349 -19.43 39.07 0.26
CA TYR B 349 -20.32 37.94 0.01
C TYR B 349 -20.26 37.54 -1.47
N LYS B 350 -20.12 38.51 -2.35
CA LYS B 350 -19.90 38.21 -3.76
C LYS B 350 -18.64 37.36 -3.95
N LYS B 351 -17.54 37.70 -3.25
CA LYS B 351 -16.29 36.98 -3.48
C LYS B 351 -16.46 35.55 -2.96
N PHE B 352 -17.18 35.42 -1.83
CA PHE B 352 -17.51 34.15 -1.20
C PHE B 352 -18.38 33.30 -2.11
N GLY B 353 -19.35 33.93 -2.76
CA GLY B 353 -20.24 33.15 -3.60
C GLY B 353 -19.54 32.68 -4.86
N LYS B 354 -18.63 33.53 -5.38
CA LYS B 354 -17.93 33.17 -6.60
C LYS B 354 -16.98 32.00 -6.32
N SER B 355 -16.39 32.04 -5.13
CA SER B 355 -15.51 30.96 -4.73
C SER B 355 -16.29 29.65 -4.61
N MET B 356 -17.40 29.70 -3.85
CA MET B 356 -18.13 28.47 -3.59
C MET B 356 -18.62 27.87 -4.90
N PHE B 357 -19.13 28.72 -5.78
CA PHE B 357 -19.75 28.20 -6.98
C PHE B 357 -18.71 27.68 -7.97
N SER B 358 -17.64 28.45 -8.22
CA SER B 358 -16.53 28.00 -9.06
C SER B 358 -15.92 26.67 -8.57
N ASN B 359 -15.71 26.53 -7.25
CA ASN B 359 -15.17 25.24 -6.80
C ASN B 359 -16.09 24.09 -7.18
N LEU B 360 -17.42 24.30 -7.14
CA LEU B 360 -18.37 23.23 -7.40
C LEU B 360 -18.35 22.88 -8.88
N ILE B 361 -18.44 23.89 -9.74
CA ILE B 361 -18.57 23.58 -11.15
C ILE B 361 -17.18 23.20 -11.67
N GLY B 362 -16.14 23.71 -11.00
CA GLY B 362 -14.77 23.34 -11.31
C GLY B 362 -14.39 21.95 -10.81
N GLY B 363 -15.25 21.33 -9.99
CA GLY B 363 -14.97 19.98 -9.57
C GLY B 363 -15.31 18.97 -10.65
N ILE B 364 -15.87 19.41 -11.79
CA ILE B 364 -16.49 18.41 -12.68
C ILE B 364 -15.42 17.47 -13.22
N GLY B 365 -15.67 16.16 -13.19
CA GLY B 365 -14.71 15.25 -13.79
C GLY B 365 -15.28 14.42 -14.94
N TYR B 366 -14.38 13.89 -15.78
CA TYR B 366 -14.75 12.79 -16.68
C TYR B 366 -14.03 11.50 -16.26
N PHE B 367 -14.83 10.44 -16.06
CA PHE B 367 -14.34 9.18 -15.54
C PHE B 367 -14.69 8.08 -16.52
N TYR B 368 -13.73 7.16 -16.70
CA TYR B 368 -13.95 6.06 -17.63
C TYR B 368 -13.25 4.81 -17.13
N GLY B 369 -13.91 3.66 -17.27
CA GLY B 369 -13.30 2.38 -16.96
C GLY B 369 -14.32 1.39 -16.45
N HIS B 370 -13.80 0.26 -15.93
CA HIS B 370 -14.64 -0.82 -15.46
C HIS B 370 -15.07 -0.51 -14.03
N SER B 371 -16.12 -1.21 -13.62
CA SER B 371 -16.64 -0.98 -12.29
C SER B 371 -16.78 -2.33 -11.60
N LEU B 372 -16.73 -2.35 -10.27
CA LEU B 372 -16.79 -3.62 -9.55
C LEU B 372 -18.19 -3.88 -8.97
N VAL B 373 -18.87 -4.90 -9.48
CA VAL B 373 -20.27 -5.18 -9.12
C VAL B 373 -20.45 -6.64 -8.75
N ASP B 374 -21.28 -6.88 -7.74
CA ASP B 374 -21.71 -8.22 -7.38
C ASP B 374 -23.03 -8.51 -8.09
N ARG B 375 -23.02 -9.44 -9.04
CA ARG B 375 -24.20 -9.75 -9.82
C ARG B 375 -24.70 -11.15 -9.50
N SER B 376 -24.46 -11.62 -8.28
CA SER B 376 -24.93 -12.95 -7.92
C SER B 376 -26.44 -12.93 -7.70
N TYR B 377 -26.96 -11.80 -7.19
CA TYR B 377 -28.34 -11.67 -6.76
C TYR B 377 -28.64 -12.76 -5.74
N ALA B 378 -27.68 -12.98 -4.84
CA ALA B 378 -27.81 -13.95 -3.76
C ALA B 378 -29.17 -13.80 -3.07
N PRO B 379 -29.91 -14.89 -2.81
CA PRO B 379 -31.16 -14.83 -2.05
C PRO B 379 -31.06 -14.17 -0.67
N GLU B 380 -29.85 -14.10 -0.10
CA GLU B 380 -29.62 -13.36 1.13
C GLU B 380 -29.89 -11.88 0.91
N TYR B 381 -29.71 -11.41 -0.31
CA TYR B 381 -29.78 -9.98 -0.59
C TYR B 381 -31.22 -9.48 -0.57
N ASP B 382 -32.20 -10.40 -0.67
CA ASP B 382 -33.62 -10.13 -0.50
C ASP B 382 -33.93 -9.65 0.92
N GLU B 383 -33.09 -9.98 1.92
CA GLU B 383 -33.23 -9.44 3.27
C GLU B 383 -34.58 -9.79 3.92
N GLU B 384 -35.08 -11.01 3.73
CA GLU B 384 -36.37 -11.49 4.21
C GLU B 384 -36.39 -11.88 5.70
N ASN B 385 -35.29 -12.38 6.27
CA ASN B 385 -35.32 -12.87 7.65
C ASN B 385 -34.78 -11.83 8.64
N GLU B 386 -35.04 -12.05 9.94
CA GLU B 386 -34.30 -11.38 10.99
C GLU B 386 -32.84 -11.77 10.89
N GLY B 387 -31.97 -10.93 11.48
CA GLY B 387 -30.54 -11.09 11.35
C GLY B 387 -30.05 -11.14 9.89
N PHE B 388 -30.84 -10.57 8.94
CA PHE B 388 -30.56 -10.55 7.51
C PHE B 388 -29.15 -10.00 7.21
N TRP B 389 -28.61 -9.16 8.11
CA TRP B 389 -27.31 -8.56 7.87
C TRP B 389 -26.17 -9.57 8.02
N GLU B 390 -26.31 -10.54 8.94
CA GLU B 390 -25.41 -11.69 9.00
C GLU B 390 -25.49 -12.51 7.70
N ASP B 391 -26.70 -12.75 7.19
CA ASP B 391 -26.88 -13.46 5.92
C ASP B 391 -26.13 -12.73 4.80
N ALA B 392 -26.13 -11.38 4.87
CA ALA B 392 -25.56 -10.55 3.83
C ALA B 392 -24.04 -10.69 3.85
N ALA B 393 -23.47 -10.69 5.08
CA ALA B 393 -22.02 -10.80 5.25
C ALA B 393 -21.52 -12.13 4.71
N GLU B 394 -22.33 -13.16 4.88
CA GLU B 394 -22.03 -14.48 4.33
C GLU B 394 -22.02 -14.43 2.81
N ALA B 395 -23.04 -13.80 2.22
CA ALA B 395 -23.16 -13.73 0.76
C ALA B 395 -21.98 -12.94 0.19
N ARG B 396 -21.53 -11.91 0.91
CA ARG B 396 -20.40 -11.13 0.43
C ARG B 396 -19.12 -11.97 0.50
N ALA B 397 -19.01 -12.81 1.55
CA ALA B 397 -17.82 -13.62 1.76
C ALA B 397 -17.67 -14.65 0.65
N ARG B 398 -18.71 -14.88 -0.16
CA ARG B 398 -18.57 -15.78 -1.30
C ARG B 398 -17.92 -15.09 -2.51
N HIS B 399 -17.63 -13.78 -2.41
CA HIS B 399 -16.87 -12.98 -3.37
C HIS B 399 -17.20 -13.29 -4.83
N GLN B 400 -18.46 -13.09 -5.23
CA GLN B 400 -18.88 -13.26 -6.62
C GLN B 400 -18.69 -11.97 -7.44
N GLU B 401 -18.16 -10.90 -6.86
CA GLU B 401 -18.06 -9.65 -7.60
C GLU B 401 -17.04 -9.75 -8.74
N ALA B 402 -17.30 -9.00 -9.82
CA ALA B 402 -16.44 -8.94 -10.99
C ALA B 402 -16.48 -7.54 -11.61
N LEU B 403 -15.37 -7.18 -12.27
CA LEU B 403 -15.27 -5.96 -13.02
C LEU B 403 -16.18 -6.05 -14.23
N GLU B 404 -16.93 -4.98 -14.51
CA GLU B 404 -17.78 -4.93 -15.68
C GLU B 404 -17.75 -3.51 -16.24
N GLY B 405 -18.10 -3.40 -17.53
CA GLY B 405 -17.98 -2.13 -18.23
C GLY B 405 -17.21 -2.33 -19.51
N PRO B 406 -16.44 -1.34 -20.04
CA PRO B 406 -16.18 -0.07 -19.34
C PRO B 406 -17.37 0.93 -19.38
N TYR B 407 -17.44 1.84 -18.41
CA TYR B 407 -18.48 2.84 -18.37
C TYR B 407 -17.84 4.23 -18.41
N GLU B 408 -18.67 5.26 -18.62
CA GLU B 408 -18.18 6.63 -18.56
C GLU B 408 -19.12 7.50 -17.74
N LEU B 409 -18.55 8.50 -17.07
CA LEU B 409 -19.40 9.39 -16.31
C LEU B 409 -18.79 10.79 -16.40
N PHE B 410 -19.63 11.75 -16.81
CA PHE B 410 -19.35 13.17 -16.72
C PHE B 410 -20.21 13.75 -15.59
N THR B 411 -19.55 14.25 -14.52
CA THR B 411 -20.28 14.54 -13.28
C THR B 411 -19.44 15.45 -12.40
N SER B 412 -20.07 16.27 -11.56
CA SER B 412 -19.31 16.92 -10.51
C SER B 412 -19.18 15.95 -9.33
N ILE B 413 -18.53 16.41 -8.25
CA ILE B 413 -18.04 15.52 -7.22
C ILE B 413 -18.12 16.23 -5.88
N PRO B 414 -18.21 15.48 -4.76
CA PRO B 414 -18.24 16.10 -3.45
C PRO B 414 -16.93 16.75 -2.99
N SER B 415 -15.78 16.11 -3.25
CA SER B 415 -14.54 16.70 -2.74
C SER B 415 -13.35 16.18 -3.53
N ARG B 416 -12.54 17.12 -4.05
CA ARG B 416 -11.39 16.79 -4.88
C ARG B 416 -10.41 15.91 -4.11
N PRO B 417 -9.95 16.28 -2.88
CA PRO B 417 -9.03 15.43 -2.12
C PRO B 417 -9.61 14.11 -1.64
N PHE B 418 -10.85 14.11 -1.10
CA PHE B 418 -11.33 12.94 -0.36
C PHE B 418 -12.28 12.09 -1.19
N PHE B 419 -13.20 12.71 -1.94
CA PHE B 419 -14.20 11.93 -2.66
C PHE B 419 -14.23 12.30 -4.15
N PRO B 420 -13.13 12.15 -4.92
CA PRO B 420 -13.12 12.60 -6.31
C PRO B 420 -13.78 11.58 -7.23
N ARG B 421 -15.09 11.36 -7.04
CA ARG B 421 -15.87 10.50 -7.93
C ARG B 421 -17.37 10.80 -7.81
N GLY B 422 -18.20 10.09 -8.60
CA GLY B 422 -19.62 10.38 -8.65
C GLY B 422 -20.37 9.67 -7.53
N PHE B 423 -21.21 10.45 -6.81
CA PHE B 423 -22.14 9.98 -5.79
C PHE B 423 -23.57 10.39 -6.16
N LEU B 424 -24.48 9.42 -6.11
CA LEU B 424 -25.78 9.53 -6.76
C LEU B 424 -26.65 10.62 -6.11
N TRP B 425 -26.78 10.65 -4.79
CA TRP B 425 -27.70 11.63 -4.21
C TRP B 425 -27.04 12.99 -4.06
N ASP B 426 -25.69 13.00 -3.97
CA ASP B 426 -24.93 14.24 -3.93
C ASP B 426 -25.17 15.03 -5.21
N GLU B 427 -25.28 14.31 -6.35
CA GLU B 427 -25.32 14.93 -7.66
C GLU B 427 -26.58 15.79 -7.81
N GLY B 428 -27.73 15.31 -7.30
CA GLY B 428 -28.94 16.12 -7.35
C GLY B 428 -28.71 17.48 -6.70
N PHE B 429 -28.07 17.50 -5.53
CA PHE B 429 -27.75 18.75 -4.88
C PHE B 429 -26.80 19.59 -5.73
N HIS B 430 -25.71 18.99 -6.22
CA HIS B 430 -24.70 19.66 -7.03
C HIS B 430 -25.30 20.45 -8.20
N LEU B 431 -26.25 19.81 -8.91
CA LEU B 431 -26.79 20.32 -10.15
C LEU B 431 -27.79 21.44 -9.92
N LEU B 432 -28.25 21.65 -8.67
CA LEU B 432 -29.15 22.77 -8.43
C LEU B 432 -28.48 24.11 -8.76
N PRO B 433 -27.28 24.47 -8.23
CA PRO B 433 -26.59 25.69 -8.68
C PRO B 433 -26.07 25.62 -10.11
N ILE B 434 -25.60 24.44 -10.51
CA ILE B 434 -25.11 24.29 -11.86
C ILE B 434 -26.23 24.54 -12.90
N ALA B 435 -27.46 24.07 -12.62
CA ALA B 435 -28.54 24.22 -13.58
C ALA B 435 -28.92 25.68 -13.75
N ASP B 436 -28.76 26.47 -12.68
CA ASP B 436 -29.00 27.91 -12.77
C ASP B 436 -27.99 28.54 -13.73
N TRP B 437 -26.71 28.18 -13.57
CA TRP B 437 -25.68 28.74 -14.42
C TRP B 437 -25.84 28.32 -15.87
N ASP B 438 -26.22 27.06 -16.12
CA ASP B 438 -25.99 26.45 -17.43
C ASP B 438 -26.85 25.19 -17.51
N ILE B 439 -28.12 25.33 -17.90
CA ILE B 439 -29.09 24.26 -17.78
C ILE B 439 -28.62 23.11 -18.69
N ASP B 440 -27.95 23.48 -19.78
CA ASP B 440 -27.61 22.46 -20.78
C ASP B 440 -26.51 21.55 -20.24
N LEU B 441 -25.59 22.13 -19.46
CA LEU B 441 -24.55 21.41 -18.78
C LEU B 441 -25.18 20.39 -17.82
N ALA B 442 -26.15 20.88 -17.03
CA ALA B 442 -26.82 20.05 -16.05
C ALA B 442 -27.54 18.89 -16.73
N LEU B 443 -28.19 19.15 -17.87
CA LEU B 443 -28.91 18.08 -18.55
C LEU B 443 -27.97 17.03 -19.11
N GLU B 444 -26.72 17.42 -19.44
CA GLU B 444 -25.70 16.51 -19.94
C GLU B 444 -25.29 15.54 -18.84
N ILE B 445 -24.93 16.10 -17.67
CA ILE B 445 -24.56 15.32 -16.50
C ILE B 445 -25.69 14.38 -16.08
N ILE B 446 -26.94 14.85 -16.09
CA ILE B 446 -28.05 13.96 -15.81
C ILE B 446 -28.12 12.84 -16.85
N LYS B 447 -27.84 13.17 -18.12
CA LYS B 447 -27.94 12.18 -19.18
C LYS B 447 -26.86 11.12 -18.97
N SER B 448 -25.66 11.56 -18.56
CA SER B 448 -24.49 10.73 -18.30
C SER B 448 -24.82 9.73 -17.18
N TRP B 449 -25.38 10.23 -16.08
CA TRP B 449 -25.81 9.36 -15.00
C TRP B 449 -26.83 8.31 -15.48
N TYR B 450 -27.91 8.74 -16.13
CA TYR B 450 -28.99 7.84 -16.50
C TYR B 450 -28.50 6.88 -17.60
N ASN B 451 -27.39 7.22 -18.23
CA ASN B 451 -26.81 6.26 -19.17
C ASN B 451 -26.17 5.04 -18.47
N LEU B 452 -25.89 5.11 -17.17
CA LEU B 452 -25.29 4.01 -16.44
C LEU B 452 -26.38 2.99 -16.10
N MET B 453 -27.62 3.47 -16.08
CA MET B 453 -28.68 2.66 -15.50
C MET B 453 -28.75 1.30 -16.19
N ASP B 454 -28.76 0.22 -15.41
CA ASP B 454 -28.88 -1.10 -16.01
C ASP B 454 -30.33 -1.31 -16.43
N GLU B 455 -30.62 -2.53 -16.88
CA GLU B 455 -31.90 -2.91 -17.47
C GLU B 455 -33.01 -3.04 -16.41
N ASP B 456 -32.65 -3.19 -15.13
CA ASP B 456 -33.70 -3.30 -14.11
C ASP B 456 -34.03 -1.92 -13.54
N GLY B 457 -33.16 -0.93 -13.82
CA GLY B 457 -33.28 0.44 -13.34
C GLY B 457 -32.39 0.76 -12.13
N TRP B 458 -31.29 0.00 -11.98
CA TRP B 458 -30.32 0.26 -10.93
C TRP B 458 -29.19 1.14 -11.45
N ILE B 459 -28.78 2.09 -10.60
CA ILE B 459 -27.57 2.88 -10.81
C ILE B 459 -26.82 2.82 -9.48
N ALA B 460 -25.54 2.45 -9.52
CA ALA B 460 -24.81 2.33 -8.28
C ALA B 460 -24.66 3.70 -7.64
N ARG B 461 -24.70 3.73 -6.32
CA ARG B 461 -24.70 4.98 -5.58
C ARG B 461 -23.33 5.62 -5.64
N GLU B 462 -22.29 4.81 -5.86
CA GLU B 462 -20.94 5.34 -5.91
C GLU B 462 -20.32 4.81 -7.18
N GLN B 463 -19.87 5.72 -8.06
CA GLN B 463 -19.34 5.29 -9.34
C GLN B 463 -17.81 5.34 -9.28
N ILE B 464 -17.17 4.16 -9.22
CA ILE B 464 -15.71 4.08 -9.16
C ILE B 464 -15.23 3.50 -10.49
N LEU B 465 -14.84 4.38 -11.43
CA LEU B 465 -14.62 3.95 -12.81
C LEU B 465 -13.13 3.95 -13.15
N GLY B 466 -12.58 2.75 -13.36
CA GLY B 466 -11.20 2.58 -13.75
C GLY B 466 -10.23 2.49 -12.57
N ALA B 467 -9.01 2.07 -12.90
CA ALA B 467 -7.98 1.72 -11.93
C ALA B 467 -7.56 2.99 -11.19
N GLU B 468 -7.44 4.09 -11.95
CA GLU B 468 -7.09 5.38 -11.36
C GLU B 468 -8.11 5.78 -10.29
N ALA B 469 -9.40 5.54 -10.51
CA ALA B 469 -10.36 5.93 -9.50
C ALA B 469 -10.28 4.95 -8.33
N ARG B 470 -10.02 3.69 -8.64
CA ARG B 470 -10.03 2.58 -7.69
C ARG B 470 -8.88 2.73 -6.70
N SER B 471 -7.80 3.41 -7.11
CA SER B 471 -6.58 3.47 -6.32
C SER B 471 -6.78 4.35 -5.08
N LYS B 472 -7.91 5.03 -4.97
CA LYS B 472 -8.09 5.93 -3.85
C LYS B 472 -9.12 5.36 -2.89
N VAL B 473 -9.56 4.11 -3.12
CA VAL B 473 -10.72 3.55 -2.45
C VAL B 473 -10.34 2.19 -1.90
N PRO B 474 -10.28 2.04 -0.55
CA PRO B 474 -9.96 0.75 0.08
C PRO B 474 -10.93 -0.25 -0.50
N LYS B 475 -10.43 -1.45 -0.77
CA LYS B 475 -11.14 -2.54 -1.45
C LYS B 475 -12.53 -2.80 -0.84
N GLU B 476 -12.66 -2.70 0.49
CA GLU B 476 -13.91 -3.05 1.15
C GLU B 476 -15.02 -2.06 0.78
N PHE B 477 -14.68 -0.94 0.15
CA PHE B 477 -15.71 -0.01 -0.30
C PHE B 477 -15.95 -0.05 -1.81
N GLN B 478 -15.36 -1.00 -2.56
CA GLN B 478 -15.35 -0.85 -4.00
C GLN B 478 -16.58 -1.52 -4.58
N THR B 479 -16.98 -2.66 -3.99
CA THR B 479 -18.04 -3.44 -4.63
C THR B 479 -19.38 -2.71 -4.54
N GLN B 480 -20.18 -2.76 -5.62
CA GLN B 480 -21.51 -2.17 -5.64
C GLN B 480 -22.56 -3.30 -5.75
N TYR B 481 -23.72 -3.09 -5.14
CA TYR B 481 -24.74 -4.12 -5.00
C TYR B 481 -26.01 -3.67 -5.70
N PRO B 482 -26.51 -4.44 -6.69
CA PRO B 482 -27.71 -4.09 -7.45
C PRO B 482 -29.01 -3.92 -6.64
N HIS B 483 -28.94 -4.16 -5.32
CA HIS B 483 -30.11 -3.98 -4.48
C HIS B 483 -29.94 -2.75 -3.56
N TYR B 484 -28.85 -1.99 -3.71
CA TYR B 484 -28.65 -0.83 -2.86
C TYR B 484 -29.11 0.46 -3.57
N ALA B 485 -30.04 1.18 -2.94
CA ALA B 485 -30.53 2.43 -3.51
C ALA B 485 -29.73 3.60 -2.96
N ASN B 486 -30.08 4.82 -3.42
CA ASN B 486 -29.62 6.08 -2.86
C ASN B 486 -30.76 7.07 -3.12
N PRO B 487 -30.91 8.18 -2.36
CA PRO B 487 -32.00 9.12 -2.61
C PRO B 487 -32.02 9.65 -4.04
N PRO B 488 -33.17 9.63 -4.74
CA PRO B 488 -33.21 10.13 -6.13
C PRO B 488 -33.27 11.66 -6.24
N THR B 489 -32.23 12.33 -5.72
CA THR B 489 -32.20 13.78 -5.72
C THR B 489 -32.16 14.33 -7.15
N LEU B 490 -31.81 13.51 -8.14
CA LEU B 490 -31.70 14.06 -9.49
C LEU B 490 -33.07 14.56 -9.97
N PHE B 491 -34.15 13.93 -9.47
CA PHE B 491 -35.49 14.39 -9.77
C PHE B 491 -35.70 15.87 -9.39
N LEU B 492 -35.10 16.34 -8.29
CA LEU B 492 -35.26 17.73 -7.89
C LEU B 492 -34.77 18.68 -8.99
N VAL B 493 -33.66 18.34 -9.65
CA VAL B 493 -33.13 19.19 -10.70
C VAL B 493 -34.14 19.18 -11.83
N LEU B 494 -34.70 18.00 -12.12
CA LEU B 494 -35.64 17.97 -13.24
C LEU B 494 -36.85 18.87 -12.92
N ASP B 495 -37.30 18.88 -11.67
CA ASP B 495 -38.39 19.72 -11.22
C ASP B 495 -38.09 21.16 -11.61
N ASN B 496 -36.86 21.64 -11.33
CA ASN B 496 -36.50 23.01 -11.68
C ASN B 496 -36.54 23.20 -13.19
N PHE B 497 -36.14 22.18 -13.93
CA PHE B 497 -36.08 22.29 -15.36
C PHE B 497 -37.50 22.32 -15.93
N VAL B 498 -38.42 21.55 -15.33
CA VAL B 498 -39.79 21.50 -15.81
C VAL B 498 -40.44 22.88 -15.63
N GLU B 499 -40.28 23.43 -14.43
CA GLU B 499 -40.73 24.76 -14.06
C GLU B 499 -40.29 25.75 -15.12
N ARG B 500 -38.99 25.75 -15.41
CA ARG B 500 -38.38 26.70 -16.33
C ARG B 500 -38.99 26.57 -17.73
N LEU B 501 -39.28 25.33 -18.16
CA LEU B 501 -39.82 25.02 -19.49
C LEU B 501 -41.23 25.61 -19.64
N ARG B 502 -42.02 25.54 -18.55
CA ARG B 502 -43.40 26.01 -18.52
C ARG B 502 -43.44 27.53 -18.69
N LYS B 503 -42.53 28.27 -18.02
CA LYS B 503 -42.52 29.75 -18.03
C LYS B 503 -42.42 30.37 -19.45
N THR B 520 -26.23 31.16 -27.55
CA THR B 520 -25.54 30.60 -26.35
C THR B 520 -26.06 29.18 -26.09
N LEU B 521 -25.11 28.24 -25.98
CA LEU B 521 -25.44 26.83 -25.89
C LEU B 521 -26.01 26.45 -24.51
N SER B 522 -25.59 27.18 -23.47
CA SER B 522 -26.11 27.13 -22.11
C SER B 522 -27.63 26.92 -22.02
N THR B 523 -28.42 27.58 -22.88
CA THR B 523 -29.85 27.69 -22.60
C THR B 523 -30.64 27.12 -23.77
N ALA B 524 -29.96 26.46 -24.70
CA ALA B 524 -30.57 26.16 -25.98
C ALA B 524 -31.82 25.32 -25.77
N SER B 525 -31.83 24.58 -24.67
CA SER B 525 -32.84 23.58 -24.32
C SER B 525 -34.09 24.23 -23.73
N VAL B 526 -33.99 25.47 -23.24
CA VAL B 526 -35.16 26.23 -22.86
C VAL B 526 -35.49 27.25 -23.96
N ASP B 527 -34.48 27.91 -24.54
CA ASP B 527 -34.67 28.96 -25.53
C ASP B 527 -35.53 28.49 -26.70
N ASN B 528 -35.36 27.24 -27.14
CA ASN B 528 -36.29 26.55 -28.02
C ASN B 528 -36.91 25.42 -27.20
N PRO B 529 -38.11 25.62 -26.64
CA PRO B 529 -38.70 24.64 -25.72
C PRO B 529 -38.94 23.26 -26.36
N GLU B 530 -38.92 23.20 -27.68
CA GLU B 530 -39.10 21.92 -28.36
C GLU B 530 -37.93 20.99 -28.03
N VAL B 531 -36.73 21.57 -27.92
CA VAL B 531 -35.51 20.80 -27.70
C VAL B 531 -35.61 20.14 -26.33
N GLY B 532 -35.88 20.96 -25.31
CA GLY B 532 -36.06 20.49 -23.95
C GLY B 532 -37.14 19.42 -23.85
N LEU B 533 -38.18 19.56 -24.66
CA LEU B 533 -39.30 18.63 -24.57
C LEU B 533 -38.88 17.26 -25.10
N GLU B 534 -38.05 17.27 -26.14
CA GLU B 534 -37.55 16.03 -26.68
C GLU B 534 -36.58 15.36 -25.72
N TYR B 535 -35.69 16.15 -25.11
CA TYR B 535 -34.84 15.68 -24.02
C TYR B 535 -35.65 14.87 -23.00
N LEU B 536 -36.77 15.42 -22.51
CA LEU B 536 -37.61 14.71 -21.54
C LEU B 536 -38.32 13.52 -22.17
N ARG B 537 -38.71 13.63 -23.45
CA ARG B 537 -39.30 12.46 -24.08
C ARG B 537 -38.34 11.29 -24.00
N ARG B 538 -37.04 11.55 -24.21
CA ARG B 538 -36.02 10.52 -24.25
C ARG B 538 -35.69 9.99 -22.85
N LEU B 539 -35.73 10.86 -21.81
CA LEU B 539 -35.32 10.51 -20.46
C LEU B 539 -36.47 9.90 -19.63
N TYR B 540 -37.72 10.31 -19.93
CA TYR B 540 -38.88 9.85 -19.16
C TYR B 540 -38.92 8.32 -18.96
N PRO B 541 -38.79 7.46 -20.01
CA PRO B 541 -38.79 6.01 -19.81
C PRO B 541 -37.78 5.55 -18.76
N LEU B 542 -36.63 6.23 -18.65
CA LEU B 542 -35.61 5.77 -17.72
C LEU B 542 -35.97 6.19 -16.31
N LEU B 543 -36.57 7.39 -16.15
CA LEU B 543 -37.17 7.79 -14.88
C LEU B 543 -38.25 6.80 -14.47
N ARG B 544 -39.05 6.34 -15.44
CA ARG B 544 -40.13 5.42 -15.09
C ARG B 544 -39.52 4.11 -14.60
N ARG B 545 -38.40 3.74 -15.22
CA ARG B 545 -37.76 2.48 -14.90
C ARG B 545 -37.21 2.56 -13.48
N GLN B 546 -36.54 3.68 -13.18
CA GLN B 546 -35.93 3.79 -11.86
C GLN B 546 -37.02 3.80 -10.81
N PHE B 547 -38.13 4.50 -11.10
CA PHE B 547 -39.26 4.57 -10.18
C PHE B 547 -39.78 3.15 -9.90
N ASP B 548 -40.11 2.43 -10.98
CA ASP B 548 -40.49 1.02 -10.93
C ASP B 548 -39.54 0.21 -10.05
N TRP B 549 -38.23 0.33 -10.29
CA TRP B 549 -37.15 -0.36 -9.59
C TRP B 549 -37.19 -0.09 -8.09
N PHE B 550 -37.41 1.17 -7.67
CA PHE B 550 -37.50 1.46 -6.24
C PHE B 550 -38.68 0.72 -5.62
N ARG B 551 -39.85 0.76 -6.28
CA ARG B 551 -41.06 0.17 -5.72
C ARG B 551 -40.93 -1.36 -5.64
N LYS B 552 -40.15 -1.94 -6.55
CA LYS B 552 -39.90 -3.37 -6.55
C LYS B 552 -38.86 -3.77 -5.49
N THR B 553 -37.68 -3.12 -5.47
CA THR B 553 -36.59 -3.65 -4.68
C THR B 553 -36.54 -3.04 -3.27
N GLN B 554 -37.27 -1.93 -2.99
CA GLN B 554 -37.25 -1.39 -1.63
C GLN B 554 -38.64 -1.44 -0.97
N ALA B 555 -39.51 -2.30 -1.48
CA ALA B 555 -40.84 -2.52 -0.91
C ALA B 555 -40.73 -2.81 0.59
N GLY B 556 -41.56 -2.13 1.40
CA GLY B 556 -41.79 -2.52 2.78
C GLY B 556 -42.90 -3.57 2.87
N ASP B 557 -43.12 -4.08 4.09
CA ASP B 557 -44.09 -5.14 4.30
C ASP B 557 -45.19 -4.62 5.22
N ILE B 558 -46.43 -4.55 4.69
CA ILE B 558 -47.60 -4.26 5.51
C ILE B 558 -48.38 -5.57 5.74
N LYS B 559 -48.71 -6.30 4.67
CA LYS B 559 -49.57 -7.49 4.64
C LYS B 559 -49.20 -8.52 5.72
N SER B 560 -47.93 -8.89 5.82
CA SER B 560 -47.60 -10.05 6.62
C SER B 560 -47.53 -9.75 8.12
N TYR B 561 -48.04 -8.59 8.56
CA TYR B 561 -48.02 -8.26 9.99
C TYR B 561 -49.33 -7.63 10.48
N ASP B 562 -49.28 -7.19 11.74
CA ASP B 562 -50.40 -6.58 12.44
C ASP B 562 -50.42 -5.07 12.18
N ARG B 563 -50.80 -4.69 10.94
CA ARG B 563 -50.52 -3.37 10.42
C ARG B 563 -51.71 -2.86 9.63
N GLU B 564 -52.24 -1.72 10.07
CA GLU B 564 -53.41 -1.17 9.39
C GLU B 564 -52.99 0.11 8.69
N ALA B 565 -53.46 0.23 7.45
CA ALA B 565 -53.03 1.34 6.60
C ALA B 565 -54.09 1.55 5.53
N TYR B 566 -54.26 2.83 5.15
CA TYR B 566 -55.11 3.21 4.05
C TYR B 566 -54.76 2.34 2.83
N SER B 567 -53.47 2.24 2.50
CA SER B 567 -53.00 1.42 1.38
C SER B 567 -52.08 0.33 1.92
N THR B 568 -52.24 -0.88 1.37
CA THR B 568 -51.45 -2.03 1.79
C THR B 568 -50.28 -2.18 0.83
N LYS B 569 -50.13 -1.19 -0.06
CA LYS B 569 -49.12 -1.22 -1.11
C LYS B 569 -47.97 -0.28 -0.77
N GLU B 570 -48.28 0.93 -0.25
CA GLU B 570 -47.28 1.99 -0.20
C GLU B 570 -46.51 1.92 1.11
N ALA B 571 -45.33 1.28 1.07
CA ALA B 571 -44.45 1.27 2.23
C ALA B 571 -43.07 0.82 1.78
N TYR B 572 -42.03 1.30 2.48
CA TYR B 572 -40.71 1.28 1.88
C TYR B 572 -39.65 0.98 2.92
N ARG B 573 -38.69 0.14 2.53
CA ARG B 573 -37.61 -0.21 3.46
C ARG B 573 -36.28 -0.20 2.72
N TRP B 574 -35.34 0.63 3.21
CA TRP B 574 -34.03 0.71 2.56
C TRP B 574 -33.36 -0.65 2.70
N ARG B 575 -33.06 -1.30 1.60
CA ARG B 575 -32.18 -2.45 1.69
C ARG B 575 -30.79 -2.02 2.18
N GLY B 576 -30.04 -2.96 2.78
CA GLY B 576 -28.62 -2.75 2.97
C GLY B 576 -28.24 -2.17 4.33
N ARG B 577 -29.16 -2.16 5.30
CA ARG B 577 -28.65 -1.74 6.59
C ARG B 577 -27.86 -2.85 7.30
N THR B 578 -27.06 -2.34 8.25
CA THR B 578 -26.31 -3.09 9.24
C THR B 578 -26.71 -2.48 10.59
N VAL B 579 -26.08 -2.92 11.69
CA VAL B 579 -26.63 -2.66 13.01
C VAL B 579 -26.60 -1.16 13.33
N SER B 580 -25.51 -0.46 13.00
CA SER B 580 -25.37 0.91 13.48
C SER B 580 -25.46 1.95 12.35
N HIS B 581 -25.95 1.56 11.16
CA HIS B 581 -25.72 2.29 9.93
C HIS B 581 -26.85 2.03 8.94
N CYS B 582 -26.99 2.98 8.00
CA CYS B 582 -27.85 2.85 6.83
C CYS B 582 -27.30 3.76 5.74
N LEU B 583 -26.34 3.22 4.97
CA LEU B 583 -25.50 3.99 4.08
C LEU B 583 -26.27 4.31 2.81
N THR B 584 -27.16 3.40 2.39
CA THR B 584 -27.97 3.62 1.21
C THR B 584 -28.81 4.89 1.36
N SER B 585 -29.18 5.22 2.60
CA SER B 585 -30.11 6.31 2.80
C SER B 585 -29.39 7.65 2.67
N GLY B 586 -28.03 7.60 2.67
CA GLY B 586 -27.21 8.83 2.61
C GLY B 586 -26.99 9.44 4.00
N LEU B 587 -27.82 9.08 5.00
CA LEU B 587 -27.62 9.62 6.36
C LEU B 587 -27.00 8.52 7.23
N ASP B 588 -25.69 8.32 7.04
CA ASP B 588 -24.98 7.09 7.32
C ASP B 588 -25.36 6.49 8.67
N ASP B 589 -25.25 7.28 9.76
CA ASP B 589 -25.33 6.77 11.13
C ASP B 589 -26.52 7.36 11.89
N TYR B 590 -27.47 7.96 11.17
CA TYR B 590 -28.70 8.42 11.80
C TYR B 590 -29.36 7.22 12.51
N PRO B 591 -29.76 7.35 13.79
CA PRO B 591 -30.31 6.20 14.53
C PRO B 591 -31.60 5.71 13.89
N ARG B 592 -31.67 4.39 13.65
CA ARG B 592 -32.80 3.70 13.07
C ARG B 592 -33.32 2.67 14.06
N PRO B 593 -34.39 1.88 13.78
CA PRO B 593 -34.85 0.89 14.77
C PRO B 593 -33.78 -0.18 15.01
N GLN B 594 -33.55 -0.54 16.29
CA GLN B 594 -32.65 -1.64 16.65
C GLN B 594 -33.45 -2.79 17.27
N PRO B 595 -33.24 -4.04 16.82
CA PRO B 595 -32.27 -4.31 15.78
C PRO B 595 -32.88 -3.92 14.44
N PRO B 596 -32.07 -3.88 13.36
CA PRO B 596 -32.63 -3.91 12.01
C PRO B 596 -33.60 -5.09 11.93
N HIS B 597 -34.53 -5.06 10.98
CA HIS B 597 -35.60 -6.05 10.94
C HIS B 597 -36.30 -5.92 9.59
N PRO B 598 -36.71 -7.04 8.94
CA PRO B 598 -37.37 -6.99 7.63
C PRO B 598 -38.71 -6.27 7.65
N GLY B 599 -39.14 -5.86 8.85
CA GLY B 599 -40.44 -5.26 9.03
C GLY B 599 -40.35 -3.77 9.34
N GLU B 600 -39.11 -3.24 9.31
CA GLU B 600 -38.83 -1.80 9.32
C GLU B 600 -39.54 -1.13 8.14
N LEU B 601 -39.91 0.14 8.37
CA LEU B 601 -40.31 1.07 7.33
C LEU B 601 -39.60 2.39 7.57
N HIS B 602 -39.03 2.96 6.51
CA HIS B 602 -38.28 4.20 6.63
C HIS B 602 -39.06 5.35 6.00
N VAL B 603 -39.16 6.46 6.76
CA VAL B 603 -40.07 7.52 6.39
C VAL B 603 -39.42 8.41 5.32
N ASP B 604 -38.08 8.53 5.38
CA ASP B 604 -37.33 9.25 4.36
C ASP B 604 -37.55 8.58 3.01
N LEU B 605 -37.50 7.23 2.99
CA LEU B 605 -37.59 6.56 1.70
C LEU B 605 -38.98 6.71 1.10
N MET B 606 -40.02 6.62 1.94
CA MET B 606 -41.36 6.86 1.42
C MET B 606 -41.43 8.29 0.85
N SER B 607 -40.95 9.26 1.61
CA SER B 607 -40.87 10.62 1.11
C SER B 607 -40.25 10.71 -0.30
N TRP B 608 -39.10 10.04 -0.55
CA TRP B 608 -38.45 10.08 -1.87
C TRP B 608 -39.32 9.47 -2.96
N VAL B 609 -40.09 8.43 -2.62
CA VAL B 609 -41.00 7.87 -3.63
C VAL B 609 -42.07 8.91 -3.95
N GLY B 610 -42.46 9.69 -2.93
CA GLY B 610 -43.38 10.80 -3.19
C GLY B 610 -42.78 11.84 -4.14
N VAL B 611 -41.51 12.22 -3.90
CA VAL B 611 -40.83 13.13 -4.78
C VAL B 611 -40.89 12.61 -6.23
N MET B 612 -40.59 11.32 -6.38
CA MET B 612 -40.44 10.78 -7.73
C MET B 612 -41.80 10.84 -8.43
N VAL B 613 -42.85 10.41 -7.72
CA VAL B 613 -44.16 10.34 -8.35
C VAL B 613 -44.64 11.75 -8.71
N LYS B 614 -44.32 12.74 -7.86
CA LYS B 614 -44.70 14.10 -8.22
C LYS B 614 -43.98 14.56 -9.50
N SER B 615 -42.68 14.28 -9.65
CA SER B 615 -41.98 14.70 -10.88
C SER B 615 -42.52 13.95 -12.08
N LEU B 616 -42.85 12.67 -11.91
CA LEU B 616 -43.38 11.91 -13.04
C LEU B 616 -44.73 12.47 -13.48
N ILE B 617 -45.56 12.91 -12.53
CA ILE B 617 -46.84 13.52 -12.90
C ILE B 617 -46.56 14.75 -13.78
N SER B 618 -45.61 15.60 -13.37
CA SER B 618 -45.38 16.83 -14.14
C SER B 618 -44.89 16.49 -15.53
N ILE B 619 -43.95 15.54 -15.58
CA ILE B 619 -43.21 15.32 -16.82
C ILE B 619 -44.15 14.58 -17.76
N GLY B 620 -44.83 13.55 -17.21
CA GLY B 620 -45.81 12.77 -17.94
C GLY B 620 -46.85 13.70 -18.56
N SER B 621 -47.34 14.64 -17.77
CA SER B 621 -48.38 15.51 -18.27
C SER B 621 -47.87 16.43 -19.38
N LEU B 622 -46.64 16.93 -19.27
CA LEU B 622 -46.01 17.68 -20.35
C LEU B 622 -45.92 16.84 -21.63
N LEU B 623 -45.76 15.53 -21.51
CA LEU B 623 -45.53 14.67 -22.68
C LEU B 623 -46.86 14.06 -23.15
N GLY B 624 -47.92 14.28 -22.36
CA GLY B 624 -49.24 13.72 -22.64
C GLY B 624 -49.30 12.21 -22.45
N ALA B 625 -48.59 11.70 -21.45
CA ALA B 625 -48.70 10.29 -21.08
C ALA B 625 -49.93 10.06 -20.21
N THR B 626 -51.11 10.19 -20.81
CA THR B 626 -52.35 10.28 -20.05
C THR B 626 -52.61 8.97 -19.33
N GLU B 627 -52.09 7.87 -19.89
CA GLU B 627 -52.28 6.52 -19.37
C GLU B 627 -51.62 6.35 -18.00
N ASP B 628 -50.49 7.04 -17.77
CA ASP B 628 -49.77 6.91 -16.52
C ASP B 628 -50.41 7.76 -15.42
N VAL B 629 -51.21 8.76 -15.82
CA VAL B 629 -51.79 9.74 -14.91
C VAL B 629 -52.60 9.02 -13.82
N GLU B 630 -53.43 8.05 -14.22
CA GLU B 630 -54.27 7.34 -13.28
C GLU B 630 -53.40 6.65 -12.23
N PHE B 631 -52.35 5.99 -12.71
CA PHE B 631 -51.45 5.23 -11.86
C PHE B 631 -50.74 6.17 -10.87
N TYR B 632 -50.16 7.26 -11.38
CA TYR B 632 -49.33 8.14 -10.59
C TYR B 632 -50.17 8.75 -9.46
N THR B 633 -51.35 9.23 -9.86
CA THR B 633 -52.37 9.82 -9.02
C THR B 633 -52.72 8.90 -7.84
N LYS B 634 -52.96 7.62 -8.10
CA LYS B 634 -53.27 6.67 -7.05
C LYS B 634 -52.09 6.52 -6.09
N VAL B 635 -50.86 6.48 -6.65
CA VAL B 635 -49.69 6.24 -5.82
C VAL B 635 -49.52 7.41 -4.87
N LEU B 636 -49.67 8.62 -5.43
CA LEU B 636 -49.45 9.81 -4.64
C LEU B 636 -50.47 9.94 -3.52
N ASP B 637 -51.76 9.72 -3.86
CA ASP B 637 -52.80 9.67 -2.84
C ASP B 637 -52.47 8.66 -1.73
N ALA B 638 -52.10 7.43 -2.14
CA ALA B 638 -51.74 6.35 -1.22
C ALA B 638 -50.60 6.78 -0.29
N ILE B 639 -49.58 7.46 -0.83
CA ILE B 639 -48.40 7.77 -0.04
C ILE B 639 -48.77 8.79 1.03
N GLU B 640 -49.58 9.78 0.62
CA GLU B 640 -50.01 10.86 1.51
C GLU B 640 -50.74 10.29 2.73
N HIS B 641 -51.57 9.29 2.50
CA HIS B 641 -52.27 8.66 3.61
C HIS B 641 -51.30 7.82 4.44
N ASN B 642 -50.47 7.00 3.76
CA ASN B 642 -49.63 6.04 4.47
C ASN B 642 -48.58 6.74 5.33
N LEU B 643 -48.10 7.90 4.89
CA LEU B 643 -47.17 8.67 5.71
C LEU B 643 -47.82 8.94 7.07
N ASP B 644 -49.12 9.23 7.06
CA ASP B 644 -49.84 9.49 8.30
C ASP B 644 -50.05 8.19 9.08
N ASP B 645 -50.64 7.18 8.42
CA ASP B 645 -51.01 5.93 9.07
C ASP B 645 -49.78 5.20 9.60
N LEU B 646 -48.67 5.15 8.84
CA LEU B 646 -47.55 4.32 9.24
C LEU B 646 -46.47 5.10 9.97
N HIS B 647 -46.37 6.43 9.80
CA HIS B 647 -45.16 7.09 10.26
C HIS B 647 -45.40 8.26 11.21
N TRP B 648 -46.64 8.76 11.24
CA TRP B 648 -46.97 9.91 12.07
C TRP B 648 -47.15 9.44 13.51
N SER B 649 -46.43 10.12 14.41
CA SER B 649 -46.50 9.92 15.86
C SER B 649 -47.23 11.09 16.49
N GLU B 650 -48.45 10.81 16.96
CA GLU B 650 -49.27 11.80 17.62
C GLU B 650 -48.60 12.23 18.94
N LYS B 651 -48.03 11.25 19.65
CA LYS B 651 -47.34 11.50 20.91
C LYS B 651 -46.23 12.53 20.73
N GLU B 652 -45.36 12.36 19.71
CA GLU B 652 -44.09 13.07 19.62
C GLU B 652 -44.18 14.33 18.76
N GLY B 653 -45.22 14.42 17.92
CA GLY B 653 -45.40 15.57 17.05
C GLY B 653 -44.41 15.61 15.88
N CYS B 654 -44.19 14.46 15.24
CA CYS B 654 -43.27 14.35 14.13
C CYS B 654 -43.43 13.00 13.45
N TYR B 655 -42.73 12.81 12.33
CA TYR B 655 -42.69 11.52 11.65
C TYR B 655 -41.56 10.69 12.21
N CYS B 656 -41.73 9.35 12.11
CA CYS B 656 -40.81 8.39 12.69
C CYS B 656 -40.73 7.18 11.75
N ASP B 657 -39.57 6.51 11.72
CA ASP B 657 -39.50 5.18 11.13
C ASP B 657 -40.35 4.22 11.98
N ALA B 658 -40.70 3.05 11.43
CA ALA B 658 -41.44 2.05 12.19
C ALA B 658 -40.70 0.71 12.17
N THR B 659 -41.03 -0.18 13.12
CA THR B 659 -40.56 -1.55 13.04
C THR B 659 -41.67 -2.50 13.43
N ILE B 660 -41.31 -3.80 13.44
CA ILE B 660 -41.97 -4.80 14.26
C ILE B 660 -41.11 -5.04 15.52
N ASP B 661 -41.70 -4.83 16.70
CA ASP B 661 -40.98 -5.00 17.97
C ASP B 661 -40.96 -6.49 18.34
N GLU B 662 -40.31 -6.80 19.48
CA GLU B 662 -40.10 -8.17 19.94
C GLU B 662 -41.43 -8.92 20.16
N PHE B 663 -42.46 -8.17 20.55
CA PHE B 663 -43.79 -8.69 20.81
C PHE B 663 -44.60 -8.85 19.51
N GLU B 664 -43.95 -8.73 18.34
CA GLU B 664 -44.59 -8.83 17.03
C GLU B 664 -45.53 -7.65 16.70
N GLU B 665 -45.27 -6.47 17.30
CA GLU B 665 -46.18 -5.32 17.16
C GLU B 665 -45.59 -4.22 16.26
N HIS B 666 -46.45 -3.58 15.46
CA HIS B 666 -46.12 -2.32 14.81
C HIS B 666 -45.79 -1.25 15.85
N LYS B 667 -44.62 -0.64 15.68
CA LYS B 667 -44.07 0.27 16.67
C LYS B 667 -43.29 1.39 15.97
N LEU B 668 -43.56 2.62 16.39
CA LEU B 668 -42.87 3.78 15.86
C LEU B 668 -41.63 3.96 16.69
N VAL B 669 -40.53 4.33 16.03
CA VAL B 669 -39.27 4.56 16.72
C VAL B 669 -38.85 6.00 16.43
N CYS B 670 -39.00 6.88 17.43
CA CYS B 670 -38.86 8.30 17.19
C CYS B 670 -37.51 8.77 17.69
N HIS B 671 -36.76 9.35 16.77
CA HIS B 671 -35.55 10.07 17.08
C HIS B 671 -35.65 11.40 16.38
N LYS B 672 -35.87 12.46 17.16
CA LYS B 672 -36.19 13.78 16.61
C LYS B 672 -34.94 14.33 15.92
N GLY B 673 -35.12 14.77 14.67
CA GLY B 673 -34.01 15.12 13.79
C GLY B 673 -34.44 15.18 12.34
N TYR B 674 -33.47 15.16 11.42
CA TYR B 674 -33.78 15.39 10.01
C TYR B 674 -34.81 14.38 9.51
N ILE B 675 -34.72 13.13 9.97
CA ILE B 675 -35.61 12.09 9.48
C ILE B 675 -37.05 12.46 9.83
N SER B 676 -37.21 13.06 11.02
CA SER B 676 -38.50 13.43 11.57
C SER B 676 -39.21 14.47 10.71
N LEU B 677 -38.44 15.19 9.86
CA LEU B 677 -38.96 16.28 9.04
C LEU B 677 -39.20 15.86 7.59
N PHE B 678 -38.97 14.58 7.26
CA PHE B 678 -38.73 14.24 5.86
C PHE B 678 -39.88 14.62 4.96
N PRO B 679 -41.15 14.25 5.23
CA PRO B 679 -42.29 14.68 4.42
C PRO B 679 -42.38 16.20 4.18
N PHE B 680 -41.90 16.97 5.17
CA PHE B 680 -41.83 18.42 5.00
C PHE B 680 -40.71 18.82 4.01
N LEU B 681 -39.48 18.33 4.25
CA LEU B 681 -38.30 18.70 3.50
C LEU B 681 -38.45 18.35 2.01
N THR B 682 -39.31 17.39 1.69
CA THR B 682 -39.38 16.91 0.32
C THR B 682 -40.64 17.48 -0.33
N GLY B 683 -41.41 18.27 0.44
CA GLY B 683 -42.45 19.10 -0.12
C GLY B 683 -43.77 18.34 -0.29
N LEU B 684 -44.06 17.42 0.62
CA LEU B 684 -45.23 16.58 0.49
C LEU B 684 -46.42 17.13 1.28
N LEU B 685 -46.20 18.18 2.09
CA LEU B 685 -47.24 18.63 3.00
C LEU B 685 -47.93 19.88 2.44
N LYS B 686 -49.24 19.94 2.63
CA LYS B 686 -50.05 21.07 2.19
C LYS B 686 -49.83 22.23 3.18
N PRO B 687 -49.87 23.51 2.74
CA PRO B 687 -49.64 24.65 3.64
C PRO B 687 -50.59 24.79 4.85
N ASP B 688 -51.76 24.16 4.78
CA ASP B 688 -52.73 24.16 5.86
C ASP B 688 -52.75 22.80 6.57
N SER B 689 -51.59 22.12 6.64
CA SER B 689 -51.53 20.82 7.30
C SER B 689 -51.33 21.04 8.78
N PRO B 690 -52.15 20.38 9.62
CA PRO B 690 -51.98 20.45 11.08
C PRO B 690 -50.64 19.81 11.49
N LYS B 691 -50.12 18.92 10.65
CA LYS B 691 -48.85 18.25 10.93
C LYS B 691 -47.75 19.27 10.72
N LEU B 692 -47.99 20.19 9.77
CA LEU B 692 -47.04 21.23 9.44
C LEU B 692 -46.70 22.04 10.68
N GLY B 693 -47.73 22.44 11.44
CA GLY B 693 -47.52 23.40 12.50
C GLY B 693 -46.64 22.84 13.60
N LYS B 694 -46.85 21.54 13.85
CA LYS B 694 -46.06 20.77 14.80
C LYS B 694 -44.61 20.64 14.32
N LEU B 695 -44.41 20.47 13.01
CA LEU B 695 -43.06 20.28 12.49
C LEU B 695 -42.28 21.60 12.57
N LEU B 696 -42.93 22.72 12.22
CA LEU B 696 -42.32 24.05 12.31
C LEU B 696 -41.90 24.36 13.75
N ALA B 697 -42.68 23.88 14.73
CA ALA B 697 -42.38 24.19 16.11
C ALA B 697 -41.17 23.39 16.56
N LEU B 698 -41.06 22.16 16.04
CA LEU B 698 -39.89 21.33 16.31
C LEU B 698 -38.65 21.93 15.65
N ILE B 699 -38.81 22.39 14.40
CA ILE B 699 -37.74 23.03 13.65
C ILE B 699 -37.27 24.27 14.40
N GLY B 700 -38.24 24.99 15.01
CA GLY B 700 -37.94 26.30 15.57
C GLY B 700 -37.47 26.26 17.02
N ASP B 701 -37.38 25.04 17.60
CA ASP B 701 -37.19 24.80 19.01
C ASP B 701 -35.69 24.74 19.33
N GLU B 702 -35.22 25.75 20.08
CA GLU B 702 -33.80 25.95 20.43
C GLU B 702 -33.27 24.79 21.26
N SER B 703 -34.19 24.10 21.95
CA SER B 703 -33.83 23.01 22.84
C SER B 703 -33.79 21.69 22.07
N GLU B 704 -34.23 21.70 20.81
CA GLU B 704 -34.37 20.48 20.01
C GLU B 704 -33.43 20.53 18.80
N LEU B 705 -33.85 21.23 17.74
CA LEU B 705 -33.17 21.19 16.45
C LEU B 705 -32.41 22.48 16.14
N TRP B 706 -32.99 23.62 16.51
CA TRP B 706 -32.51 24.95 16.17
C TRP B 706 -31.28 25.34 16.99
N SER B 707 -30.12 25.29 16.33
CA SER B 707 -28.90 25.88 16.86
C SER B 707 -28.74 27.28 16.28
N PRO B 708 -27.83 28.12 16.83
CA PRO B 708 -27.49 29.41 16.19
C PRO B 708 -26.92 29.24 14.78
N TYR B 709 -26.54 28.00 14.43
CA TYR B 709 -25.74 27.76 13.23
C TYR B 709 -26.53 27.01 12.16
N GLY B 710 -27.84 26.88 12.36
CA GLY B 710 -28.63 26.03 11.49
C GLY B 710 -29.18 24.83 12.26
N LEU B 711 -29.99 24.00 11.57
CA LEU B 711 -30.66 22.85 12.14
C LEU B 711 -29.66 21.73 12.42
N ARG B 712 -29.66 21.27 13.69
CA ARG B 712 -28.99 20.07 14.14
C ARG B 712 -29.60 18.89 13.41
N SER B 713 -28.81 17.85 13.10
CA SER B 713 -29.32 16.69 12.40
C SER B 713 -30.13 15.79 13.33
N LEU B 714 -29.70 15.76 14.60
CA LEU B 714 -30.36 15.03 15.66
C LEU B 714 -30.55 16.00 16.82
N SER B 715 -31.71 15.88 17.50
CA SER B 715 -32.15 16.73 18.60
C SER B 715 -31.20 16.60 19.79
N LYS B 716 -30.99 17.71 20.52
CA LYS B 716 -30.18 17.72 21.75
C LYS B 716 -30.75 16.72 22.77
N LYS B 717 -32.09 16.65 22.82
CA LYS B 717 -32.85 15.82 23.74
C LYS B 717 -32.87 14.36 23.30
N ASP B 718 -32.36 14.04 22.10
CA ASP B 718 -32.37 12.64 21.72
C ASP B 718 -31.23 11.95 22.46
N GLU B 719 -31.51 10.73 22.89
CA GLU B 719 -30.57 9.93 23.65
C GLU B 719 -29.33 9.61 22.82
N PHE B 720 -29.40 9.78 21.49
CA PHE B 720 -28.29 9.35 20.65
C PHE B 720 -27.36 10.51 20.30
N TYR B 721 -27.79 11.72 20.66
CA TYR B 721 -27.04 12.93 20.38
C TYR B 721 -25.59 12.79 20.80
N GLY B 722 -24.66 12.97 19.85
CA GLY B 722 -23.24 13.06 20.13
C GLY B 722 -22.53 11.71 20.07
N THR B 723 -23.28 10.61 19.91
CA THR B 723 -22.73 9.26 20.11
C THR B 723 -21.99 8.72 18.88
N ALA B 724 -21.24 7.62 19.06
CA ALA B 724 -20.50 6.88 18.05
C ALA B 724 -19.62 7.79 17.19
N GLU B 725 -19.74 7.66 15.87
CA GLU B 725 -19.02 8.53 14.95
C GLU B 725 -19.61 9.93 14.96
N ASN B 726 -20.84 10.09 15.46
CA ASN B 726 -21.49 11.39 15.57
C ASN B 726 -21.55 12.08 14.20
N TYR B 727 -21.89 11.31 13.16
CA TYR B 727 -21.83 11.77 11.79
C TYR B 727 -23.11 12.54 11.44
N TRP B 728 -24.23 11.83 11.55
CA TRP B 728 -25.52 12.47 11.35
C TRP B 728 -26.28 12.53 12.67
N ARG B 729 -25.55 12.64 13.80
CA ARG B 729 -26.12 12.57 15.13
C ARG B 729 -25.97 13.88 15.93
N SER B 730 -25.85 15.02 15.25
CA SER B 730 -25.92 16.31 15.90
C SER B 730 -25.57 17.41 14.91
N PRO B 731 -24.54 17.19 14.06
CA PRO B 731 -23.95 18.28 13.27
C PRO B 731 -24.87 18.83 12.19
N VAL B 732 -24.49 20.00 11.65
CA VAL B 732 -25.26 20.77 10.70
C VAL B 732 -24.84 20.43 9.27
N TRP B 733 -25.77 19.87 8.48
CA TRP B 733 -25.49 19.64 7.07
C TRP B 733 -26.28 20.59 6.19
N ILE B 734 -25.59 21.13 5.19
CA ILE B 734 -26.06 22.22 4.36
C ILE B 734 -27.11 21.71 3.37
N ASN B 735 -27.00 20.46 2.88
CA ASN B 735 -27.98 19.99 1.91
C ASN B 735 -29.37 19.93 2.55
N ILE B 736 -29.47 19.34 3.75
CA ILE B 736 -30.74 19.17 4.42
C ILE B 736 -31.26 20.54 4.85
N ASN B 737 -30.34 21.42 5.27
CA ASN B 737 -30.72 22.79 5.54
C ASN B 737 -31.30 23.48 4.30
N TYR B 738 -30.64 23.29 3.14
CA TYR B 738 -31.15 23.84 1.90
C TYR B 738 -32.62 23.41 1.74
N LEU B 739 -32.89 22.12 1.94
CA LEU B 739 -34.24 21.63 1.71
C LEU B 739 -35.23 22.36 2.62
N ALA B 740 -34.86 22.54 3.90
CA ALA B 740 -35.67 23.21 4.90
C ALA B 740 -35.98 24.63 4.45
N ILE B 741 -34.91 25.37 4.10
CA ILE B 741 -34.99 26.77 3.71
C ILE B 741 -35.97 26.92 2.54
N VAL B 742 -35.76 26.10 1.50
CA VAL B 742 -36.64 26.11 0.35
C VAL B 742 -38.09 25.96 0.79
N GLN B 743 -38.38 25.00 1.68
CA GLN B 743 -39.77 24.63 2.00
C GLN B 743 -40.42 25.69 2.89
N LEU B 744 -39.64 26.24 3.84
CA LEU B 744 -40.06 27.38 4.65
C LEU B 744 -40.43 28.55 3.73
N TYR B 745 -39.58 28.83 2.74
CA TYR B 745 -39.89 29.84 1.73
C TYR B 745 -41.23 29.60 1.06
N ASN B 746 -41.52 28.33 0.73
CA ASN B 746 -42.75 27.99 0.04
C ASN B 746 -43.97 28.31 0.91
N ILE B 747 -43.85 28.11 2.22
CA ILE B 747 -44.99 28.30 3.09
C ILE B 747 -45.21 29.81 3.28
N ALA B 748 -44.10 30.57 3.25
CA ALA B 748 -44.06 31.97 3.62
C ALA B 748 -44.60 32.86 2.50
N THR B 749 -44.96 32.25 1.37
CA THR B 749 -45.31 32.97 0.17
C THR B 749 -46.67 32.49 -0.34
N GLN B 750 -47.37 31.74 0.48
CA GLN B 750 -48.77 31.52 0.16
C GLN B 750 -49.63 31.74 1.40
N ASP B 751 -50.95 31.79 1.15
CA ASP B 751 -51.95 31.98 2.19
C ASP B 751 -52.06 30.71 3.02
N GLY B 752 -52.03 30.91 4.33
CA GLY B 752 -52.52 29.92 5.28
C GLY B 752 -52.05 30.19 6.71
N PRO B 753 -52.49 29.36 7.69
CA PRO B 753 -52.21 29.63 9.10
C PRO B 753 -50.74 29.80 9.46
N TYR B 754 -49.79 29.32 8.61
CA TYR B 754 -48.40 29.22 9.05
C TYR B 754 -47.48 30.21 8.35
N LYS B 755 -48.10 31.05 7.49
CA LYS B 755 -47.37 31.93 6.59
C LYS B 755 -46.30 32.67 7.39
N GLU B 756 -46.73 33.24 8.51
CA GLU B 756 -45.91 34.16 9.26
C GLU B 756 -44.84 33.37 9.99
N THR B 757 -45.19 32.16 10.46
CA THR B 757 -44.20 31.34 11.17
C THR B 757 -43.10 30.89 10.22
N ALA B 758 -43.51 30.49 9.02
CA ALA B 758 -42.59 30.19 7.94
C ALA B 758 -41.67 31.38 7.60
N ARG B 759 -42.23 32.60 7.39
CA ARG B 759 -41.40 33.74 7.03
C ARG B 759 -40.31 33.96 8.07
N ASP B 760 -40.69 33.81 9.35
CA ASP B 760 -39.80 34.04 10.47
C ASP B 760 -38.65 33.03 10.43
N LEU B 761 -39.01 31.75 10.35
CA LEU B 761 -38.00 30.70 10.34
C LEU B 761 -37.15 30.82 9.07
N TYR B 762 -37.80 31.09 7.93
CA TYR B 762 -37.06 31.23 6.69
C TYR B 762 -35.94 32.26 6.87
N THR B 763 -36.32 33.50 7.22
CA THR B 763 -35.38 34.61 7.30
C THR B 763 -34.25 34.22 8.26
N ARG B 764 -34.61 33.57 9.36
CA ARG B 764 -33.62 33.40 10.42
C ARG B 764 -32.65 32.29 10.03
N LEU B 765 -33.16 31.19 9.46
CA LEU B 765 -32.32 30.05 9.12
C LEU B 765 -31.43 30.41 7.92
N ARG B 766 -31.98 31.13 6.95
CA ARG B 766 -31.15 31.69 5.89
C ARG B 766 -29.91 32.34 6.52
N LYS B 767 -30.12 33.37 7.37
CA LYS B 767 -29.03 34.18 7.94
C LYS B 767 -28.08 33.27 8.71
N ASN B 768 -28.63 32.46 9.61
CA ASN B 768 -27.81 31.51 10.34
C ASN B 768 -26.89 30.71 9.41
N ILE B 769 -27.45 30.04 8.39
CA ILE B 769 -26.71 29.08 7.57
C ILE B 769 -25.66 29.83 6.75
N VAL B 770 -26.08 30.91 6.09
CA VAL B 770 -25.13 31.58 5.24
C VAL B 770 -23.95 32.01 6.08
N GLU B 771 -24.25 32.59 7.24
CA GLU B 771 -23.23 33.15 8.11
C GLU B 771 -22.23 32.06 8.50
N THR B 772 -22.73 30.86 8.83
CA THR B 772 -21.83 29.87 9.40
C THR B 772 -20.83 29.36 8.37
N VAL B 773 -21.27 29.22 7.10
CA VAL B 773 -20.42 28.75 6.02
C VAL B 773 -19.48 29.89 5.59
N TYR B 774 -20.00 31.12 5.56
CA TYR B 774 -19.21 32.33 5.29
C TYR B 774 -18.10 32.55 6.32
N ARG B 775 -18.44 32.56 7.62
CA ARG B 775 -17.46 32.89 8.66
C ARG B 775 -16.27 31.93 8.54
N ASN B 776 -16.56 30.66 8.26
CA ASN B 776 -15.60 29.57 8.30
C ASN B 776 -14.72 29.61 7.06
N TRP B 777 -15.31 30.07 5.96
CA TRP B 777 -14.62 30.23 4.71
C TRP B 777 -13.59 31.36 4.83
N GLU B 778 -13.95 32.46 5.50
CA GLU B 778 -13.02 33.56 5.72
C GLU B 778 -11.81 33.09 6.53
N GLU B 779 -12.04 32.26 7.57
CA GLU B 779 -10.98 31.90 8.49
C GLU B 779 -10.14 30.74 7.94
N THR B 780 -10.75 29.83 7.20
CA THR B 780 -10.05 28.61 6.83
C THR B 780 -9.75 28.59 5.32
N GLY B 781 -10.60 29.27 4.54
CA GLY B 781 -10.51 29.19 3.10
C GLY B 781 -11.24 27.99 2.48
N PHE B 782 -11.89 27.16 3.30
CA PHE B 782 -12.58 25.94 2.85
C PHE B 782 -14.09 25.96 3.06
N ALA B 783 -14.77 25.20 2.20
CA ALA B 783 -16.10 24.69 2.46
C ALA B 783 -15.98 23.38 3.25
N TRP B 784 -16.87 23.17 4.22
CA TRP B 784 -16.76 21.94 5.01
C TRP B 784 -17.94 21.01 4.75
N GLU B 785 -17.68 19.70 4.89
CA GLU B 785 -18.68 18.64 4.82
C GLU B 785 -19.85 18.93 5.75
N GLN B 786 -19.54 19.38 6.99
CA GLN B 786 -20.57 19.69 7.96
C GLN B 786 -20.02 20.69 8.95
N TYR B 787 -20.88 21.11 9.89
CA TYR B 787 -20.63 22.24 10.78
C TYR B 787 -21.04 21.85 12.19
N ASN B 788 -20.18 22.24 13.15
CA ASN B 788 -20.40 22.05 14.58
C ASN B 788 -21.59 22.87 15.07
N PRO B 789 -22.56 22.23 15.77
CA PRO B 789 -23.75 22.94 16.23
C PRO B 789 -23.63 23.80 17.50
N GLU B 790 -22.50 23.66 18.22
CA GLU B 790 -22.23 24.39 19.46
C GLU B 790 -21.36 25.61 19.20
N THR B 791 -20.31 25.40 18.39
CA THR B 791 -19.30 26.41 18.10
C THR B 791 -19.58 27.08 16.75
N GLY B 792 -20.02 26.27 15.77
CA GLY B 792 -20.21 26.72 14.39
C GLY B 792 -19.02 26.41 13.49
N LYS B 793 -17.99 25.71 14.01
CA LYS B 793 -16.78 25.47 13.25
C LYS B 793 -17.03 24.38 12.20
N GLY B 794 -16.46 24.56 10.99
CA GLY B 794 -16.31 23.51 10.00
C GLY B 794 -15.60 22.28 10.57
N GLN B 795 -16.05 21.09 10.17
CA GLN B 795 -15.64 19.80 10.72
C GLN B 795 -15.69 18.73 9.61
N ARG B 796 -14.98 17.62 9.82
CA ARG B 796 -14.90 16.57 8.81
C ARG B 796 -14.14 17.06 7.57
N THR B 797 -14.45 16.51 6.38
CA THR B 797 -13.66 16.75 5.18
C THR B 797 -13.77 18.21 4.67
N GLN B 798 -12.63 18.80 4.28
CA GLN B 798 -12.53 20.13 3.70
C GLN B 798 -12.69 20.03 2.18
N HIS B 799 -12.84 21.18 1.51
CA HIS B 799 -13.02 21.22 0.07
C HIS B 799 -14.31 20.55 -0.34
N PHE B 800 -15.36 20.76 0.45
CA PHE B 800 -16.57 19.99 0.20
C PHE B 800 -17.45 20.79 -0.76
N THR B 801 -17.10 20.81 -2.04
CA THR B 801 -17.96 21.50 -2.98
C THR B 801 -18.30 20.59 -4.15
N GLY B 802 -19.27 19.67 -3.99
CA GLY B 802 -19.95 19.39 -2.72
C GLY B 802 -21.20 20.23 -2.52
N TRP B 803 -22.18 19.66 -1.81
CA TRP B 803 -23.46 20.32 -1.65
C TRP B 803 -23.38 21.56 -0.77
N THR B 804 -22.23 21.81 -0.10
CA THR B 804 -22.12 23.02 0.71
C THR B 804 -22.24 24.26 -0.18
N SER B 805 -21.86 24.09 -1.45
CA SER B 805 -21.97 25.18 -2.40
C SER B 805 -23.43 25.58 -2.63
N LEU B 806 -24.39 24.82 -2.05
CA LEU B 806 -25.78 25.20 -2.13
C LEU B 806 -25.99 26.59 -1.52
N VAL B 807 -25.06 27.01 -0.63
CA VAL B 807 -25.14 28.31 0.00
C VAL B 807 -25.34 29.44 -1.02
N VAL B 808 -24.82 29.25 -2.24
CA VAL B 808 -24.93 30.27 -3.27
C VAL B 808 -26.38 30.47 -3.67
N LYS B 809 -27.18 29.40 -3.65
CA LYS B 809 -28.58 29.58 -3.98
C LYS B 809 -29.30 30.19 -2.77
N ILE B 810 -28.84 29.87 -1.57
CA ILE B 810 -29.49 30.36 -0.36
C ILE B 810 -29.43 31.89 -0.33
N MET B 811 -28.29 32.45 -0.77
CA MET B 811 -28.05 33.88 -0.83
C MET B 811 -28.89 34.55 -1.93
N SER B 812 -29.22 33.80 -2.98
CA SER B 812 -29.81 34.36 -4.18
C SER B 812 -31.33 34.53 -4.06
N GLY B 813 -31.95 33.75 -3.16
CA GLY B 813 -33.40 33.72 -2.97
C GLY B 813 -34.10 32.86 -4.02
N HIS B 814 -35.43 32.70 -3.91
CA HIS B 814 -36.17 31.89 -4.91
C HIS B 814 -37.11 32.81 -5.70
N1 W9V C . 11.40 -22.33 -1.90
N3 W9V C . 12.90 -18.04 -9.12
C4 W9V C . 13.18 -22.23 -0.15
C5 W9V C . 12.20 -23.14 -0.98
C6 W9V C . 12.07 -22.36 -3.22
C7 W9V C . 11.42 -21.37 -4.20
C8 W9V C . 12.37 -21.02 -5.42
C10 W9V C . 10.85 -18.84 -5.91
C13 W9V C . 13.84 -17.21 -8.35
C15 W9V C . 16.08 -16.26 -8.22
C17 W9V C . 19.30 -15.21 -9.55
C20 W9V C . 11.26 -23.85 0.06
C21 W9V C . 10.39 -22.85 0.86
C1 W9V C . 11.32 -21.90 1.64
C11 W9V C . 11.03 -17.65 -6.89
C12 W9V C . 13.47 -16.59 -7.11
C14 W9V C . 15.12 -17.04 -8.89
C16 W9V C . 19.20 -16.58 -10.04
C18 W9V C . 15.74 -15.63 -6.98
C19 W9V C . 14.43 -15.80 -6.44
C2 W9V C . 12.32 -21.20 0.64
C3 W9V C . 13.24 -20.22 1.34
C9 W9V C . 11.49 -20.23 -6.42
N2 W9V C . 12.14 -16.72 -6.50
N4 W9V C . 17.41 -16.11 -8.86
N5 W9V C . 18.01 -17.07 -9.59
N6 W9V C . 18.15 -14.99 -8.84
O1 W9V C . 10.57 -20.95 2.30
O2 W9V C . 13.95 -21.11 2.31
O3 W9V C . 11.48 -20.57 -0.19
O4 W9V C . 13.15 -19.42 -9.33
O5 W9V C . 11.73 -17.50 -9.65
O6 W9V C . 10.38 -24.71 -0.55
O7 W9V C . 9.62 -23.59 1.73
C1 GOL D . 20.72 11.54 9.93
O1 GOL D . 21.22 10.89 11.09
C2 GOL D . 21.18 12.98 9.84
O2 GOL D . 21.08 13.48 8.51
C3 GOL D . 22.57 13.21 10.40
O3 GOL D . 22.86 14.60 10.58
C1 NAG E . 16.07 1.90 19.08
C2 NAG E . 14.73 1.65 18.32
C3 NAG E . 14.43 2.82 17.36
C4 NAG E . 14.45 4.20 18.04
C5 NAG E . 15.88 4.33 18.61
C6 NAG E . 16.12 5.66 19.34
C7 NAG E . 13.70 -0.55 17.58
C8 NAG E . 12.32 -0.30 16.98
N2 NAG E . 14.67 0.39 17.55
O3 NAG E . 13.18 2.71 16.67
O4 NAG E . 13.99 5.28 17.16
O5 NAG E . 16.12 3.26 19.56
O6 NAG E . 15.55 5.53 20.64
O7 NAG E . 13.94 -1.62 18.10
C1 GOL F . 38.24 18.15 1.66
O1 GOL F . 38.02 18.25 3.06
C2 GOL F . 36.95 17.84 0.92
O2 GOL F . 36.31 19.05 0.51
C3 GOL F . 37.11 16.87 -0.23
O3 GOL F . 36.00 16.86 -1.12
S SO4 G . 29.98 4.34 29.82
O1 SO4 G . 30.20 4.49 31.23
O2 SO4 G . 29.21 3.15 29.59
O3 SO4 G . 31.25 4.23 29.13
O4 SO4 G . 29.26 5.48 29.32
S SO4 H . 50.93 9.06 7.53
O1 SO4 H . 49.93 8.06 7.91
O2 SO4 H . 52.04 9.03 8.44
O3 SO4 H . 50.31 10.37 7.55
O4 SO4 H . 51.44 8.80 6.18
S SO4 I . 14.57 1.84 -1.66
O1 SO4 I . 13.57 0.84 -1.40
O2 SO4 I . 15.88 1.35 -1.35
O3 SO4 I . 14.55 2.15 -3.05
O4 SO4 I . 14.31 3.01 -0.85
S SO4 J . 4.33 -6.19 4.39
O1 SO4 J . 3.02 -5.99 5.00
O2 SO4 J . 4.80 -7.52 4.70
O3 SO4 J . 5.26 -5.21 4.90
O4 SO4 J . 4.25 -6.04 2.94
S SO4 K . 15.06 -39.10 27.16
O1 SO4 K . 15.87 -40.04 27.89
O2 SO4 K . 13.65 -39.26 27.49
O3 SO4 K . 15.25 -39.35 25.74
O4 SO4 K . 15.49 -37.75 27.46
S SO4 L . 2.66 -24.20 -12.91
O1 SO4 L . 3.08 -25.32 -12.12
O2 SO4 L . 3.12 -24.39 -14.26
O3 SO4 L . 1.22 -24.13 -12.90
O4 SO4 L . 3.25 -22.98 -12.37
S SO4 M . 47.00 -0.12 19.88
O1 SO4 M . 46.52 -1.24 20.67
O2 SO4 M . 48.19 -0.53 19.17
O3 SO4 M . 45.99 0.29 18.92
O4 SO4 M . 47.30 0.99 20.75
S SO4 N . 15.12 -1.14 -8.01
O1 SO4 N . 15.75 -2.01 -7.05
O2 SO4 N . 15.02 -1.81 -9.28
O3 SO4 N . 13.79 -0.81 -7.55
O4 SO4 N . 15.90 0.08 -8.14
C1 BTB O . 12.91 2.51 -21.49
O1 BTB O . 13.52 2.65 -22.76
C2 BTB O . 11.42 2.11 -21.60
C3 BTB O . 10.66 3.28 -22.31
O3 BTB O . 10.44 3.11 -23.69
C4 BTB O . 11.29 0.77 -22.42
O4 BTB O . 12.00 -0.34 -21.91
N BTB O . 10.86 1.90 -20.21
C5 BTB O . 11.32 2.83 -19.15
C6 BTB O . 12.07 2.01 -18.06
O6 BTB O . 12.58 0.79 -18.58
C7 BTB O . 9.41 1.74 -20.19
C8 BTB O . 8.98 0.26 -20.29
O8 BTB O . 9.80 -0.51 -19.46
N1 W9V P . -20.64 9.56 3.38
N3 W9V P . -13.63 6.13 1.37
C4 W9V P . -20.11 11.59 2.17
C5 W9V P . -20.68 10.98 3.48
C6 W9V P . -19.76 8.97 4.47
C7 W9V P . -18.64 8.01 3.95
C8 W9V P . -17.41 8.07 4.93
C10 W9V P . -15.37 6.49 5.53
C13 W9V P . -12.72 5.84 2.50
C15 W9V P . -10.41 6.08 3.30
C17 W9V P . -7.23 6.86 1.74
C20 W9V P . -22.19 11.38 3.59
C21 W9V P . -22.95 10.78 2.36
C1 W9V P . -22.40 11.30 1.02
C11 W9V P . -15.13 4.97 5.25
C12 W9V P . -13.09 5.20 3.71
C14 W9V P . -11.39 6.26 2.32
C16 W9V P . -7.04 7.47 3.06
C18 W9V P . -10.77 5.45 4.52
C19 W9V P . -12.11 5.01 4.72
C2 W9V P . -20.85 11.02 0.93
C3 W9V P . -20.24 11.69 -0.34
C9 W9V P . -16.21 7.29 4.40
N2 W9V P . -14.44 4.76 3.93
N4 W9V P . -9.05 6.55 2.96
N5 W9V P . -8.19 7.24 3.74
N6 W9V P . -8.48 6.32 1.77
O1 W9V P . -23.09 10.57 0.07
O2 W9V P . -20.22 13.17 -0.15
O3 W9V P . -20.76 9.63 0.82
O4 W9V P . -13.22 7.17 0.43
O5 W9V P . -14.86 5.44 1.24
O6 W9V P . -22.72 10.95 4.80
O7 W9V P . -24.28 11.12 2.39
C1 NAG Q . -19.77 12.99 -28.36
C2 NAG Q . -19.98 11.73 -27.52
C3 NAG Q . -19.14 10.54 -27.98
C4 NAG Q . -18.99 10.47 -29.51
C5 NAG Q . -18.30 11.80 -29.94
C6 NAG Q . -17.86 11.93 -31.41
C7 NAG Q . -20.24 12.01 -25.02
C8 NAG Q . -21.76 12.02 -25.07
N2 NAG Q . -19.54 12.03 -26.17
O3 NAG Q . -19.80 9.41 -27.46
O4 NAG Q . -18.41 9.21 -30.00
O5 NAG Q . -19.18 12.88 -29.68
O6 NAG Q . -18.96 11.57 -32.28
O7 NAG Q . -19.59 11.99 -23.97
C1 GOL R . 22.42 24.61 -4.81
O1 GOL R . 21.17 23.95 -4.94
C2 GOL R . 23.25 24.48 -6.07
O2 GOL R . 23.00 25.55 -6.98
C3 GOL R . 24.73 24.28 -5.82
O3 GOL R . 24.99 23.07 -5.11
C1 GOL S . -2.20 32.32 -36.72
O1 GOL S . -2.91 32.03 -37.91
C2 GOL S . -1.68 31.05 -36.09
O2 GOL S . -0.83 31.34 -34.97
C3 GOL S . -0.98 30.13 -37.07
O3 GOL S . -1.81 29.82 -38.19
S SO4 T . -10.17 -0.45 -15.86
O1 SO4 T . -11.05 -0.68 -14.74
O2 SO4 T . -9.62 -1.70 -16.25
O3 SO4 T . -10.89 0.08 -16.97
O4 SO4 T . -9.13 0.47 -15.46
S SO4 U . -22.32 -1.77 11.99
O1 SO4 U . -22.91 -3.10 12.02
O2 SO4 U . -21.80 -1.40 13.28
O3 SO4 U . -23.32 -0.81 11.62
O4 SO4 U . -21.23 -1.76 11.02
S SO4 V . -31.80 33.09 16.07
O1 SO4 V . -32.19 33.22 17.45
O2 SO4 V . -30.53 32.38 15.99
O3 SO4 V . -32.84 32.41 15.34
O4 SO4 V . -31.65 34.41 15.51
S SO4 W . 16.13 24.55 -28.72
O1 SO4 W . 15.87 23.67 -29.85
O2 SO4 W . 17.13 23.97 -27.87
O3 SO4 W . 14.91 24.74 -27.96
O4 SO4 W . 16.62 25.83 -29.23
S SO4 X . -24.13 1.25 -12.90
O1 SO4 X . -25.26 0.44 -13.28
O2 SO4 X . -22.90 0.47 -12.93
O3 SO4 X . -24.34 1.79 -11.57
O4 SO4 X . -23.99 2.33 -13.84
S SO4 Y . 7.30 32.12 -22.91
O1 SO4 Y . 6.51 31.44 -21.89
O2 SO4 Y . 7.95 31.15 -23.76
O3 SO4 Y . 6.44 32.94 -23.71
O4 SO4 Y . 8.31 32.93 -22.26
S SO4 Z . 3.68 34.03 -28.55
O1 SO4 Z . 3.22 32.69 -28.22
O2 SO4 Z . 4.49 34.56 -27.49
O3 SO4 Z . 2.55 34.89 -28.76
O4 SO4 Z . 4.48 33.96 -29.75
S SO4 AA . -17.91 -7.62 5.11
O1 SO4 AA . -18.04 -7.49 6.55
O2 SO4 AA . -18.41 -8.92 4.71
O3 SO4 AA . -18.66 -6.59 4.45
O4 SO4 AA . -16.52 -7.51 4.73
#